data_5E6Z
#
_entry.id   5E6Z
#
_cell.length_a   91.952
_cell.length_b   102.995
_cell.length_c   186.239
_cell.angle_alpha   90.00
_cell.angle_beta   91.57
_cell.angle_gamma   90.00
#
_symmetry.space_group_name_H-M   'P 1 21 1'
#
loop_
_entity.id
_entity.type
_entity.pdbx_description
1 polymer '1,4-alpha-glucan branching enzyme GlgB'
2 branched Cycloheptakis-(1-4)-(alpha-D-glucopyranose)
3 non-polymer GLYCEROL
4 water water
#
_entity_poly.entity_id   1
_entity_poly.type   'polypeptide(L)'
_entity_poly.pdbx_seq_one_letter_code
;THLRPYETLGAHADTMDGVTGTRFSVWAPNARRVSVVGQFNYWDGRRHPMRLRKESGIWELFIPGAHNGQLYKYEMIDAN
GNLRLKSDPYAFEAQMRPETASLICGLPEKVVQTEERKKANQFDAPISIYEVHLGSWRRHTDNNFWLSYRELADQLVPYA
KWMGFTHLELLPINEHPFDGSWGYQPTGLYAPTRRFGTRDDFRYFIDAAHAAGLNVILDWVPGHFPTDDFALAEFDGTNL
YEHSDPREGYHQDWNTLIYNYGRREVSNFLVGNALYWIERFGIDALRVDAVASMIYRDYSRKEGEWIPNEFGGRENLEAI
EFLRNTNRILGEQVSGAVTMAEESTDFPGVSRPQDMGGLGFWYKWNLGWMHDTLDYMKLDPVYRQYHHDKLTFGILYNYT
ENFVLPLSHDEVVHGKKSILDRMPGDAWQKFANLRAYYGWMWAFPGKKLLFMGNEFAQGREWNHDASLDWHLLEGGDNWH
HGVQRLVRDLNLTYRHHKAMHELDFDPYGFEWLVVDDKERSVLIFVRRDKEGNEIIVASNFTPVPRHDYRFGINQPGKWR
EILNTDSMHYHGSNAGNGGTVHSDEIASHGRQHSLSLTLPPLATIWLVREAE
;
_entity_poly.pdbx_strand_id   A,B,C,D
#
# COMPACT_ATOMS: atom_id res chain seq x y z
N THR A 1 -8.99 39.30 19.55
CA THR A 1 -9.53 38.53 18.42
C THR A 1 -10.96 38.93 18.10
N HIS A 2 -11.15 40.17 17.65
CA HIS A 2 -12.46 40.65 17.23
C HIS A 2 -12.67 40.33 15.75
N LEU A 3 -11.57 40.30 15.02
CA LEU A 3 -11.59 40.12 13.56
C LEU A 3 -11.98 38.71 13.12
N ARG A 4 -11.69 37.71 13.94
CA ARG A 4 -11.91 36.31 13.57
C ARG A 4 -12.79 35.56 14.54
N PRO A 5 -14.09 35.90 14.57
CA PRO A 5 -15.02 35.28 15.53
C PRO A 5 -15.16 33.76 15.36
N TYR A 6 -14.91 33.26 14.15
CA TYR A 6 -15.05 31.84 13.86
C TYR A 6 -14.04 30.99 14.64
N GLU A 7 -12.96 31.61 15.08
CA GLU A 7 -11.98 30.92 15.89
C GLU A 7 -12.49 30.69 17.32
N THR A 8 -13.54 31.42 17.71
CA THR A 8 -14.10 31.29 19.06
C THR A 8 -15.53 30.73 19.05
N LEU A 9 -16.42 31.43 18.36
CA LEU A 9 -17.81 30.97 18.25
C LEU A 9 -17.90 29.63 17.53
N GLY A 10 -19.03 28.96 17.68
CA GLY A 10 -19.25 27.68 17.06
C GLY A 10 -18.75 26.52 17.89
N ALA A 11 -18.48 25.40 17.25
CA ALA A 11 -18.00 24.20 17.92
C ALA A 11 -16.51 23.97 17.68
N HIS A 12 -15.74 23.89 18.76
CA HIS A 12 -14.31 23.66 18.68
C HIS A 12 -13.87 22.58 19.67
N ALA A 13 -12.85 21.82 19.30
CA ALA A 13 -12.25 20.85 20.20
C ALA A 13 -11.55 21.56 21.35
N ASP A 14 -11.66 21.01 22.55
CA ASP A 14 -10.99 21.57 23.72
C ASP A 14 -10.60 20.50 24.72
N THR A 15 -9.66 20.83 25.60
CA THR A 15 -9.25 19.92 26.66
C THR A 15 -9.58 20.51 28.02
N MET A 16 -10.38 19.80 28.81
CA MET A 16 -10.65 20.20 30.18
C MET A 16 -9.82 19.39 31.16
N ASP A 17 -8.78 20.03 31.68
CA ASP A 17 -7.72 19.37 32.44
C ASP A 17 -7.10 18.21 31.66
N GLY A 18 -7.79 17.08 31.63
CA GLY A 18 -7.28 15.89 30.95
C GLY A 18 -8.35 15.09 30.24
N VAL A 19 -9.56 15.63 30.16
CA VAL A 19 -10.62 14.98 29.39
C VAL A 19 -11.02 15.85 28.20
N THR A 20 -11.07 15.25 27.02
CA THR A 20 -11.31 15.98 25.78
C THR A 20 -12.80 16.09 25.48
N GLY A 21 -13.17 17.18 24.81
CA GLY A 21 -14.56 17.40 24.42
C GLY A 21 -14.63 18.59 23.48
N THR A 22 -15.82 19.14 23.28
CA THR A 22 -15.98 20.28 22.39
C THR A 22 -16.63 21.48 23.08
N ARG A 23 -15.95 22.62 23.00
CA ARG A 23 -16.47 23.87 23.53
C ARG A 23 -17.46 24.47 22.53
N PHE A 24 -18.72 24.60 22.95
CA PHE A 24 -19.74 25.23 22.14
C PHE A 24 -19.88 26.70 22.52
N SER A 25 -20.25 27.54 21.56
CA SER A 25 -20.45 28.97 21.82
C SER A 25 -21.41 29.57 20.81
N VAL A 26 -22.41 30.30 21.31
CA VAL A 26 -23.39 30.96 20.45
C VAL A 26 -23.64 32.39 20.92
N TRP A 27 -23.60 33.33 19.99
CA TRP A 27 -23.89 34.73 20.30
C TRP A 27 -25.38 35.02 20.24
N ALA A 28 -25.97 35.25 21.42
CA ALA A 28 -27.37 35.66 21.53
C ALA A 28 -27.59 36.35 22.87
N PRO A 29 -27.56 37.70 22.87
CA PRO A 29 -27.57 38.55 24.07
C PRO A 29 -28.85 38.44 24.90
N ASN A 30 -29.93 38.00 24.28
CA ASN A 30 -31.23 37.96 24.92
C ASN A 30 -31.60 36.55 25.40
N ALA A 31 -32.12 35.75 24.48
CA ALA A 31 -32.20 34.29 24.67
C ALA A 31 -32.89 33.78 25.95
N ARG A 32 -32.21 33.91 27.08
CA ARG A 32 -32.67 33.44 28.39
C ARG A 32 -32.62 31.91 28.61
N ARG A 33 -32.57 31.12 27.54
CA ARG A 33 -32.28 29.68 27.66
C ARG A 33 -31.74 29.07 26.37
N VAL A 34 -30.45 28.77 26.36
CA VAL A 34 -29.86 28.00 25.28
C VAL A 34 -29.22 26.75 25.85
N SER A 35 -29.53 25.61 25.24
CA SER A 35 -28.90 24.35 25.62
C SER A 35 -28.27 23.74 24.37
N VAL A 36 -27.32 22.84 24.57
CA VAL A 36 -26.70 22.15 23.45
C VAL A 36 -27.30 20.76 23.28
N VAL A 37 -27.94 20.52 22.15
CA VAL A 37 -28.49 19.20 21.85
C VAL A 37 -27.76 18.57 20.66
N GLY A 38 -27.64 17.25 20.65
CA GLY A 38 -26.94 16.56 19.58
C GLY A 38 -27.03 15.05 19.63
N GLN A 39 -25.97 14.39 19.16
CA GLN A 39 -25.87 12.94 19.16
C GLN A 39 -25.04 12.46 20.36
N PHE A 40 -24.75 13.40 21.24
CA PHE A 40 -23.98 13.13 22.44
C PHE A 40 -24.93 13.25 23.63
N ASN A 41 -26.19 13.54 23.32
CA ASN A 41 -27.19 13.89 24.31
C ASN A 41 -28.51 13.15 24.13
N TYR A 42 -28.63 12.40 23.03
CA TYR A 42 -29.92 11.92 22.56
C TYR A 42 -30.84 13.10 22.32
N TRP A 43 -30.23 14.23 21.93
CA TRP A 43 -30.96 15.47 21.63
C TRP A 43 -31.78 15.97 22.81
N ASP A 44 -31.27 15.77 24.01
CA ASP A 44 -32.01 16.11 25.22
C ASP A 44 -31.72 17.55 25.66
N GLY A 45 -32.76 18.39 25.59
CA GLY A 45 -32.63 19.79 25.94
C GLY A 45 -32.50 20.05 27.42
N ARG A 46 -32.79 19.05 28.24
CA ARG A 46 -32.52 19.14 29.68
C ARG A 46 -31.03 18.99 29.93
N ARG A 47 -30.50 17.90 29.40
CA ARG A 47 -29.21 17.33 29.78
C ARG A 47 -27.99 18.27 29.75
N HIS A 48 -27.96 19.23 28.84
CA HIS A 48 -26.80 20.11 28.77
C HIS A 48 -27.16 21.59 28.62
N PRO A 49 -27.19 22.33 29.75
CA PRO A 49 -27.50 23.75 29.73
C PRO A 49 -26.25 24.61 29.49
N MET A 50 -26.37 25.62 28.64
CA MET A 50 -25.28 26.57 28.47
C MET A 50 -25.37 27.62 29.56
N ARG A 51 -24.47 28.59 29.53
CA ARG A 51 -24.46 29.66 30.53
C ARG A 51 -23.97 30.97 29.94
N LEU A 52 -24.87 31.95 29.86
CA LEU A 52 -24.57 33.22 29.22
C LEU A 52 -23.51 34.03 29.94
N ARG A 53 -22.54 34.55 29.19
CA ARG A 53 -21.67 35.61 29.67
C ARG A 53 -22.30 36.93 29.22
N LYS A 54 -23.07 37.53 30.12
CA LYS A 54 -23.90 38.70 29.77
C LYS A 54 -23.08 39.92 29.31
N GLU A 55 -21.77 39.89 29.52
CA GLU A 55 -20.90 40.94 28.99
C GLU A 55 -20.86 40.88 27.47
N SER A 56 -20.77 39.66 26.95
CA SER A 56 -20.48 39.42 25.54
C SER A 56 -21.74 39.19 24.71
N GLY A 57 -22.60 38.31 25.20
CA GLY A 57 -23.78 37.88 24.46
C GLY A 57 -23.73 36.40 24.18
N ILE A 58 -22.63 35.78 24.56
CA ILE A 58 -22.32 34.41 24.15
C ILE A 58 -22.65 33.36 25.19
N TRP A 59 -23.52 32.42 24.81
CA TRP A 59 -23.76 31.22 25.60
C TRP A 59 -22.64 30.22 25.35
N GLU A 60 -22.03 29.74 26.43
CA GLU A 60 -20.89 28.84 26.30
C GLU A 60 -21.07 27.59 27.17
N LEU A 61 -20.63 26.45 26.64
CA LEU A 61 -20.74 25.18 27.35
C LEU A 61 -19.79 24.14 26.80
N PHE A 62 -18.92 23.63 27.65
CA PHE A 62 -18.06 22.51 27.28
C PHE A 62 -18.81 21.20 27.46
N ILE A 63 -18.57 20.25 26.56
CA ILE A 63 -19.18 18.93 26.70
C ILE A 63 -18.15 17.82 26.51
N PRO A 64 -17.85 17.09 27.58
CA PRO A 64 -16.98 15.91 27.49
C PRO A 64 -17.59 14.85 26.58
N GLY A 65 -16.75 14.08 25.90
CA GLY A 65 -17.23 13.03 25.02
C GLY A 65 -17.66 13.52 23.64
N ALA A 66 -18.20 14.73 23.58
CA ALA A 66 -18.59 15.35 22.31
C ALA A 66 -17.37 15.54 21.42
N HIS A 67 -17.47 15.11 20.16
CA HIS A 67 -16.32 15.08 19.28
C HIS A 67 -16.68 15.14 17.80
N ASN A 68 -15.66 15.03 16.96
CA ASN A 68 -15.81 15.20 15.51
C ASN A 68 -16.62 14.09 14.84
N GLY A 69 -17.65 14.50 14.09
CA GLY A 69 -18.51 13.58 13.36
C GLY A 69 -19.96 13.75 13.74
N GLN A 70 -20.18 14.12 15.01
CA GLN A 70 -21.51 14.15 15.59
C GLN A 70 -22.31 15.38 15.21
N LEU A 71 -23.60 15.16 14.96
CA LEU A 71 -24.54 16.23 14.64
C LEU A 71 -25.02 16.95 15.90
N TYR A 72 -25.31 18.24 15.77
CA TYR A 72 -25.81 19.01 16.89
C TYR A 72 -26.64 20.20 16.45
N LYS A 73 -27.42 20.72 17.39
CA LYS A 73 -28.06 22.02 17.25
C LYS A 73 -28.04 22.69 18.60
N TYR A 74 -28.73 23.83 18.70
CA TYR A 74 -28.96 24.46 19.98
C TYR A 74 -30.46 24.47 20.23
N GLU A 75 -30.86 24.21 21.46
CA GLU A 75 -32.26 24.34 21.82
C GLU A 75 -32.47 25.72 22.41
N MET A 76 -33.39 26.49 21.84
CA MET A 76 -33.56 27.86 22.25
C MET A 76 -34.95 28.18 22.78
N ILE A 77 -34.99 28.68 24.00
CA ILE A 77 -36.15 29.44 24.46
C ILE A 77 -35.90 30.87 24.05
N ASP A 78 -36.90 31.50 23.43
CA ASP A 78 -36.72 32.83 22.87
C ASP A 78 -36.55 33.91 23.94
N ALA A 79 -36.22 35.11 23.48
CA ALA A 79 -36.33 36.30 24.32
C ALA A 79 -37.82 36.57 24.45
N ASN A 80 -38.60 36.02 23.51
CA ASN A 80 -40.05 36.19 23.51
C ASN A 80 -40.84 34.96 23.97
N GLY A 81 -40.15 33.95 24.48
CA GLY A 81 -40.82 32.82 25.12
C GLY A 81 -41.08 31.56 24.31
N ASN A 82 -40.44 31.42 23.16
CA ASN A 82 -40.72 30.29 22.28
C ASN A 82 -39.59 29.27 22.13
N LEU A 83 -39.96 28.04 21.79
CA LEU A 83 -39.00 26.93 21.69
C LEU A 83 -38.60 26.65 20.24
N ARG A 84 -37.35 26.98 19.91
CA ARG A 84 -36.82 26.73 18.56
C ARG A 84 -35.45 26.08 18.63
N LEU A 85 -35.19 25.17 17.70
CA LEU A 85 -33.84 24.66 17.48
C LEU A 85 -33.17 25.61 16.48
N LYS A 86 -31.98 26.09 16.81
CA LYS A 86 -31.26 26.93 15.87
C LYS A 86 -30.02 26.20 15.34
N SER A 87 -29.78 26.28 14.04
CA SER A 87 -28.54 25.78 13.48
C SER A 87 -27.44 26.76 13.83
N ASP A 88 -26.22 26.26 14.00
CA ASP A 88 -25.11 27.13 14.33
C ASP A 88 -24.76 28.01 13.12
N PRO A 89 -24.86 29.34 13.30
CA PRO A 89 -24.45 30.26 12.23
C PRO A 89 -22.99 30.05 11.85
N TYR A 90 -22.19 29.54 12.79
CA TYR A 90 -20.78 29.26 12.56
C TYR A 90 -20.54 27.75 12.31
N ALA A 91 -21.56 27.07 11.80
CA ALA A 91 -21.40 25.68 11.36
C ALA A 91 -20.41 25.62 10.21
N PHE A 92 -19.32 24.89 10.42
CA PHE A 92 -18.28 24.75 9.40
C PHE A 92 -18.58 23.58 8.46
N GLU A 93 -19.58 22.79 8.83
CA GLU A 93 -20.14 21.81 7.92
C GLU A 93 -21.56 21.49 8.35
N ALA A 94 -22.41 21.25 7.37
CA ALA A 94 -23.83 21.06 7.64
C ALA A 94 -24.28 19.68 7.21
N GLN A 95 -25.28 19.14 7.89
CA GLN A 95 -25.84 17.84 7.55
C GLN A 95 -26.43 17.88 6.14
N MET A 96 -26.43 16.73 5.48
CA MET A 96 -26.94 16.61 4.12
C MET A 96 -28.45 16.85 4.06
N ARG A 97 -28.96 17.06 2.85
CA ARG A 97 -30.40 17.15 2.63
C ARG A 97 -31.14 15.94 3.19
N PRO A 98 -32.35 16.17 3.73
CA PRO A 98 -32.93 17.48 4.05
C PRO A 98 -32.22 18.08 5.26
N GLU A 99 -32.77 17.84 6.46
CA GLU A 99 -32.07 18.10 7.72
C GLU A 99 -31.54 19.54 7.87
N THR A 100 -30.66 19.74 8.85
CA THR A 100 -30.24 21.09 9.23
C THR A 100 -29.10 21.07 10.27
N ALA A 101 -29.10 20.04 11.11
CA ALA A 101 -28.15 19.94 12.22
C ALA A 101 -26.72 20.26 11.84
N SER A 102 -26.02 20.99 12.71
CA SER A 102 -24.63 21.35 12.46
C SER A 102 -23.73 20.15 12.72
N LEU A 103 -22.50 20.23 12.20
CA LEU A 103 -21.57 19.12 12.28
C LEU A 103 -20.32 19.55 13.03
N ILE A 104 -19.92 18.80 14.05
CA ILE A 104 -18.66 19.06 14.73
C ILE A 104 -17.50 18.63 13.84
N CYS A 105 -16.60 19.57 13.53
CA CYS A 105 -15.43 19.26 12.72
C CYS A 105 -14.25 20.18 13.06
N GLY A 106 -14.54 21.35 13.61
CA GLY A 106 -13.51 22.31 13.92
C GLY A 106 -13.06 23.10 12.71
N LEU A 107 -11.87 23.71 12.82
CA LEU A 107 -11.30 24.50 11.75
CA LEU A 107 -11.31 24.50 11.74
C LEU A 107 -10.25 23.71 10.98
N PRO A 108 -10.16 23.94 9.65
CA PRO A 108 -9.04 23.35 8.94
C PRO A 108 -7.79 24.16 9.28
N GLU A 109 -6.61 23.64 9.02
CA GLU A 109 -5.38 24.39 9.25
C GLU A 109 -5.30 25.63 8.36
N LYS A 110 -4.52 26.60 8.80
CA LYS A 110 -4.33 27.83 8.03
C LYS A 110 -3.48 27.59 6.78
N VAL A 111 -3.87 28.23 5.69
CA VAL A 111 -3.10 28.18 4.46
C VAL A 111 -2.34 29.49 4.32
N VAL A 112 -1.04 29.40 4.12
CA VAL A 112 -0.26 30.60 3.84
C VAL A 112 -0.31 30.90 2.36
N GLN A 113 -0.69 32.13 2.00
CA GLN A 113 -0.69 32.48 0.58
C GLN A 113 0.73 32.68 0.07
N THR A 114 1.06 31.97 -1.01
CA THR A 114 2.38 32.06 -1.60
C THR A 114 2.56 33.35 -2.37
N GLU A 115 3.83 33.69 -2.62
CA GLU A 115 4.16 34.90 -3.37
C GLU A 115 3.68 34.79 -4.80
N GLU A 116 3.65 33.57 -5.33
CA GLU A 116 3.26 33.39 -6.72
C GLU A 116 1.75 33.63 -6.89
N ARG A 117 0.98 33.29 -5.86
CA ARG A 117 -0.45 33.51 -5.91
C ARG A 117 -0.83 34.95 -5.63
N LYS A 118 -0.05 35.61 -4.77
CA LYS A 118 -0.18 37.03 -4.57
C LYS A 118 0.12 37.75 -5.85
N LYS A 119 1.19 37.32 -6.52
CA LYS A 119 1.61 37.92 -7.79
C LYS A 119 0.51 37.83 -8.85
N ALA A 120 -0.19 36.70 -8.89
CA ALA A 120 -1.20 36.45 -9.92
C ALA A 120 -2.43 37.35 -9.80
N ASN A 121 -2.64 37.95 -8.63
CA ASN A 121 -3.77 38.84 -8.39
C ASN A 121 -3.46 40.32 -8.72
N GLN A 122 -2.20 40.64 -8.98
CA GLN A 122 -1.77 42.03 -9.13
C GLN A 122 -2.27 42.70 -10.39
N PHE A 123 -2.38 44.03 -10.34
CA PHE A 123 -2.86 44.83 -11.48
C PHE A 123 -2.09 44.60 -12.77
N ASP A 124 -0.81 44.23 -12.66
CA ASP A 124 0.04 44.06 -13.83
C ASP A 124 0.13 42.61 -14.34
N ALA A 125 -0.63 41.73 -13.72
CA ALA A 125 -0.68 40.31 -14.15
C ALA A 125 -1.70 40.08 -15.23
N PRO A 126 -1.45 39.06 -16.08
CA PRO A 126 -2.54 38.62 -16.96
C PRO A 126 -3.54 37.86 -16.11
N ILE A 127 -4.80 38.26 -16.19
CA ILE A 127 -5.82 37.63 -15.37
C ILE A 127 -6.97 37.20 -16.29
N SER A 128 -7.13 35.89 -16.43
CA SER A 128 -8.20 35.35 -17.26
C SER A 128 -8.94 34.34 -16.42
N ILE A 129 -10.22 34.62 -16.21
CA ILE A 129 -11.00 33.89 -15.24
C ILE A 129 -11.99 32.95 -15.91
N TYR A 130 -12.00 31.69 -15.47
CA TYR A 130 -12.99 30.71 -15.90
C TYR A 130 -14.04 30.67 -14.81
N GLU A 131 -15.24 31.20 -15.10
CA GLU A 131 -16.34 31.21 -14.14
C GLU A 131 -17.12 29.90 -14.24
N VAL A 132 -17.34 29.27 -13.09
CA VAL A 132 -17.95 27.95 -13.07
CA VAL A 132 -17.89 27.91 -13.04
C VAL A 132 -18.96 27.79 -11.95
N HIS A 133 -20.07 27.16 -12.28
CA HIS A 133 -21.03 26.72 -11.29
C HIS A 133 -20.73 25.23 -11.08
N LEU A 134 -20.26 24.84 -9.91
CA LEU A 134 -19.85 23.45 -9.74
C LEU A 134 -20.94 22.41 -9.96
N GLY A 135 -22.20 22.79 -9.76
CA GLY A 135 -23.29 21.84 -9.84
C GLY A 135 -23.69 21.51 -11.26
N SER A 136 -23.14 22.22 -12.24
CA SER A 136 -23.59 22.04 -13.61
C SER A 136 -22.49 22.15 -14.67
N TRP A 137 -21.22 22.07 -14.28
CA TRP A 137 -20.12 22.06 -15.24
C TRP A 137 -20.14 20.74 -16.02
N ARG A 138 -20.09 19.65 -15.26
CA ARG A 138 -20.23 18.30 -15.82
C ARG A 138 -21.09 17.43 -14.89
N ARG A 139 -21.62 16.35 -15.44
CA ARG A 139 -22.35 15.33 -14.69
C ARG A 139 -21.85 13.97 -15.12
N HIS A 140 -21.94 12.96 -14.26
CA HIS A 140 -21.61 11.61 -14.70
C HIS A 140 -22.67 11.19 -15.74
N THR A 141 -22.26 10.55 -16.83
CA THR A 141 -23.20 10.40 -17.96
C THR A 141 -24.38 9.44 -17.70
N ASP A 142 -24.10 8.29 -17.12
CA ASP A 142 -25.13 7.26 -17.00
C ASP A 142 -26.19 7.51 -15.93
N ASN A 143 -25.90 8.40 -14.99
CA ASN A 143 -26.82 8.66 -13.88
C ASN A 143 -27.11 10.14 -13.65
N ASN A 144 -26.38 11.00 -14.39
CA ASN A 144 -26.55 12.45 -14.28
C ASN A 144 -26.17 13.02 -12.91
N PHE A 145 -25.43 12.24 -12.12
CA PHE A 145 -25.01 12.68 -10.79
C PHE A 145 -23.95 13.77 -10.89
N TRP A 146 -23.92 14.61 -9.86
CA TRP A 146 -22.88 15.65 -9.71
C TRP A 146 -21.50 15.05 -9.66
N LEU A 147 -20.51 15.78 -10.17
CA LEU A 147 -19.12 15.46 -9.84
C LEU A 147 -18.86 15.88 -8.40
N SER A 148 -18.09 15.08 -7.68
CA SER A 148 -17.66 15.47 -6.34
C SER A 148 -16.51 16.47 -6.42
N TYR A 149 -16.26 17.18 -5.33
CA TYR A 149 -15.12 18.09 -5.24
C TYR A 149 -13.82 17.41 -5.69
N ARG A 150 -13.68 16.14 -5.32
CA ARG A 150 -12.47 15.38 -5.66
C ARG A 150 -12.39 15.04 -7.15
N GLU A 151 -13.53 14.72 -7.76
CA GLU A 151 -13.59 14.49 -9.20
C GLU A 151 -13.38 15.81 -9.93
N LEU A 152 -13.88 16.91 -9.37
CA LEU A 152 -13.65 18.21 -9.95
C LEU A 152 -12.18 18.59 -9.89
N ALA A 153 -11.51 18.17 -8.82
CA ALA A 153 -10.07 18.39 -8.70
C ALA A 153 -9.33 17.67 -9.83
N ASP A 154 -9.80 16.48 -10.19
CA ASP A 154 -9.20 15.69 -11.25
C ASP A 154 -9.62 16.09 -12.66
N GLN A 155 -10.72 16.81 -12.80
CA GLN A 155 -11.26 17.11 -14.13
C GLN A 155 -11.30 18.58 -14.46
N LEU A 156 -11.92 19.37 -13.59
CA LEU A 156 -12.07 20.81 -13.86
C LEU A 156 -10.73 21.54 -13.75
N VAL A 157 -9.95 21.18 -12.75
CA VAL A 157 -8.66 21.83 -12.53
C VAL A 157 -7.68 21.60 -13.71
N PRO A 158 -7.53 20.34 -14.17
CA PRO A 158 -6.64 20.21 -15.33
C PRO A 158 -7.20 20.85 -16.60
N TYR A 159 -8.53 20.88 -16.73
CA TYR A 159 -9.14 21.47 -17.92
C TYR A 159 -8.89 22.96 -18.01
N ALA A 160 -9.11 23.66 -16.91
CA ALA A 160 -8.93 25.11 -16.87
C ALA A 160 -7.46 25.44 -17.00
N LYS A 161 -6.60 24.61 -16.43
CA LYS A 161 -5.16 24.82 -16.60
C LYS A 161 -4.75 24.68 -18.06
N TRP A 162 -5.15 23.59 -18.69
CA TRP A 162 -4.88 23.39 -20.11
C TRP A 162 -5.40 24.53 -20.99
N MET A 163 -6.61 25.01 -20.71
CA MET A 163 -7.19 26.06 -21.50
C MET A 163 -6.52 27.42 -21.28
N GLY A 164 -5.61 27.49 -20.32
CA GLY A 164 -4.76 28.67 -20.14
C GLY A 164 -5.32 29.74 -19.20
N PHE A 165 -6.42 29.43 -18.52
CA PHE A 165 -6.95 30.38 -17.53
C PHE A 165 -6.00 30.52 -16.35
N THR A 166 -5.97 31.70 -15.71
CA THR A 166 -5.12 31.93 -14.53
C THR A 166 -5.90 31.72 -13.24
N HIS A 167 -7.22 31.91 -13.32
CA HIS A 167 -8.10 31.84 -12.16
C HIS A 167 -9.34 31.02 -12.47
N LEU A 168 -9.82 30.31 -11.45
CA LEU A 168 -11.12 29.70 -11.49
C LEU A 168 -12.02 30.56 -10.60
N GLU A 169 -13.21 30.93 -11.09
CA GLU A 169 -14.17 31.63 -10.21
C GLU A 169 -15.40 30.77 -9.95
N LEU A 170 -15.67 30.50 -8.68
CA LEU A 170 -16.78 29.61 -8.30
C LEU A 170 -18.01 30.43 -7.95
N LEU A 171 -19.17 30.07 -8.50
CA LEU A 171 -20.42 30.60 -7.96
C LEU A 171 -20.51 30.08 -6.52
N PRO A 172 -21.30 30.75 -5.65
CA PRO A 172 -21.14 30.55 -4.20
C PRO A 172 -21.23 29.09 -3.75
N ILE A 173 -20.24 28.65 -2.97
CA ILE A 173 -20.27 27.28 -2.47
C ILE A 173 -20.71 27.16 -1.00
N ASN A 174 -21.01 28.29 -0.36
CA ASN A 174 -21.65 28.23 0.97
C ASN A 174 -22.89 27.34 0.89
N GLU A 175 -23.18 26.62 1.97
CA GLU A 175 -24.35 25.74 1.95
C GLU A 175 -25.59 26.57 1.63
N HIS A 176 -26.42 26.01 0.75
CA HIS A 176 -27.66 26.63 0.32
C HIS A 176 -28.62 25.52 -0.07
N PRO A 177 -29.90 25.68 0.26
CA PRO A 177 -30.89 24.59 0.14
C PRO A 177 -31.45 24.35 -1.27
N PHE A 178 -31.56 25.40 -2.07
N PHE A 178 -31.51 25.39 -2.08
CA PHE A 178 -32.15 25.23 -3.40
CA PHE A 178 -32.15 25.29 -3.38
C PHE A 178 -31.14 25.45 -4.52
C PHE A 178 -31.14 25.45 -4.53
N ASP A 179 -31.02 24.43 -5.37
CA ASP A 179 -30.09 24.46 -6.50
C ASP A 179 -30.31 25.69 -7.39
N GLY A 180 -31.59 26.02 -7.60
CA GLY A 180 -31.95 27.16 -8.42
C GLY A 180 -31.50 28.54 -7.94
N SER A 181 -31.09 28.68 -6.68
CA SER A 181 -30.52 29.97 -6.27
C SER A 181 -29.09 30.13 -6.82
N TRP A 182 -28.53 29.02 -7.29
CA TRP A 182 -27.14 28.97 -7.80
C TRP A 182 -26.11 29.21 -6.68
N GLY A 183 -26.58 29.25 -5.44
CA GLY A 183 -25.73 29.56 -4.31
C GLY A 183 -25.94 30.94 -3.70
N TYR A 184 -26.66 31.82 -4.38
CA TYR A 184 -26.79 33.20 -3.90
C TYR A 184 -27.85 33.38 -2.80
N GLN A 185 -28.60 32.32 -2.47
CA GLN A 185 -29.52 32.35 -1.32
C GLN A 185 -29.09 31.35 -0.25
N PRO A 186 -28.09 31.73 0.56
CA PRO A 186 -27.44 30.76 1.46
C PRO A 186 -28.18 30.52 2.78
N THR A 187 -27.78 29.48 3.50
CA THR A 187 -28.25 29.21 4.85
C THR A 187 -27.08 29.05 5.81
N GLY A 188 -25.93 28.61 5.29
CA GLY A 188 -24.74 28.41 6.10
C GLY A 188 -23.51 29.02 5.46
N LEU A 189 -23.14 30.21 5.93
CA LEU A 189 -22.06 30.98 5.32
C LEU A 189 -20.69 30.39 5.54
N TYR A 190 -20.55 29.60 6.60
CA TYR A 190 -19.25 29.04 6.99
C TYR A 190 -19.09 27.57 6.58
N ALA A 191 -20.12 27.00 5.97
CA ALA A 191 -20.06 25.59 5.56
C ALA A 191 -20.04 25.44 4.04
N PRO A 192 -19.02 24.74 3.50
CA PRO A 192 -19.04 24.38 2.07
C PRO A 192 -20.19 23.44 1.79
N THR A 193 -20.91 23.61 0.68
CA THR A 193 -22.08 22.77 0.40
C THR A 193 -21.72 21.29 0.33
N ARG A 194 -22.58 20.46 0.93
CA ARG A 194 -22.37 19.02 0.99
C ARG A 194 -22.76 18.34 -0.33
N ARG A 195 -23.35 19.09 -1.25
CA ARG A 195 -23.63 18.55 -2.59
C ARG A 195 -22.45 17.77 -3.17
N PHE A 196 -21.25 18.30 -2.99
CA PHE A 196 -20.08 17.76 -3.68
C PHE A 196 -19.09 16.99 -2.80
N GLY A 197 -19.41 16.85 -1.52
CA GLY A 197 -18.55 16.14 -0.59
C GLY A 197 -18.37 16.87 0.74
N THR A 198 -17.29 16.56 1.43
CA THR A 198 -17.00 17.17 2.73
C THR A 198 -16.20 18.48 2.63
N ARG A 199 -16.15 19.25 3.71
CA ARG A 199 -15.35 20.47 3.72
C ARG A 199 -13.87 20.20 3.44
N ASP A 200 -13.40 19.03 3.85
CA ASP A 200 -12.01 18.64 3.59
C ASP A 200 -11.81 18.23 2.13
N ASP A 201 -12.86 17.72 1.51
CA ASP A 201 -12.83 17.44 0.07
C ASP A 201 -12.74 18.74 -0.69
N PHE A 202 -13.47 19.76 -0.23
CA PHE A 202 -13.42 21.07 -0.87
C PHE A 202 -12.04 21.71 -0.70
N ARG A 203 -11.47 21.60 0.49
CA ARG A 203 -10.11 22.08 0.72
C ARG A 203 -9.13 21.36 -0.21
N TYR A 204 -9.38 20.07 -0.45
CA TYR A 204 -8.54 19.29 -1.35
C TYR A 204 -8.62 19.82 -2.78
N PHE A 205 -9.82 20.18 -3.19
CA PHE A 205 -10.05 20.80 -4.50
C PHE A 205 -9.27 22.12 -4.62
N ILE A 206 -9.35 22.98 -3.61
CA ILE A 206 -8.61 24.24 -3.66
C ILE A 206 -7.10 23.98 -3.72
N ASP A 207 -6.60 23.08 -2.89
CA ASP A 207 -5.18 22.71 -2.95
C ASP A 207 -4.78 22.22 -4.34
N ALA A 208 -5.68 21.47 -4.99
CA ALA A 208 -5.39 20.97 -6.33
C ALA A 208 -5.34 22.11 -7.36
N ALA A 209 -6.22 23.09 -7.23
CA ALA A 209 -6.18 24.26 -8.11
C ALA A 209 -4.83 24.94 -7.97
N HIS A 210 -4.45 25.21 -6.72
CA HIS A 210 -3.16 25.81 -6.40
C HIS A 210 -1.96 25.02 -6.95
N ALA A 211 -1.98 23.71 -6.83
CA ALA A 211 -0.87 22.87 -7.29
C ALA A 211 -0.77 22.90 -8.81
N ALA A 212 -1.91 23.11 -9.49
CA ALA A 212 -1.94 23.27 -10.94
C ALA A 212 -1.61 24.70 -11.38
N GLY A 213 -1.40 25.59 -10.41
CA GLY A 213 -0.99 26.94 -10.71
C GLY A 213 -2.14 27.87 -11.02
N LEU A 214 -3.30 27.58 -10.44
CA LEU A 214 -4.48 28.43 -10.62
C LEU A 214 -4.83 29.14 -9.32
N ASN A 215 -5.16 30.44 -9.39
CA ASN A 215 -5.80 31.09 -8.25
C ASN A 215 -7.28 30.80 -8.23
N VAL A 216 -7.89 30.91 -7.06
CA VAL A 216 -9.32 30.63 -6.94
C VAL A 216 -10.06 31.84 -6.40
N ILE A 217 -11.10 32.23 -7.12
CA ILE A 217 -11.95 33.33 -6.69
C ILE A 217 -13.26 32.74 -6.26
N LEU A 218 -13.77 33.18 -5.12
CA LEU A 218 -15.04 32.69 -4.64
C LEU A 218 -16.07 33.81 -4.65
N ASP A 219 -17.24 33.54 -5.23
CA ASP A 219 -18.37 34.44 -5.11
C ASP A 219 -18.80 34.41 -3.66
N TRP A 220 -18.80 35.59 -3.05
CA TRP A 220 -19.06 35.73 -1.63
C TRP A 220 -20.33 36.55 -1.48
N VAL A 221 -21.21 36.17 -0.56
CA VAL A 221 -22.54 36.80 -0.55
C VAL A 221 -22.92 37.52 0.76
N PRO A 222 -22.16 38.57 1.11
CA PRO A 222 -22.50 39.28 2.34
C PRO A 222 -23.64 40.27 2.10
N GLY A 223 -24.21 40.25 0.90
CA GLY A 223 -25.34 41.11 0.56
C GLY A 223 -26.67 40.39 0.51
N HIS A 224 -26.64 39.07 0.68
CA HIS A 224 -27.88 38.30 0.67
C HIS A 224 -28.13 37.70 2.05
N PHE A 225 -28.94 38.36 2.86
CA PHE A 225 -29.36 37.78 4.13
C PHE A 225 -30.14 36.50 3.85
N PRO A 226 -29.89 35.43 4.61
CA PRO A 226 -30.58 34.15 4.41
C PRO A 226 -32.11 34.31 4.46
N THR A 227 -32.81 33.46 3.72
CA THR A 227 -34.26 33.58 3.58
C THR A 227 -34.98 32.24 3.73
N ASP A 228 -34.21 31.17 3.86
CA ASP A 228 -34.77 29.82 3.87
C ASP A 228 -34.59 29.17 5.23
N ASP A 229 -35.35 28.10 5.46
CA ASP A 229 -35.13 27.19 6.59
C ASP A 229 -35.15 27.85 7.98
N PHE A 230 -35.59 29.11 8.06
CA PHE A 230 -35.41 29.91 9.28
C PHE A 230 -33.96 29.82 9.74
N ALA A 231 -33.04 30.22 8.87
CA ALA A 231 -31.62 30.05 9.13
C ALA A 231 -31.08 31.09 10.08
N LEU A 232 -31.42 32.35 9.84
CA LEU A 232 -30.78 33.44 10.55
C LEU A 232 -31.78 34.53 11.00
N ALA A 233 -33.03 34.41 10.54
CA ALA A 233 -34.05 35.38 10.88
C ALA A 233 -34.47 35.21 12.34
N GLU A 234 -34.66 36.33 13.04
CA GLU A 234 -35.17 36.35 14.42
C GLU A 234 -34.45 35.33 15.29
N PHE A 235 -33.13 35.44 15.35
CA PHE A 235 -32.30 34.37 15.91
C PHE A 235 -32.54 34.09 17.39
N ASP A 236 -32.66 35.14 18.21
CA ASP A 236 -32.95 34.96 19.63
C ASP A 236 -34.34 35.47 19.99
N GLY A 237 -35.16 35.72 18.97
CA GLY A 237 -36.50 36.26 19.17
C GLY A 237 -36.58 37.71 18.74
N THR A 238 -35.42 38.37 18.72
CA THR A 238 -35.31 39.75 18.27
C THR A 238 -34.65 39.80 16.90
N ASN A 239 -34.42 41.01 16.38
CA ASN A 239 -33.65 41.18 15.17
C ASN A 239 -32.16 41.17 15.46
N LEU A 240 -31.59 39.98 15.62
CA LEU A 240 -30.18 39.84 15.96
C LEU A 240 -29.29 40.30 14.83
N TYR A 241 -29.42 39.63 13.69
CA TYR A 241 -28.51 39.85 12.57
C TYR A 241 -29.12 40.80 11.54
N GLU A 242 -30.44 40.84 11.47
CA GLU A 242 -31.14 41.63 10.46
C GLU A 242 -31.68 42.97 11.00
N HIS A 243 -32.06 43.84 10.08
CA HIS A 243 -32.61 45.16 10.40
C HIS A 243 -34.14 45.12 10.51
N SER A 244 -34.70 46.05 11.28
CA SER A 244 -36.14 46.14 11.46
C SER A 244 -36.83 46.75 10.23
N THR A 256 -37.05 41.32 1.64
CA THR A 256 -37.16 42.53 2.46
C THR A 256 -36.09 42.54 3.56
N LEU A 257 -35.54 41.38 3.86
CA LEU A 257 -34.61 41.23 4.97
C LEU A 257 -33.18 41.60 4.59
N ILE A 258 -32.58 42.49 5.39
CA ILE A 258 -31.21 42.94 5.15
C ILE A 258 -30.38 42.91 6.42
N TYR A 259 -29.08 42.68 6.26
CA TYR A 259 -28.16 42.65 7.40
C TYR A 259 -28.12 44.00 8.10
N ASN A 260 -27.87 43.97 9.39
CA ASN A 260 -27.59 45.18 10.14
C ASN A 260 -26.08 45.38 10.17
N TYR A 261 -25.51 45.79 9.05
CA TYR A 261 -24.06 45.98 8.93
C TYR A 261 -23.56 46.99 9.95
N GLY A 262 -24.43 47.91 10.34
CA GLY A 262 -24.11 48.90 11.36
C GLY A 262 -23.78 48.27 12.69
N ARG A 263 -24.52 47.22 13.04
CA ARG A 263 -24.21 46.47 14.25
C ARG A 263 -22.80 45.88 14.16
N ARG A 264 -22.21 45.61 15.31
CA ARG A 264 -20.80 45.27 15.34
C ARG A 264 -20.55 43.77 15.22
N GLU A 265 -21.28 42.99 16.00
CA GLU A 265 -21.10 41.54 15.98
C GLU A 265 -21.51 40.96 14.63
N VAL A 266 -22.47 41.59 13.98
CA VAL A 266 -22.91 41.15 12.65
C VAL A 266 -21.78 41.36 11.65
N SER A 267 -21.17 42.55 11.73
CA SER A 267 -20.06 42.92 10.87
C SER A 267 -18.83 42.05 11.08
N ASN A 268 -18.56 41.70 12.34
CA ASN A 268 -17.48 40.76 12.62
C ASN A 268 -17.79 39.40 12.02
N PHE A 269 -19.06 39.00 12.10
CA PHE A 269 -19.51 37.74 11.55
C PHE A 269 -19.25 37.69 10.04
N LEU A 270 -19.52 38.80 9.36
CA LEU A 270 -19.32 38.86 7.92
C LEU A 270 -17.86 39.07 7.52
N VAL A 271 -17.15 39.97 8.21
CA VAL A 271 -15.74 40.19 7.92
C VAL A 271 -14.92 38.95 8.26
N GLY A 272 -15.32 38.26 9.32
CA GLY A 272 -14.63 37.06 9.74
C GLY A 272 -14.79 35.96 8.72
N ASN A 273 -15.96 35.94 8.08
CA ASN A 273 -16.31 34.95 7.06
C ASN A 273 -15.41 35.09 5.83
N ALA A 274 -15.07 36.32 5.48
CA ALA A 274 -14.10 36.59 4.42
C ALA A 274 -12.72 36.08 4.84
N LEU A 275 -12.31 36.42 6.05
CA LEU A 275 -11.02 35.98 6.58
C LEU A 275 -10.97 34.45 6.64
N TYR A 276 -12.12 33.85 6.93
CA TYR A 276 -12.24 32.41 7.05
C TYR A 276 -11.93 31.71 5.72
N TRP A 277 -12.63 32.12 4.67
CA TRP A 277 -12.38 31.55 3.35
C TRP A 277 -10.92 31.70 2.93
N ILE A 278 -10.40 32.92 3.05
CA ILE A 278 -9.05 33.20 2.62
C ILE A 278 -8.02 32.45 3.45
N GLU A 279 -8.12 32.52 4.78
CA GLU A 279 -7.10 31.90 5.64
C GLU A 279 -7.22 30.39 5.86
N ARG A 280 -8.44 29.88 5.92
CA ARG A 280 -8.61 28.46 6.24
C ARG A 280 -8.84 27.60 5.01
N PHE A 281 -9.15 28.21 3.87
CA PHE A 281 -9.32 27.45 2.65
C PHE A 281 -8.34 27.84 1.55
N GLY A 282 -7.60 28.92 1.76
CA GLY A 282 -6.62 29.39 0.77
C GLY A 282 -7.25 30.08 -0.44
N ILE A 283 -8.48 30.55 -0.28
CA ILE A 283 -9.12 31.31 -1.34
C ILE A 283 -8.31 32.58 -1.63
N ASP A 284 -8.10 32.89 -2.91
CA ASP A 284 -7.22 34.00 -3.28
C ASP A 284 -7.94 35.31 -3.57
N ALA A 285 -9.24 35.24 -3.78
CA ALA A 285 -10.03 36.43 -4.07
C ALA A 285 -11.49 36.21 -3.75
N LEU A 286 -12.21 37.30 -3.50
CA LEU A 286 -13.64 37.22 -3.26
C LEU A 286 -14.35 38.18 -4.18
N ARG A 287 -15.47 37.74 -4.74
CA ARG A 287 -16.25 38.60 -5.60
C ARG A 287 -17.60 38.88 -4.94
N VAL A 288 -17.97 40.16 -4.85
CA VAL A 288 -19.28 40.52 -4.30
C VAL A 288 -20.25 40.92 -5.40
N ASP A 289 -21.35 40.18 -5.53
CA ASP A 289 -22.37 40.50 -6.53
C ASP A 289 -23.36 41.51 -5.99
N ALA A 290 -24.07 42.17 -6.90
CA ALA A 290 -25.25 42.99 -6.56
C ALA A 290 -24.94 44.03 -5.50
N VAL A 291 -23.78 44.66 -5.61
CA VAL A 291 -23.36 45.72 -4.69
C VAL A 291 -24.36 46.89 -4.63
N ALA A 292 -25.12 47.09 -5.71
CA ALA A 292 -26.11 48.17 -5.74
C ALA A 292 -27.22 47.90 -4.73
N SER A 293 -27.63 46.64 -4.63
CA SER A 293 -28.67 46.23 -3.70
C SER A 293 -28.23 46.43 -2.25
N MET A 294 -26.92 46.41 -2.01
CA MET A 294 -26.41 46.66 -0.66
C MET A 294 -26.42 48.14 -0.34
N ILE A 295 -25.99 48.96 -1.29
CA ILE A 295 -25.74 50.37 -1.01
C ILE A 295 -26.86 51.32 -1.44
N TYR A 296 -27.98 50.77 -1.90
CA TYR A 296 -29.13 51.59 -2.28
C TYR A 296 -30.43 50.99 -1.76
N ARG A 297 -31.53 51.72 -1.98
CA ARG A 297 -32.87 51.30 -1.55
CA ARG A 297 -32.86 51.29 -1.55
C ARG A 297 -32.91 50.96 -0.05
N GLY A 312 -29.06 58.98 3.56
CA GLY A 312 -28.65 59.96 2.56
C GLY A 312 -29.38 59.79 1.24
N GLY A 313 -30.64 60.24 1.20
CA GLY A 313 -31.52 59.89 0.11
C GLY A 313 -31.76 58.40 0.20
N ARG A 314 -31.36 57.67 -0.83
CA ARG A 314 -31.59 56.23 -0.89
C ARG A 314 -30.36 55.38 -0.53
N GLU A 315 -29.30 56.03 -0.07
CA GLU A 315 -28.05 55.32 0.25
C GLU A 315 -28.02 54.76 1.66
N ASN A 316 -27.82 53.45 1.77
CA ASN A 316 -27.55 52.82 3.05
C ASN A 316 -26.10 53.09 3.45
N LEU A 317 -25.90 53.92 4.46
CA LEU A 317 -24.55 54.31 4.85
C LEU A 317 -23.86 53.20 5.65
N GLU A 318 -24.65 52.36 6.31
CA GLU A 318 -24.09 51.24 7.05
C GLU A 318 -23.38 50.28 6.10
N ALA A 319 -24.03 49.99 4.98
CA ALA A 319 -23.50 49.04 3.99
C ALA A 319 -22.22 49.58 3.33
N ILE A 320 -22.26 50.84 2.91
CA ILE A 320 -21.09 51.48 2.30
C ILE A 320 -19.90 51.46 3.24
N GLU A 321 -20.15 51.78 4.51
CA GLU A 321 -19.11 51.73 5.52
C GLU A 321 -18.63 50.30 5.74
N PHE A 322 -19.57 49.36 5.78
CA PHE A 322 -19.21 47.95 5.90
C PHE A 322 -18.28 47.49 4.77
N LEU A 323 -18.60 47.88 3.53
CA LEU A 323 -17.77 47.49 2.38
C LEU A 323 -16.39 48.13 2.46
N ARG A 324 -16.33 49.41 2.78
CA ARG A 324 -15.07 50.10 2.92
C ARG A 324 -14.23 49.45 4.01
N ASN A 325 -14.89 49.11 5.12
CA ASN A 325 -14.23 48.46 6.25
CA ASN A 325 -14.25 48.44 6.25
C ASN A 325 -13.62 47.12 5.85
N THR A 326 -14.46 46.23 5.32
CA THR A 326 -14.03 44.90 4.94
C THR A 326 -12.83 44.97 4.03
N ASN A 327 -12.94 45.74 2.94
CA ASN A 327 -11.81 45.93 2.03
C ASN A 327 -10.54 46.45 2.73
N ARG A 328 -10.69 47.37 3.68
CA ARG A 328 -9.57 47.90 4.47
C ARG A 328 -8.90 46.79 5.30
N ILE A 329 -9.72 46.03 6.01
CA ILE A 329 -9.24 44.97 6.88
C ILE A 329 -8.53 43.85 6.10
N LEU A 330 -9.14 43.38 5.02
CA LEU A 330 -8.50 42.37 4.19
C LEU A 330 -7.15 42.85 3.68
N GLY A 331 -7.08 44.13 3.29
CA GLY A 331 -5.84 44.72 2.84
C GLY A 331 -4.77 44.69 3.92
N GLU A 332 -5.21 44.76 5.19
CA GLU A 332 -4.31 44.72 6.33
C GLU A 332 -3.96 43.30 6.71
N GLN A 333 -4.97 42.43 6.76
CA GLN A 333 -4.85 41.11 7.36
C GLN A 333 -4.37 40.03 6.39
N VAL A 334 -4.70 40.20 5.12
CA VAL A 334 -4.38 39.18 4.12
C VAL A 334 -3.93 39.82 2.81
N SER A 335 -2.81 40.54 2.88
CA SER A 335 -2.24 41.17 1.70
C SER A 335 -1.91 40.09 0.67
N GLY A 336 -2.30 40.33 -0.57
CA GLY A 336 -2.19 39.31 -1.61
C GLY A 336 -3.56 38.87 -2.08
N ALA A 337 -4.52 38.84 -1.16
CA ALA A 337 -5.90 38.54 -1.54
C ALA A 337 -6.55 39.80 -2.10
N VAL A 338 -7.46 39.65 -3.05
CA VAL A 338 -8.15 40.80 -3.59
C VAL A 338 -9.65 40.60 -3.58
N THR A 339 -10.39 41.72 -3.65
CA THR A 339 -11.83 41.65 -3.77
C THR A 339 -12.21 42.28 -5.09
N MET A 340 -13.32 41.83 -5.64
CA MET A 340 -13.81 42.37 -6.89
C MET A 340 -15.29 42.56 -6.66
N ALA A 341 -15.89 43.49 -7.39
CA ALA A 341 -17.29 43.81 -7.15
C ALA A 341 -18.05 43.90 -8.46
N GLU A 342 -19.31 43.48 -8.45
CA GLU A 342 -20.25 43.87 -9.50
C GLU A 342 -21.21 44.91 -8.90
N GLU A 343 -21.29 46.08 -9.56
CA GLU A 343 -22.11 47.21 -9.13
C GLU A 343 -22.77 47.79 -10.38
N SER A 344 -24.09 47.92 -10.39
CA SER A 344 -24.77 48.26 -11.63
C SER A 344 -25.34 49.68 -11.75
N THR A 345 -24.99 50.59 -10.86
CA THR A 345 -25.56 51.95 -10.91
C THR A 345 -24.51 53.02 -11.14
N ASP A 346 -23.34 52.62 -11.61
CA ASP A 346 -22.21 53.52 -11.80
C ASP A 346 -21.90 54.39 -10.59
N PHE A 347 -22.01 53.80 -9.41
CA PHE A 347 -21.49 54.41 -8.19
C PHE A 347 -20.00 54.68 -8.36
N PRO A 348 -19.54 55.87 -7.97
CA PRO A 348 -18.18 56.28 -8.27
C PRO A 348 -17.15 55.62 -7.37
N GLY A 349 -16.00 55.28 -7.94
CA GLY A 349 -14.87 54.74 -7.18
C GLY A 349 -15.13 53.42 -6.50
N VAL A 350 -15.79 52.48 -7.17
CA VAL A 350 -15.95 51.15 -6.62
C VAL A 350 -14.57 50.54 -6.36
N SER A 351 -13.68 50.70 -7.34
CA SER A 351 -12.34 50.12 -7.24
C SER A 351 -11.30 51.19 -6.97
N ARG A 352 -11.67 52.13 -6.11
CA ARG A 352 -10.78 53.24 -5.77
C ARG A 352 -10.64 53.34 -4.24
N PRO A 353 -9.52 53.90 -3.77
CA PRO A 353 -9.20 53.97 -2.33
C PRO A 353 -10.28 54.65 -1.50
N GLN A 354 -10.47 54.18 -0.28
CA GLN A 354 -11.49 54.67 0.62
C GLN A 354 -11.23 56.10 1.08
N ASP A 355 -9.97 56.50 1.15
CA ASP A 355 -9.60 57.84 1.62
C ASP A 355 -9.88 58.91 0.58
N MET A 356 -10.27 58.49 -0.61
CA MET A 356 -10.97 59.35 -1.55
C MET A 356 -12.44 58.99 -1.43
N GLY A 357 -13.22 59.09 -2.50
CA GLY A 357 -14.62 58.69 -2.40
C GLY A 357 -14.90 57.19 -2.43
N GLY A 358 -13.84 56.38 -2.50
CA GLY A 358 -13.95 54.99 -2.92
C GLY A 358 -14.59 53.93 -2.03
N LEU A 359 -14.84 52.76 -2.63
CA LEU A 359 -15.36 51.58 -1.93
C LEU A 359 -14.25 50.59 -1.55
N GLY A 360 -13.06 50.80 -2.08
CA GLY A 360 -11.90 50.00 -1.72
C GLY A 360 -11.73 48.64 -2.38
N PHE A 361 -12.54 48.33 -3.39
CA PHE A 361 -12.35 47.09 -4.15
C PHE A 361 -11.14 47.20 -5.06
N TRP A 362 -10.54 46.05 -5.43
CA TRP A 362 -9.41 46.07 -6.35
C TRP A 362 -9.88 46.12 -7.79
N TYR A 363 -10.92 45.35 -8.10
CA TYR A 363 -11.44 45.30 -9.46
C TYR A 363 -12.96 45.48 -9.48
N LYS A 364 -13.44 45.94 -10.63
CA LYS A 364 -14.88 46.06 -10.87
C LYS A 364 -15.25 45.41 -12.20
N TRP A 365 -16.36 44.66 -12.21
CA TRP A 365 -16.88 44.11 -13.47
C TRP A 365 -17.32 45.25 -14.39
N ASN A 366 -16.89 45.21 -15.65
CA ASN A 366 -17.25 46.23 -16.62
C ASN A 366 -18.57 45.85 -17.31
N LEU A 367 -19.68 46.05 -16.62
CA LEU A 367 -20.98 45.69 -17.18
C LEU A 367 -21.32 46.51 -18.42
N GLY A 368 -20.95 47.79 -18.40
CA GLY A 368 -21.17 48.66 -19.55
C GLY A 368 -20.52 48.13 -20.82
N TRP A 369 -19.28 47.69 -20.70
CA TRP A 369 -18.55 47.15 -21.84
C TRP A 369 -19.26 45.89 -22.38
N MET A 370 -19.71 45.04 -21.47
CA MET A 370 -20.44 43.84 -21.85
C MET A 370 -21.71 44.20 -22.64
N HIS A 371 -22.52 45.13 -22.13
CA HIS A 371 -23.73 45.53 -22.84
C HIS A 371 -23.42 46.17 -24.18
N ASP A 372 -22.41 47.05 -24.19
CA ASP A 372 -22.11 47.79 -25.41
C ASP A 372 -21.58 46.89 -26.51
N THR A 373 -20.63 46.02 -26.17
CA THR A 373 -20.03 45.22 -27.21
C THR A 373 -20.99 44.11 -27.68
N LEU A 374 -21.77 43.55 -26.77
CA LEU A 374 -22.74 42.55 -27.19
C LEU A 374 -23.84 43.17 -28.05
N ASP A 375 -24.28 44.39 -27.71
CA ASP A 375 -25.21 45.12 -28.59
C ASP A 375 -24.64 45.30 -30.00
N TYR A 376 -23.35 45.59 -30.06
CA TYR A 376 -22.68 45.80 -31.33
C TYR A 376 -22.60 44.48 -32.11
N MET A 377 -22.22 43.38 -31.45
CA MET A 377 -22.14 42.10 -32.13
C MET A 377 -23.50 41.60 -32.62
N LYS A 378 -24.57 41.98 -31.90
CA LYS A 378 -25.91 41.53 -32.28
C LYS A 378 -26.38 42.13 -33.59
N LEU A 379 -25.83 43.30 -33.93
CA LEU A 379 -26.25 44.02 -35.14
C LEU A 379 -25.89 43.24 -36.41
N ASP A 380 -26.81 43.23 -37.37
CA ASP A 380 -26.47 42.92 -38.76
C ASP A 380 -25.19 43.69 -39.08
N PRO A 381 -24.16 43.02 -39.62
CA PRO A 381 -22.92 43.78 -39.87
C PRO A 381 -23.09 45.00 -40.78
N VAL A 382 -24.15 45.02 -41.58
CA VAL A 382 -24.37 46.18 -42.46
CA VAL A 382 -24.45 46.13 -42.47
C VAL A 382 -24.76 47.42 -41.68
N TYR A 383 -25.09 47.27 -40.42
CA TYR A 383 -25.48 48.41 -39.60
C TYR A 383 -24.41 48.82 -38.59
N ARG A 384 -23.31 48.07 -38.51
CA ARG A 384 -22.30 48.39 -37.51
C ARG A 384 -21.65 49.74 -37.75
N GLN A 385 -21.65 50.18 -39.00
CA GLN A 385 -21.16 51.51 -39.34
C GLN A 385 -21.81 52.63 -38.54
N TYR A 386 -23.02 52.39 -38.05
CA TYR A 386 -23.75 53.44 -37.33
C TYR A 386 -23.57 53.38 -35.82
N HIS A 387 -22.81 52.38 -35.36
CA HIS A 387 -22.69 52.12 -33.93
C HIS A 387 -21.25 51.89 -33.46
N HIS A 388 -20.32 52.52 -34.17
CA HIS A 388 -18.88 52.46 -33.87
C HIS A 388 -18.61 52.84 -32.41
N ASP A 389 -19.45 53.72 -31.86
CA ASP A 389 -19.32 54.20 -30.48
C ASP A 389 -19.43 53.09 -29.42
N LYS A 390 -20.09 52.00 -29.78
CA LYS A 390 -20.21 50.89 -28.87
C LYS A 390 -18.86 50.22 -28.59
N LEU A 391 -17.94 50.29 -29.54
CA LEU A 391 -16.63 49.67 -29.35
C LEU A 391 -15.59 50.67 -28.83
N THR A 392 -15.74 51.94 -29.18
CA THR A 392 -14.75 52.95 -28.80
C THR A 392 -14.97 53.54 -27.40
N PHE A 393 -16.21 53.49 -26.93
CA PHE A 393 -16.60 54.16 -25.68
C PHE A 393 -15.82 53.64 -24.47
N GLY A 394 -15.65 52.31 -24.40
CA GLY A 394 -14.96 51.69 -23.27
C GLY A 394 -13.63 52.35 -22.87
N ILE A 395 -12.91 52.88 -23.84
CA ILE A 395 -11.61 53.50 -23.59
C ILE A 395 -11.79 54.80 -22.81
N LEU A 396 -12.91 55.48 -23.06
CA LEU A 396 -13.13 56.81 -22.48
C LEU A 396 -13.28 56.76 -20.96
N TYR A 397 -13.81 55.66 -20.45
CA TYR A 397 -13.96 55.51 -19.01
C TYR A 397 -13.08 54.41 -18.42
N ASN A 398 -12.23 53.80 -19.23
CA ASN A 398 -11.39 52.70 -18.76
C ASN A 398 -10.55 53.05 -17.54
N TYR A 399 -10.12 54.30 -17.45
CA TYR A 399 -9.16 54.68 -16.41
C TYR A 399 -9.81 55.19 -15.13
N THR A 400 -11.12 54.98 -15.02
CA THR A 400 -11.87 55.40 -13.86
C THR A 400 -12.11 54.24 -12.88
N GLU A 401 -12.02 53.02 -13.38
CA GLU A 401 -12.14 51.81 -12.54
C GLU A 401 -11.16 50.77 -13.07
N ASN A 402 -10.76 49.81 -12.23
CA ASN A 402 -9.90 48.73 -12.70
C ASN A 402 -10.81 47.57 -13.13
N PHE A 403 -11.00 47.41 -14.43
CA PHE A 403 -12.09 46.57 -14.92
C PHE A 403 -11.73 45.13 -15.21
N VAL A 404 -12.71 44.26 -15.01
CA VAL A 404 -12.67 42.91 -15.54
C VAL A 404 -13.72 42.93 -16.67
N LEU A 405 -13.38 42.41 -17.85
CA LEU A 405 -14.35 42.31 -18.95
C LEU A 405 -15.09 40.99 -18.80
N PRO A 406 -16.38 41.04 -18.46
CA PRO A 406 -17.06 39.83 -18.04
C PRO A 406 -18.11 39.34 -19.04
N LEU A 407 -17.99 38.08 -19.42
CA LEU A 407 -19.08 37.39 -20.10
C LEU A 407 -19.55 36.31 -19.15
N SER A 408 -20.48 36.65 -18.25
CA SER A 408 -20.75 35.83 -17.08
C SER A 408 -22.00 34.96 -17.18
N HIS A 409 -22.22 34.17 -16.14
CA HIS A 409 -23.40 33.31 -16.04
C HIS A 409 -24.71 34.10 -16.21
N ASP A 410 -24.74 35.35 -15.75
CA ASP A 410 -25.97 36.14 -15.77
C ASP A 410 -26.42 36.46 -17.17
N GLU A 411 -25.50 36.39 -18.11
CA GLU A 411 -25.82 36.82 -19.47
C GLU A 411 -26.34 35.70 -20.36
N VAL A 412 -26.33 34.47 -19.86
CA VAL A 412 -26.75 33.33 -20.67
C VAL A 412 -27.87 32.51 -20.03
N VAL A 413 -28.76 33.22 -19.33
CA VAL A 413 -29.97 32.61 -18.77
C VAL A 413 -31.21 33.42 -19.10
N HIS A 414 -32.38 32.89 -18.75
CA HIS A 414 -33.65 33.65 -18.78
C HIS A 414 -34.01 34.27 -20.13
N GLY A 415 -33.70 33.57 -21.21
CA GLY A 415 -34.08 34.04 -22.53
C GLY A 415 -33.14 35.05 -23.16
N LYS A 416 -31.99 35.29 -22.52
CA LYS A 416 -30.98 36.18 -23.10
C LYS A 416 -30.17 35.46 -24.18
N LYS A 417 -30.36 34.15 -24.29
CA LYS A 417 -29.62 33.28 -25.21
C LYS A 417 -28.15 33.09 -24.82
N SER A 418 -27.49 32.15 -25.49
CA SER A 418 -26.05 31.99 -25.40
C SER A 418 -25.39 33.15 -26.10
N ILE A 419 -24.08 33.27 -25.95
CA ILE A 419 -23.33 34.29 -26.65
C ILE A 419 -23.30 33.97 -28.14
N LEU A 420 -23.14 32.70 -28.48
CA LEU A 420 -23.14 32.28 -29.89
C LEU A 420 -24.44 32.67 -30.60
N ASP A 421 -25.55 32.39 -29.94
CA ASP A 421 -26.85 32.62 -30.58
C ASP A 421 -27.22 34.09 -30.67
N ARG A 422 -26.53 34.94 -29.94
CA ARG A 422 -26.69 36.39 -30.14
C ARG A 422 -26.10 36.85 -31.47
N MET A 423 -25.21 36.05 -32.05
CA MET A 423 -24.51 36.50 -33.26
C MET A 423 -25.42 36.40 -34.48
N PRO A 424 -25.24 37.31 -35.46
CA PRO A 424 -26.12 37.38 -36.63
C PRO A 424 -25.65 36.48 -37.78
N GLY A 425 -26.58 36.01 -38.61
CA GLY A 425 -26.21 35.27 -39.80
C GLY A 425 -26.43 33.76 -39.73
N ASP A 426 -26.11 33.08 -40.83
CA ASP A 426 -26.11 31.64 -40.81
C ASP A 426 -25.00 31.17 -39.86
N ALA A 427 -25.03 29.88 -39.54
CA ALA A 427 -24.18 29.35 -38.49
C ALA A 427 -22.69 29.67 -38.71
N TRP A 428 -22.21 29.54 -39.94
CA TRP A 428 -20.81 29.84 -40.19
C TRP A 428 -20.45 31.31 -39.91
N GLN A 429 -21.39 32.22 -40.16
CA GLN A 429 -21.19 33.63 -39.85
C GLN A 429 -21.29 33.91 -38.36
N LYS A 430 -22.14 33.16 -37.65
CA LYS A 430 -22.23 33.31 -36.20
C LYS A 430 -20.90 32.97 -35.52
N PHE A 431 -20.30 31.86 -35.95
CA PHE A 431 -19.04 31.43 -35.36
C PHE A 431 -17.91 32.43 -35.68
N ALA A 432 -17.87 32.92 -36.92
CA ALA A 432 -16.88 33.93 -37.30
C ALA A 432 -17.03 35.17 -36.45
N ASN A 433 -18.27 35.65 -36.32
CA ASN A 433 -18.52 36.81 -35.45
C ASN A 433 -18.03 36.56 -34.04
N LEU A 434 -18.33 35.38 -33.51
CA LEU A 434 -17.92 35.07 -32.15
C LEU A 434 -16.39 35.06 -32.01
N ARG A 435 -15.70 34.45 -32.97
CA ARG A 435 -14.24 34.42 -32.92
C ARG A 435 -13.65 35.83 -32.94
N ALA A 436 -14.16 36.68 -33.82
CA ALA A 436 -13.66 38.04 -33.94
C ALA A 436 -13.83 38.78 -32.62
N TYR A 437 -14.99 38.57 -32.00
CA TYR A 437 -15.33 39.25 -30.75
C TYR A 437 -14.41 38.82 -29.61
N TYR A 438 -14.17 37.50 -29.48
CA TYR A 438 -13.20 37.04 -28.51
C TYR A 438 -11.79 37.63 -28.77
N GLY A 439 -11.39 37.73 -30.04
CA GLY A 439 -10.10 38.32 -30.35
C GLY A 439 -10.03 39.76 -29.84
N TRP A 440 -11.14 40.46 -29.99
CA TRP A 440 -11.25 41.85 -29.53
C TRP A 440 -11.23 41.95 -28.01
N MET A 441 -12.03 41.11 -27.34
CA MET A 441 -12.13 41.11 -25.89
C MET A 441 -10.77 40.85 -25.22
N TRP A 442 -10.02 39.91 -25.76
CA TRP A 442 -8.76 39.51 -25.11
C TRP A 442 -7.66 40.55 -25.32
N ALA A 443 -7.88 41.47 -26.26
CA ALA A 443 -6.91 42.55 -26.56
C ALA A 443 -7.28 43.89 -25.93
N PHE A 444 -8.55 44.05 -25.57
CA PHE A 444 -9.05 45.31 -25.02
C PHE A 444 -8.68 45.45 -23.55
N PRO A 445 -8.32 46.68 -23.08
CA PRO A 445 -7.91 46.87 -21.69
C PRO A 445 -8.90 46.34 -20.66
N GLY A 446 -8.36 45.66 -19.64
CA GLY A 446 -9.15 45.07 -18.60
C GLY A 446 -8.88 43.57 -18.52
N LYS A 447 -9.12 43.00 -17.35
CA LYS A 447 -8.92 41.56 -17.18
C LYS A 447 -10.09 40.79 -17.81
N LYS A 448 -9.93 39.48 -17.94
CA LYS A 448 -10.91 38.68 -18.68
C LYS A 448 -11.66 37.72 -17.78
N LEU A 449 -12.95 37.55 -18.05
CA LEU A 449 -13.77 36.52 -17.38
C LEU A 449 -14.70 35.90 -18.38
N LEU A 450 -14.74 34.57 -18.38
CA LEU A 450 -15.55 33.85 -19.34
C LEU A 450 -16.27 32.72 -18.63
N PHE A 451 -17.60 32.67 -18.74
CA PHE A 451 -18.37 31.63 -18.10
C PHE A 451 -18.29 30.30 -18.88
N MET A 452 -18.24 29.20 -18.12
CA MET A 452 -18.23 27.86 -18.68
C MET A 452 -19.28 27.65 -19.77
N GLY A 453 -18.89 26.94 -20.83
CA GLY A 453 -19.74 26.78 -22.00
C GLY A 453 -19.46 27.82 -23.08
N ASN A 454 -19.12 29.04 -22.68
CA ASN A 454 -18.80 30.07 -23.67
C ASN A 454 -17.57 29.69 -24.50
N GLU A 455 -16.63 28.95 -23.89
CA GLU A 455 -15.35 28.71 -24.57
C GLU A 455 -15.46 27.70 -25.71
N PHE A 456 -16.55 26.93 -25.74
CA PHE A 456 -16.78 26.07 -26.89
C PHE A 456 -18.04 26.42 -27.66
N ALA A 457 -18.52 27.65 -27.46
CA ALA A 457 -19.68 28.20 -28.15
C ALA A 457 -20.89 27.29 -27.97
N GLN A 458 -21.26 27.01 -26.73
CA GLN A 458 -22.51 26.28 -26.47
C GLN A 458 -23.67 27.01 -27.16
N GLY A 459 -24.58 26.25 -27.77
CA GLY A 459 -25.74 26.83 -28.44
C GLY A 459 -26.82 27.22 -27.46
N ARG A 460 -27.16 26.29 -26.57
CA ARG A 460 -28.23 26.51 -25.59
C ARG A 460 -27.79 27.39 -24.45
N GLU A 461 -28.75 28.04 -23.80
CA GLU A 461 -28.49 28.73 -22.54
C GLU A 461 -27.97 27.81 -21.44
N TRP A 462 -27.35 28.42 -20.42
CA TRP A 462 -26.87 27.67 -19.27
C TRP A 462 -28.04 27.11 -18.47
N ASN A 463 -28.04 25.80 -18.26
CA ASN A 463 -29.01 25.16 -17.38
C ASN A 463 -28.33 24.64 -16.12
N HIS A 464 -28.60 25.29 -14.98
CA HIS A 464 -27.99 24.93 -13.71
C HIS A 464 -28.35 23.52 -13.27
N ASP A 465 -29.36 22.94 -13.91
CA ASP A 465 -29.87 21.63 -13.46
C ASP A 465 -29.34 20.50 -14.35
N ALA A 466 -28.43 20.81 -15.26
CA ALA A 466 -27.87 19.79 -16.12
C ALA A 466 -26.40 20.06 -16.43
N SER A 467 -25.74 19.10 -17.05
CA SER A 467 -24.37 19.31 -17.48
C SER A 467 -24.33 20.32 -18.62
N LEU A 468 -23.17 20.97 -18.83
CA LEU A 468 -22.99 21.74 -20.06
C LEU A 468 -23.06 20.80 -21.25
N ASP A 469 -23.19 21.36 -22.44
CA ASP A 469 -23.41 20.57 -23.64
C ASP A 469 -22.11 20.07 -24.24
N TRP A 470 -21.38 19.28 -23.46
CA TRP A 470 -20.13 18.67 -23.93
C TRP A 470 -20.29 17.79 -25.17
N HIS A 471 -21.52 17.33 -25.42
CA HIS A 471 -21.76 16.49 -26.61
C HIS A 471 -21.44 17.20 -27.92
N LEU A 472 -21.46 18.53 -27.89
CA LEU A 472 -21.15 19.34 -29.07
C LEU A 472 -19.74 19.07 -29.57
N LEU A 473 -18.91 18.60 -28.66
CA LEU A 473 -17.49 18.35 -28.94
C LEU A 473 -17.19 16.89 -29.26
N GLU A 474 -18.24 16.07 -29.35
CA GLU A 474 -18.07 14.67 -29.75
C GLU A 474 -17.94 14.56 -31.24
N GLY A 475 -17.28 13.51 -31.69
CA GLY A 475 -17.16 13.22 -33.10
C GLY A 475 -16.01 13.94 -33.76
N GLY A 476 -16.09 14.07 -35.08
CA GLY A 476 -15.00 14.67 -35.85
C GLY A 476 -14.83 16.14 -35.48
N ASP A 477 -13.63 16.66 -35.71
CA ASP A 477 -13.33 18.06 -35.36
C ASP A 477 -14.32 19.01 -36.00
N ASN A 478 -14.85 19.95 -35.23
CA ASN A 478 -15.92 20.81 -35.73
C ASN A 478 -15.77 22.29 -35.28
N TRP A 479 -16.76 23.13 -35.59
CA TRP A 479 -16.63 24.56 -35.34
C TRP A 479 -16.53 24.88 -33.87
N HIS A 480 -17.14 24.06 -33.03
CA HIS A 480 -17.04 24.23 -31.59
C HIS A 480 -15.62 23.98 -31.09
N HIS A 481 -14.98 22.93 -31.62
CA HIS A 481 -13.55 22.68 -31.28
C HIS A 481 -12.69 23.85 -31.69
N GLY A 482 -13.05 24.46 -32.81
CA GLY A 482 -12.34 25.61 -33.36
C GLY A 482 -12.36 26.79 -32.39
N VAL A 483 -13.54 27.10 -31.85
CA VAL A 483 -13.65 28.14 -30.82
C VAL A 483 -12.85 27.81 -29.55
N GLN A 484 -12.98 26.59 -29.06
CA GLN A 484 -12.22 26.14 -27.91
C GLN A 484 -10.69 26.29 -28.12
N ARG A 485 -10.18 25.90 -29.28
CA ARG A 485 -8.76 26.15 -29.58
C ARG A 485 -8.42 27.63 -29.59
N LEU A 486 -9.30 28.48 -30.10
CA LEU A 486 -9.02 29.91 -30.12
C LEU A 486 -8.93 30.52 -28.70
N VAL A 487 -9.83 30.10 -27.83
CA VAL A 487 -9.85 30.65 -26.46
C VAL A 487 -8.55 30.26 -25.76
N ARG A 488 -8.14 29.03 -25.97
CA ARG A 488 -6.85 28.58 -25.41
C ARG A 488 -5.67 29.40 -25.98
N ASP A 489 -5.59 29.52 -27.31
CA ASP A 489 -4.56 30.36 -27.94
C ASP A 489 -4.60 31.81 -27.46
N LEU A 490 -5.81 32.38 -27.34
CA LEU A 490 -5.96 33.72 -26.78
C LEU A 490 -5.40 33.82 -25.38
N ASN A 491 -5.77 32.89 -24.49
CA ASN A 491 -5.22 32.89 -23.13
C ASN A 491 -3.69 32.80 -23.12
N LEU A 492 -3.13 31.89 -23.91
CA LEU A 492 -1.68 31.66 -23.84
C LEU A 492 -0.91 32.82 -24.47
N THR A 493 -1.49 33.41 -25.50
CA THR A 493 -0.86 34.56 -26.17
C THR A 493 -0.94 35.79 -25.28
N TYR A 494 -2.11 36.00 -24.68
CA TYR A 494 -2.36 37.11 -23.77
C TYR A 494 -1.39 37.03 -22.59
N ARG A 495 -1.15 35.83 -22.07
CA ARG A 495 -0.23 35.70 -20.95
C ARG A 495 1.25 35.86 -21.31
N HIS A 496 1.60 35.51 -22.54
CA HIS A 496 3.01 35.46 -22.91
C HIS A 496 3.56 36.86 -23.14
N HIS A 497 2.72 37.73 -23.67
CA HIS A 497 3.17 39.08 -24.08
C HIS A 497 2.76 40.15 -23.06
N LYS A 498 3.73 40.78 -22.42
CA LYS A 498 3.46 41.82 -21.41
C LYS A 498 2.50 42.91 -21.91
N ALA A 499 2.62 43.27 -23.18
CA ALA A 499 1.86 44.41 -23.72
C ALA A 499 0.35 44.19 -23.61
N MET A 500 -0.07 42.93 -23.62
CA MET A 500 -1.49 42.58 -23.58
C MET A 500 -2.11 42.73 -22.21
N HIS A 501 -1.31 42.86 -21.16
CA HIS A 501 -1.88 42.84 -19.82
C HIS A 501 -1.21 43.70 -18.77
N GLU A 502 -0.05 44.24 -19.06
CA GLU A 502 0.77 44.85 -18.01
C GLU A 502 0.32 46.27 -17.63
N LEU A 503 -0.26 47.00 -18.59
CA LEU A 503 -0.65 48.39 -18.39
C LEU A 503 -2.12 48.64 -18.78
N ASP A 504 -2.99 47.69 -18.42
CA ASP A 504 -4.44 47.87 -18.61
C ASP A 504 -4.96 49.21 -18.07
N PHE A 505 -4.33 49.68 -17.00
CA PHE A 505 -4.89 50.77 -16.22
C PHE A 505 -4.07 52.04 -16.32
N ASP A 506 -3.15 52.03 -17.28
CA ASP A 506 -2.29 53.17 -17.57
C ASP A 506 -2.53 53.56 -19.02
N PRO A 507 -2.80 54.86 -19.27
CA PRO A 507 -3.05 55.36 -20.63
C PRO A 507 -1.93 54.99 -21.57
N TYR A 508 -0.73 54.84 -21.04
CA TYR A 508 0.41 54.42 -21.83
C TYR A 508 0.23 52.99 -22.40
N GLY A 509 -0.68 52.21 -21.82
CA GLY A 509 -0.89 50.83 -22.25
C GLY A 509 -1.79 50.62 -23.47
N PHE A 510 -2.43 51.69 -23.93
CA PHE A 510 -3.37 51.62 -25.06
C PHE A 510 -3.24 52.89 -25.91
N GLU A 511 -3.16 52.72 -27.22
CA GLU A 511 -3.27 53.85 -28.15
C GLU A 511 -4.02 53.48 -29.43
N TRP A 512 -5.00 54.30 -29.80
CA TRP A 512 -5.69 54.07 -31.07
C TRP A 512 -4.78 54.28 -32.25
N LEU A 513 -4.87 53.41 -33.24
CA LEU A 513 -4.23 53.69 -34.51
C LEU A 513 -5.28 54.13 -35.56
N VAL A 514 -6.41 53.45 -35.57
CA VAL A 514 -7.55 53.81 -36.43
C VAL A 514 -8.84 53.73 -35.62
N VAL A 515 -9.31 54.89 -35.16
CA VAL A 515 -10.44 54.94 -34.25
C VAL A 515 -11.72 55.36 -35.00
N ASP A 516 -11.56 55.84 -36.23
CA ASP A 516 -12.69 56.47 -36.92
CA ASP A 516 -12.66 56.49 -36.95
C ASP A 516 -13.04 55.87 -38.29
N ASP A 517 -12.63 54.62 -38.53
CA ASP A 517 -13.08 53.95 -39.76
C ASP A 517 -14.45 53.33 -39.52
N LYS A 518 -15.44 54.21 -39.40
CA LYS A 518 -16.81 53.77 -39.15
C LYS A 518 -17.41 53.10 -40.39
N GLU A 519 -17.17 53.71 -41.54
CA GLU A 519 -17.68 53.26 -42.84
CA GLU A 519 -17.74 53.25 -42.80
C GLU A 519 -17.37 51.79 -43.09
N ARG A 520 -16.17 51.37 -42.70
CA ARG A 520 -15.75 49.99 -42.89
C ARG A 520 -15.80 49.10 -41.64
N SER A 521 -16.15 49.68 -40.49
CA SER A 521 -16.13 48.94 -39.20
C SER A 521 -14.78 48.21 -39.01
N VAL A 522 -13.70 48.93 -39.28
CA VAL A 522 -12.35 48.44 -38.97
C VAL A 522 -11.81 49.28 -37.82
N LEU A 523 -11.29 48.64 -36.77
CA LEU A 523 -10.72 49.35 -35.64
C LEU A 523 -9.35 48.77 -35.36
N ILE A 524 -8.38 49.67 -35.16
CA ILE A 524 -7.00 49.26 -34.94
C ILE A 524 -6.40 50.02 -33.76
N PHE A 525 -5.78 49.29 -32.83
CA PHE A 525 -5.10 49.93 -31.71
C PHE A 525 -3.79 49.20 -31.41
N VAL A 526 -2.98 49.84 -30.57
CA VAL A 526 -1.84 49.17 -29.93
C VAL A 526 -2.03 48.96 -28.43
N ARG A 527 -1.46 47.86 -27.93
CA ARG A 527 -1.33 47.66 -26.51
C ARG A 527 0.18 47.79 -26.32
N ARG A 528 0.62 48.27 -25.16
CA ARG A 528 2.03 48.61 -24.97
C ARG A 528 2.51 48.18 -23.58
N ASP A 529 3.70 47.59 -23.50
CA ASP A 529 4.25 47.19 -22.20
C ASP A 529 5.13 48.30 -21.63
N LYS A 530 5.70 48.08 -20.45
CA LYS A 530 6.45 49.12 -19.77
C LYS A 530 7.72 49.51 -20.52
N GLU A 531 8.25 48.57 -21.30
CA GLU A 531 9.46 48.83 -22.08
C GLU A 531 9.14 49.52 -23.38
N GLY A 532 7.86 49.77 -23.63
CA GLY A 532 7.43 50.45 -24.85
C GLY A 532 7.23 49.58 -26.09
N ASN A 533 7.24 48.26 -25.93
CA ASN A 533 6.95 47.38 -27.07
C ASN A 533 5.47 47.41 -27.36
N GLU A 534 5.12 47.39 -28.65
CA GLU A 534 3.73 47.51 -29.09
C GLU A 534 3.25 46.27 -29.83
N ILE A 535 2.00 45.89 -29.59
CA ILE A 535 1.34 44.86 -30.36
C ILE A 535 0.16 45.52 -31.02
N ILE A 536 0.05 45.37 -32.34
CA ILE A 536 -1.05 45.96 -33.11
C ILE A 536 -2.21 44.99 -33.13
N VAL A 537 -3.41 45.50 -32.81
CA VAL A 537 -4.62 44.69 -32.87
C VAL A 537 -5.52 45.36 -33.90
N ALA A 538 -5.96 44.58 -34.89
CA ALA A 538 -6.85 45.07 -35.93
C ALA A 538 -8.07 44.15 -36.04
N SER A 539 -9.26 44.76 -36.06
CA SER A 539 -10.48 43.96 -36.17
C SER A 539 -11.28 44.48 -37.34
N ASN A 540 -11.86 43.55 -38.10
CA ASN A 540 -12.68 43.85 -39.27
C ASN A 540 -14.07 43.27 -39.00
N PHE A 541 -15.02 44.14 -38.67
CA PHE A 541 -16.31 43.63 -38.22
C PHE A 541 -17.37 43.60 -39.32
N THR A 542 -16.95 43.51 -40.58
CA THR A 542 -17.91 43.18 -41.65
C THR A 542 -17.42 41.96 -42.43
N PRO A 543 -18.31 41.35 -43.24
CA PRO A 543 -17.92 40.22 -44.09
C PRO A 543 -17.07 40.64 -45.30
N VAL A 544 -16.77 41.92 -45.43
CA VAL A 544 -15.94 42.39 -46.53
C VAL A 544 -14.43 42.24 -46.21
N PRO A 545 -13.72 41.36 -46.94
CA PRO A 545 -12.28 41.30 -46.67
C PRO A 545 -11.61 42.61 -47.10
N ARG A 546 -10.59 43.06 -46.37
CA ARG A 546 -9.96 44.32 -46.73
C ARG A 546 -8.52 44.05 -47.12
N HIS A 547 -8.17 44.40 -48.35
CA HIS A 547 -6.81 44.19 -48.83
C HIS A 547 -6.11 45.53 -49.00
N ASP A 548 -4.81 45.55 -48.81
CA ASP A 548 -4.02 46.78 -48.92
C ASP A 548 -4.59 47.86 -48.02
N TYR A 549 -5.00 47.48 -46.83
CA TYR A 549 -5.49 48.45 -45.87
C TYR A 549 -4.29 49.12 -45.20
N ARG A 550 -4.06 50.39 -45.53
CA ARG A 550 -2.91 51.12 -45.00
C ARG A 550 -3.27 51.92 -43.76
N PHE A 551 -2.45 51.81 -42.71
CA PHE A 551 -2.63 52.62 -41.52
C PHE A 551 -1.29 53.01 -40.90
N GLY A 552 -1.27 54.18 -40.27
CA GLY A 552 -0.10 54.67 -39.58
C GLY A 552 0.28 53.79 -38.39
N ILE A 553 1.58 53.59 -38.20
CA ILE A 553 2.09 52.86 -37.05
C ILE A 553 3.19 53.66 -36.37
N ASN A 554 3.59 53.24 -35.17
CA ASN A 554 4.58 53.97 -34.38
C ASN A 554 5.98 53.41 -34.52
N GLN A 555 6.10 52.09 -34.67
CA GLN A 555 7.42 51.42 -34.67
C GLN A 555 7.71 50.71 -35.99
N PRO A 556 8.36 51.40 -36.93
CA PRO A 556 8.62 50.84 -38.26
C PRO A 556 9.48 49.59 -38.13
N GLY A 557 9.46 48.76 -39.17
CA GLY A 557 10.16 47.48 -39.15
C GLY A 557 9.27 46.37 -39.65
N LYS A 558 9.62 45.15 -39.26
CA LYS A 558 8.98 43.94 -39.77
C LYS A 558 7.92 43.51 -38.77
N TRP A 559 6.71 43.23 -39.26
CA TRP A 559 5.61 42.87 -38.38
C TRP A 559 4.99 41.55 -38.83
N ARG A 560 4.53 40.74 -37.87
CA ARG A 560 4.09 39.37 -38.15
C ARG A 560 2.89 39.04 -37.25
N GLU A 561 1.92 38.29 -37.78
CA GLU A 561 0.71 37.95 -37.01
C GLU A 561 1.08 36.97 -35.92
N ILE A 562 0.65 37.24 -34.69
CA ILE A 562 0.73 36.24 -33.62
C ILE A 562 -0.65 35.69 -33.23
N LEU A 563 -1.70 36.28 -33.78
CA LEU A 563 -3.06 35.75 -33.56
C LEU A 563 -3.91 36.13 -34.75
N ASN A 564 -4.72 35.19 -35.25
CA ASN A 564 -5.60 35.47 -36.40
C ASN A 564 -6.86 34.65 -36.22
N THR A 565 -7.97 35.28 -35.87
CA THR A 565 -9.19 34.52 -35.63
C THR A 565 -9.79 33.85 -36.88
N ASP A 566 -9.25 34.17 -38.06
CA ASP A 566 -9.73 33.53 -39.29
C ASP A 566 -8.85 32.36 -39.66
N SER A 567 -7.91 32.00 -38.79
CA SER A 567 -7.04 30.87 -39.11
C SER A 567 -7.85 29.60 -39.36
N MET A 568 -7.43 28.81 -40.34
CA MET A 568 -8.00 27.47 -40.51
C MET A 568 -7.94 26.60 -39.24
N HIS A 569 -7.01 26.91 -38.33
N HIS A 569 -7.02 26.90 -38.32
CA HIS A 569 -6.92 26.22 -37.04
CA HIS A 569 -6.95 26.14 -37.06
C HIS A 569 -8.21 26.33 -36.24
C HIS A 569 -8.22 26.32 -36.22
N TYR A 570 -8.98 27.39 -36.49
CA TYR A 570 -10.26 27.61 -35.79
C TYR A 570 -11.44 27.47 -36.75
N HIS A 571 -11.19 26.82 -37.90
CA HIS A 571 -12.19 26.67 -38.95
C HIS A 571 -12.58 27.98 -39.63
N GLY A 572 -11.65 28.94 -39.59
CA GLY A 572 -11.75 30.15 -40.40
C GLY A 572 -11.29 29.88 -41.81
N SER A 573 -11.31 30.91 -42.65
CA SER A 573 -11.01 30.74 -44.07
C SER A 573 -9.51 30.81 -44.37
N ASN A 574 -8.72 31.07 -43.34
CA ASN A 574 -7.27 31.13 -43.46
C ASN A 574 -6.76 32.33 -44.23
N ALA A 575 -7.54 33.40 -44.27
CA ALA A 575 -7.05 34.65 -44.86
C ALA A 575 -6.15 35.38 -43.86
N GLY A 576 -5.28 36.22 -44.38
CA GLY A 576 -4.36 36.94 -43.51
C GLY A 576 -3.12 37.34 -44.27
N ASN A 577 -2.07 37.70 -43.56
CA ASN A 577 -0.90 38.31 -44.20
C ASN A 577 0.19 37.35 -44.67
N GLY A 578 0.07 36.08 -44.29
CA GLY A 578 0.89 35.02 -44.86
C GLY A 578 2.38 35.25 -44.72
N GLY A 579 2.78 35.86 -43.61
CA GLY A 579 4.20 36.05 -43.33
C GLY A 579 4.54 37.43 -42.85
N THR A 580 5.82 37.76 -42.88
CA THR A 580 6.30 39.04 -42.37
C THR A 580 5.86 40.16 -43.29
N VAL A 581 5.43 41.30 -42.72
CA VAL A 581 5.17 42.49 -43.53
C VAL A 581 6.00 43.66 -43.04
N HIS A 582 6.73 44.30 -43.95
CA HIS A 582 7.50 45.47 -43.57
C HIS A 582 6.70 46.76 -43.71
N SER A 583 6.89 47.68 -42.76
CA SER A 583 6.25 48.98 -42.86
C SER A 583 6.84 49.80 -44.01
N ASP A 584 6.13 50.87 -44.38
CA ASP A 584 6.54 51.76 -45.44
C ASP A 584 6.67 53.15 -44.87
N GLU A 585 7.64 53.92 -45.39
CA GLU A 585 7.71 55.33 -45.06
C GLU A 585 6.71 56.10 -45.93
N ILE A 586 5.44 55.76 -45.75
CA ILE A 586 4.35 56.45 -46.41
C ILE A 586 3.42 56.92 -45.31
N ALA A 587 3.22 58.23 -45.24
CA ALA A 587 2.47 58.82 -44.15
C ALA A 587 1.01 58.38 -44.22
N SER A 588 0.39 58.22 -43.06
CA SER A 588 -1.00 57.77 -42.94
C SER A 588 -1.48 58.07 -41.53
N HIS A 589 -2.72 58.55 -41.40
CA HIS A 589 -3.32 58.91 -40.10
C HIS A 589 -2.38 59.76 -39.23
N GLY A 590 -1.75 60.76 -39.84
CA GLY A 590 -0.91 61.69 -39.11
C GLY A 590 0.43 61.10 -38.69
N ARG A 591 0.68 59.86 -39.09
CA ARG A 591 1.90 59.16 -38.72
C ARG A 591 2.82 59.06 -39.94
N GLN A 592 4.14 59.08 -39.73
CA GLN A 592 5.09 59.13 -40.84
C GLN A 592 5.35 57.76 -41.51
N HIS A 593 5.19 56.70 -40.72
CA HIS A 593 5.32 55.35 -41.25
C HIS A 593 4.00 54.58 -41.15
N SER A 594 3.81 53.62 -42.05
CA SER A 594 2.56 52.88 -42.11
C SER A 594 2.72 51.38 -42.43
N LEU A 595 1.72 50.59 -42.07
CA LEU A 595 1.63 49.21 -42.55
C LEU A 595 0.46 49.10 -43.49
N SER A 596 0.59 48.24 -44.51
CA SER A 596 -0.51 47.94 -45.44
C SER A 596 -0.82 46.43 -45.41
N LEU A 597 -1.93 46.09 -44.76
CA LEU A 597 -2.25 44.71 -44.45
C LEU A 597 -3.53 44.20 -45.09
N THR A 598 -3.63 42.87 -45.11
CA THR A 598 -4.88 42.17 -45.32
C THR A 598 -5.60 42.03 -43.98
N LEU A 599 -6.85 42.49 -43.91
CA LEU A 599 -7.67 42.29 -42.71
C LEU A 599 -8.78 41.30 -43.08
N PRO A 600 -8.68 40.04 -42.61
CA PRO A 600 -9.70 39.05 -42.93
C PRO A 600 -11.10 39.50 -42.53
N PRO A 601 -12.12 39.02 -43.26
CA PRO A 601 -13.52 39.39 -42.97
C PRO A 601 -13.99 38.81 -41.64
N LEU A 602 -14.76 39.59 -40.87
CA LEU A 602 -15.29 39.17 -39.57
C LEU A 602 -14.21 38.51 -38.69
N ALA A 603 -13.12 39.23 -38.45
CA ALA A 603 -11.97 38.62 -37.80
C ALA A 603 -11.11 39.65 -37.08
N THR A 604 -10.32 39.20 -36.10
CA THR A 604 -9.29 40.08 -35.59
C THR A 604 -7.95 39.42 -35.57
N ILE A 605 -6.94 40.24 -35.78
CA ILE A 605 -5.57 39.77 -35.89
C ILE A 605 -4.72 40.57 -34.92
N TRP A 606 -3.65 39.97 -34.39
CA TRP A 606 -2.74 40.70 -33.51
C TRP A 606 -1.38 40.51 -34.17
N LEU A 607 -0.56 41.56 -34.13
CA LEU A 607 0.76 41.54 -34.79
C LEU A 607 1.87 41.98 -33.87
N VAL A 608 3.02 41.32 -33.98
CA VAL A 608 4.21 41.66 -33.16
C VAL A 608 5.33 42.15 -34.08
N ARG A 609 6.19 43.03 -33.56
CA ARG A 609 7.35 43.49 -34.34
C ARG A 609 8.51 42.51 -34.20
N GLU A 610 9.12 42.12 -35.31
CA GLU A 610 10.27 41.22 -35.26
C GLU A 610 11.55 42.03 -35.02
N ALA A 611 12.37 41.57 -34.10
CA ALA A 611 13.66 42.21 -33.86
C ALA A 611 14.55 41.98 -35.09
N GLU A 612 15.51 42.87 -35.30
CA GLU A 612 16.45 42.67 -36.40
C GLU A 612 17.89 42.74 -35.92
N THR B 1 35.19 28.42 3.46
CA THR B 1 36.53 27.84 3.53
C THR B 1 37.07 27.51 2.15
N HIS B 2 37.77 26.37 2.06
CA HIS B 2 38.47 25.93 0.85
C HIS B 2 37.52 25.53 -0.29
N LEU B 3 36.24 25.43 -0.01
CA LEU B 3 35.28 25.07 -1.04
C LEU B 3 35.08 26.19 -2.05
N ARG B 4 35.30 27.43 -1.61
CA ARG B 4 35.05 28.57 -2.48
C ARG B 4 36.25 29.50 -2.60
N PRO B 5 37.32 29.01 -3.25
CA PRO B 5 38.56 29.78 -3.37
C PRO B 5 38.36 31.12 -4.09
N TYR B 6 37.37 31.19 -4.96
CA TYR B 6 37.09 32.42 -5.72
C TYR B 6 36.61 33.57 -4.83
N GLU B 7 36.27 33.28 -3.59
CA GLU B 7 35.83 34.32 -2.67
C GLU B 7 37.01 35.06 -2.03
N THR B 8 38.22 34.51 -2.19
CA THR B 8 39.43 35.17 -1.67
C THR B 8 40.46 35.39 -2.78
N LEU B 9 40.73 34.35 -3.56
CA LEU B 9 41.68 34.45 -4.66
C LEU B 9 41.15 35.31 -5.80
N GLY B 10 42.05 35.92 -6.55
CA GLY B 10 41.69 36.87 -7.60
C GLY B 10 41.74 38.31 -7.10
N ALA B 11 40.99 39.20 -7.75
CA ALA B 11 40.98 40.63 -7.40
C ALA B 11 39.66 41.01 -6.76
N HIS B 12 39.72 41.46 -5.50
CA HIS B 12 38.54 41.77 -4.72
C HIS B 12 38.67 43.12 -4.03
N ALA B 13 37.57 43.88 -3.98
CA ALA B 13 37.53 45.17 -3.27
C ALA B 13 37.81 44.97 -1.79
N ASP B 14 38.62 45.86 -1.21
CA ASP B 14 38.91 45.82 0.21
C ASP B 14 39.11 47.24 0.76
N THR B 15 39.08 47.35 2.08
CA THR B 15 39.42 48.59 2.76
C THR B 15 40.38 48.25 3.89
N MET B 16 41.57 48.86 3.87
CA MET B 16 42.53 48.69 4.94
C MET B 16 42.66 50.01 5.68
N ASP B 17 42.24 50.02 6.94
CA ASP B 17 42.39 51.19 7.81
C ASP B 17 41.86 52.47 7.17
N GLY B 18 40.65 52.41 6.62
CA GLY B 18 40.04 53.57 6.01
C GLY B 18 40.21 53.70 4.51
N VAL B 19 41.28 53.11 3.97
CA VAL B 19 41.62 53.30 2.56
C VAL B 19 41.07 52.18 1.69
N THR B 20 40.31 52.54 0.67
CA THR B 20 39.77 51.55 -0.26
C THR B 20 40.80 51.23 -1.32
N GLY B 21 40.70 50.03 -1.88
CA GLY B 21 41.52 49.62 -3.01
C GLY B 21 41.14 48.19 -3.32
N THR B 22 41.93 47.50 -4.13
CA THR B 22 41.65 46.08 -4.32
C THR B 22 42.78 45.20 -3.84
N ARG B 23 42.40 44.07 -3.25
CA ARG B 23 43.37 43.06 -2.85
C ARG B 23 43.49 42.05 -3.98
N PHE B 24 44.73 41.76 -4.36
CA PHE B 24 45.03 40.78 -5.39
C PHE B 24 45.63 39.57 -4.71
N SER B 25 45.19 38.38 -5.11
CA SER B 25 45.75 37.13 -4.58
C SER B 25 45.90 36.10 -5.70
N VAL B 26 47.05 35.44 -5.78
CA VAL B 26 47.29 34.46 -6.84
C VAL B 26 48.17 33.31 -6.36
N TRP B 27 47.68 32.08 -6.54
CA TRP B 27 48.43 30.89 -6.12
C TRP B 27 49.53 30.59 -7.12
N ALA B 28 50.78 30.64 -6.66
CA ALA B 28 51.92 30.46 -7.55
C ALA B 28 53.17 30.05 -6.75
N PRO B 29 53.12 28.89 -6.10
CA PRO B 29 54.13 28.58 -5.09
C PRO B 29 55.59 28.61 -5.54
N ASN B 30 55.87 28.30 -6.79
CA ASN B 30 57.26 28.20 -7.25
C ASN B 30 57.79 29.43 -7.99
N ALA B 31 56.97 30.47 -8.11
CA ALA B 31 57.43 31.70 -8.75
C ALA B 31 58.50 32.34 -7.89
N ARG B 32 59.48 32.97 -8.54
CA ARG B 32 60.54 33.69 -7.82
C ARG B 32 60.07 35.07 -7.39
N ARG B 33 59.26 35.70 -8.24
CA ARG B 33 58.60 36.95 -7.87
C ARG B 33 57.36 37.15 -8.73
N VAL B 34 56.40 37.86 -8.17
CA VAL B 34 55.17 38.21 -8.89
C VAL B 34 54.80 39.67 -8.60
N SER B 35 54.52 40.43 -9.65
CA SER B 35 54.05 41.80 -9.50
C SER B 35 52.65 41.95 -10.11
N VAL B 36 51.85 42.86 -9.57
CA VAL B 36 50.59 43.23 -10.22
C VAL B 36 50.82 44.39 -11.18
N VAL B 37 50.57 44.16 -12.47
CA VAL B 37 50.67 45.24 -13.44
C VAL B 37 49.28 45.57 -14.02
N GLY B 38 49.03 46.84 -14.27
CA GLY B 38 47.74 47.23 -14.83
C GLY B 38 47.65 48.70 -15.15
N GLN B 39 46.44 49.15 -15.49
CA GLN B 39 46.23 50.54 -15.83
C GLN B 39 46.58 51.49 -14.68
N PHE B 40 46.35 51.05 -13.44
CA PHE B 40 46.69 51.86 -12.27
C PHE B 40 48.22 51.99 -12.09
N ASN B 41 48.97 51.21 -12.87
CA ASN B 41 50.42 51.05 -12.71
C ASN B 41 51.18 51.53 -13.92
N TYR B 42 50.41 51.87 -14.96
CA TYR B 42 50.93 52.03 -16.32
C TYR B 42 51.78 50.82 -16.71
N TRP B 43 51.33 49.69 -16.17
CA TRP B 43 51.86 48.36 -16.47
C TRP B 43 53.33 48.24 -16.05
N ASP B 44 53.68 48.90 -14.95
CA ASP B 44 55.08 48.91 -14.50
C ASP B 44 55.32 47.82 -13.49
N GLY B 45 56.05 46.79 -13.92
CA GLY B 45 56.33 45.63 -13.08
C GLY B 45 57.10 45.91 -11.81
N ARG B 46 57.68 47.11 -11.71
CA ARG B 46 58.48 47.43 -10.54
C ARG B 46 57.66 48.05 -9.41
N ARG B 47 56.48 48.58 -9.73
CA ARG B 47 55.77 49.42 -8.78
C ARG B 47 54.99 48.70 -7.70
N HIS B 48 54.48 47.51 -8.00
CA HIS B 48 53.69 46.79 -7.02
C HIS B 48 54.06 45.31 -6.94
N PRO B 49 55.23 45.01 -6.36
CA PRO B 49 55.60 43.60 -6.12
C PRO B 49 54.70 42.99 -5.06
N MET B 50 54.29 41.74 -5.26
CA MET B 50 53.42 41.06 -4.30
C MET B 50 54.23 40.34 -3.21
N ARG B 51 53.56 39.96 -2.13
CA ARG B 51 54.20 39.27 -1.01
C ARG B 51 53.75 37.80 -0.92
N LEU B 52 54.71 36.86 -0.89
CA LEU B 52 54.40 35.44 -0.87
C LEU B 52 54.10 34.96 0.55
N ARG B 53 52.91 34.39 0.76
CA ARG B 53 52.62 33.71 2.01
C ARG B 53 53.08 32.26 1.87
N LYS B 54 54.23 31.95 2.47
CA LYS B 54 54.91 30.68 2.22
C LYS B 54 54.08 29.45 2.56
N GLU B 55 53.30 29.54 3.63
CA GLU B 55 52.47 28.44 4.07
C GLU B 55 51.52 27.94 2.97
N SER B 56 51.07 28.84 2.11
CA SER B 56 49.99 28.56 1.17
C SER B 56 50.41 28.66 -0.29
N GLY B 57 51.56 29.25 -0.54
CA GLY B 57 52.02 29.47 -1.90
C GLY B 57 51.30 30.60 -2.61
N ILE B 58 50.55 31.40 -1.85
CA ILE B 58 49.76 32.48 -2.43
C ILE B 58 50.45 33.85 -2.31
N TRP B 59 50.61 34.54 -3.44
CA TRP B 59 51.12 35.90 -3.43
C TRP B 59 49.95 36.86 -3.23
N GLU B 60 50.14 37.87 -2.39
CA GLU B 60 49.06 38.83 -2.13
C GLU B 60 49.54 40.28 -2.03
N LEU B 61 48.64 41.20 -2.37
CA LEU B 61 48.97 42.61 -2.28
C LEU B 61 47.70 43.43 -2.32
N PHE B 62 47.57 44.35 -1.37
CA PHE B 62 46.51 45.34 -1.43
C PHE B 62 47.03 46.60 -2.13
N ILE B 63 46.25 47.12 -3.07
CA ILE B 63 46.64 48.32 -3.79
C ILE B 63 45.58 49.41 -3.66
N PRO B 64 45.88 50.48 -2.92
CA PRO B 64 44.92 51.59 -2.75
C PRO B 64 44.59 52.18 -4.10
N GLY B 65 43.35 52.59 -4.30
CA GLY B 65 42.97 53.27 -5.52
C GLY B 65 42.73 52.44 -6.76
N ALA B 66 43.32 51.25 -6.86
CA ALA B 66 43.01 50.37 -7.98
C ALA B 66 41.54 50.00 -7.81
N HIS B 67 40.79 49.96 -8.90
CA HIS B 67 39.34 49.87 -8.75
C HIS B 67 38.65 49.11 -9.87
N ASN B 68 37.42 48.69 -9.61
CA ASN B 68 36.58 48.01 -10.60
C ASN B 68 36.68 48.67 -11.98
N GLY B 69 36.80 47.86 -13.03
CA GLY B 69 36.90 48.39 -14.37
C GLY B 69 38.31 48.51 -14.90
N GLN B 70 39.30 48.44 -14.01
CA GLN B 70 40.69 48.50 -14.49
C GLN B 70 41.22 47.14 -14.90
N LEU B 71 42.03 47.13 -15.96
CA LEU B 71 42.63 45.91 -16.45
C LEU B 71 43.94 45.64 -15.75
N TYR B 72 44.28 44.37 -15.58
CA TYR B 72 45.49 44.00 -14.86
C TYR B 72 45.97 42.65 -15.29
N LYS B 73 47.25 42.38 -14.96
CA LYS B 73 47.84 41.07 -15.20
C LYS B 73 48.80 40.85 -14.06
N TYR B 74 49.35 39.64 -13.98
CA TYR B 74 50.46 39.40 -13.08
C TYR B 74 51.75 39.27 -13.88
N GLU B 75 52.75 40.08 -13.53
CA GLU B 75 54.05 39.97 -14.18
C GLU B 75 54.87 39.05 -13.32
N MET B 76 55.36 37.96 -13.90
CA MET B 76 55.99 36.91 -13.11
C MET B 76 57.38 36.56 -13.62
N ILE B 77 58.31 36.37 -12.69
CA ILE B 77 59.53 35.62 -12.97
C ILE B 77 59.27 34.20 -12.46
N ASP B 78 59.24 33.22 -13.36
CA ASP B 78 58.77 31.90 -12.97
C ASP B 78 59.89 31.08 -12.31
N ALA B 79 59.63 29.80 -12.07
CA ALA B 79 60.55 28.96 -11.33
C ALA B 79 61.87 28.76 -12.08
N ASN B 80 61.83 28.95 -13.39
CA ASN B 80 63.00 28.81 -14.25
C ASN B 80 63.67 30.14 -14.59
N GLY B 81 63.25 31.21 -13.91
CA GLY B 81 63.85 32.53 -14.11
C GLY B 81 63.25 33.35 -15.24
N ASN B 82 62.26 32.80 -15.94
CA ASN B 82 61.72 33.47 -17.11
C ASN B 82 60.63 34.49 -16.82
N LEU B 83 60.63 35.58 -17.57
CA LEU B 83 59.66 36.67 -17.41
C LEU B 83 58.39 36.33 -18.15
N ARG B 84 57.26 36.30 -17.44
CA ARG B 84 55.99 35.97 -18.07
C ARG B 84 54.88 36.89 -17.56
N LEU B 85 53.97 37.27 -18.45
CA LEU B 85 52.76 37.99 -18.03
C LEU B 85 51.58 37.02 -17.99
N LYS B 86 50.89 36.97 -16.87
CA LYS B 86 49.87 35.93 -16.69
C LYS B 86 48.48 36.55 -16.53
N SER B 87 47.48 35.97 -17.19
CA SER B 87 46.10 36.32 -16.89
C SER B 87 45.74 35.66 -15.57
N ASP B 88 44.85 36.26 -14.80
CA ASP B 88 44.44 35.70 -13.52
C ASP B 88 43.55 34.48 -13.79
N PRO B 89 43.88 33.31 -13.21
CA PRO B 89 43.00 32.17 -13.43
C PRO B 89 41.60 32.43 -12.85
N TYR B 90 41.52 33.33 -11.86
CA TYR B 90 40.24 33.70 -11.27
C TYR B 90 39.68 34.99 -11.85
N ALA B 91 40.02 35.29 -13.09
CA ALA B 91 39.52 36.48 -13.75
C ALA B 91 38.00 36.35 -13.83
N PHE B 92 37.27 37.31 -13.29
CA PHE B 92 35.81 37.25 -13.28
C PHE B 92 35.20 37.91 -14.51
N GLU B 93 36.05 38.66 -15.21
CA GLU B 93 35.72 39.16 -16.55
C GLU B 93 37.06 39.36 -17.25
N ALA B 94 37.13 39.06 -18.54
CA ALA B 94 38.39 39.26 -19.25
C ALA B 94 38.24 40.38 -20.26
N GLN B 95 39.36 40.93 -20.70
CA GLN B 95 39.37 41.99 -21.69
C GLN B 95 38.87 41.51 -23.04
N MET B 96 38.48 42.43 -23.91
CA MET B 96 38.03 42.06 -25.25
C MET B 96 39.14 41.42 -26.08
N ARG B 97 38.86 40.19 -26.51
CA ARG B 97 39.62 39.45 -27.49
CA ARG B 97 39.65 39.46 -27.50
C ARG B 97 40.13 40.40 -28.59
N PRO B 98 41.37 40.21 -29.08
CA PRO B 98 42.36 39.17 -28.77
C PRO B 98 43.32 39.56 -27.63
N GLU B 99 43.02 40.60 -26.86
CA GLU B 99 43.82 40.95 -25.70
C GLU B 99 43.41 40.08 -24.52
N THR B 100 44.30 39.89 -23.54
CA THR B 100 44.04 38.89 -22.50
C THR B 100 44.05 39.36 -21.04
N ALA B 101 44.09 40.67 -20.81
CA ALA B 101 44.06 41.18 -19.45
C ALA B 101 42.79 40.75 -18.71
N SER B 102 42.89 40.64 -17.40
CA SER B 102 41.74 40.47 -16.54
C SER B 102 41.20 41.84 -16.10
N LEU B 103 39.91 41.89 -15.79
CA LEU B 103 39.29 43.14 -15.36
C LEU B 103 38.91 43.02 -13.90
N ILE B 104 39.23 44.04 -13.12
CA ILE B 104 38.83 44.07 -11.72
C ILE B 104 37.31 44.28 -11.64
N CYS B 105 36.59 43.40 -10.94
CA CYS B 105 35.14 43.60 -10.79
C CYS B 105 34.52 42.88 -9.60
N GLY B 106 35.28 42.00 -8.98
CA GLY B 106 34.76 41.24 -7.86
C GLY B 106 33.65 40.27 -8.25
N LEU B 107 32.88 39.86 -7.26
CA LEU B 107 31.85 38.84 -7.45
C LEU B 107 30.46 39.48 -7.52
N PRO B 108 29.55 38.87 -8.32
CA PRO B 108 28.11 39.18 -8.27
C PRO B 108 27.55 38.84 -6.90
N GLU B 109 26.42 39.42 -6.52
CA GLU B 109 25.76 39.02 -5.28
C GLU B 109 25.32 37.55 -5.41
N LYS B 110 25.22 36.84 -4.31
CA LYS B 110 24.79 35.45 -4.40
C LYS B 110 23.32 35.38 -4.83
N VAL B 111 22.96 34.31 -5.54
CA VAL B 111 21.58 34.07 -5.93
C VAL B 111 21.04 32.88 -5.12
N VAL B 112 19.88 33.07 -4.50
CA VAL B 112 19.19 31.97 -3.80
C VAL B 112 18.43 31.16 -4.85
N GLN B 113 18.58 29.84 -4.90
CA GLN B 113 17.76 29.08 -5.83
C GLN B 113 16.37 28.91 -5.24
N THR B 114 15.34 29.13 -6.05
CA THR B 114 13.97 29.06 -5.54
C THR B 114 13.51 27.62 -5.46
N GLU B 115 12.50 27.38 -4.64
CA GLU B 115 11.92 26.04 -4.56
C GLU B 115 11.39 25.61 -5.92
N GLU B 116 10.93 26.59 -6.70
CA GLU B 116 10.38 26.29 -8.02
CA GLU B 116 10.38 26.29 -8.02
C GLU B 116 11.44 25.75 -8.97
N ARG B 117 12.62 26.37 -8.97
CA ARG B 117 13.72 25.90 -9.81
C ARG B 117 14.27 24.55 -9.32
N LYS B 118 14.29 24.33 -7.99
CA LYS B 118 14.74 23.03 -7.47
C LYS B 118 13.81 21.93 -7.95
N LYS B 119 12.52 22.21 -7.88
CA LYS B 119 11.50 21.23 -8.22
C LYS B 119 11.59 20.86 -9.70
N ALA B 120 11.98 21.84 -10.51
CA ALA B 120 12.07 21.68 -11.94
C ALA B 120 13.19 20.74 -12.35
N ASN B 121 14.12 20.50 -11.44
CA ASN B 121 15.27 19.64 -11.73
C ASN B 121 15.05 18.20 -11.28
N GLN B 122 13.95 17.95 -10.57
CA GLN B 122 13.77 16.66 -9.92
C GLN B 122 13.47 15.54 -10.90
N PHE B 123 13.66 14.31 -10.44
CA PHE B 123 13.49 13.14 -11.30
C PHE B 123 12.06 12.98 -11.80
N ASP B 124 11.10 13.44 -10.99
CA ASP B 124 9.68 13.30 -11.35
C ASP B 124 9.13 14.52 -12.13
N ALA B 125 10.01 15.42 -12.55
CA ALA B 125 9.58 16.60 -13.31
C ALA B 125 9.64 16.37 -14.81
N PRO B 126 8.79 17.09 -15.56
CA PRO B 126 9.00 17.07 -17.01
C PRO B 126 10.21 17.95 -17.30
N ILE B 127 11.20 17.39 -17.99
CA ILE B 127 12.40 18.13 -18.31
C ILE B 127 12.60 18.06 -19.81
N SER B 128 12.43 19.20 -20.47
CA SER B 128 12.68 19.28 -21.91
C SER B 128 13.64 20.46 -22.13
N ILE B 129 14.78 20.17 -22.73
CA ILE B 129 15.92 21.08 -22.75
C ILE B 129 16.16 21.57 -24.15
N TYR B 130 16.29 22.90 -24.32
CA TYR B 130 16.64 23.48 -25.60
C TYR B 130 18.12 23.81 -25.50
N GLU B 131 18.93 23.09 -26.27
CA GLU B 131 20.38 23.26 -26.24
C GLU B 131 20.77 24.35 -27.25
N VAL B 132 21.55 25.34 -26.81
CA VAL B 132 21.86 26.49 -27.66
C VAL B 132 23.34 26.87 -27.56
N HIS B 133 23.93 27.16 -28.72
CA HIS B 133 25.21 27.86 -28.82
C HIS B 133 24.94 29.35 -29.01
N LEU B 134 25.30 30.16 -28.03
CA LEU B 134 24.87 31.56 -28.03
C LEU B 134 25.42 32.31 -29.22
N GLY B 135 26.59 31.89 -29.71
CA GLY B 135 27.22 32.57 -30.83
C GLY B 135 26.60 32.33 -32.18
N SER B 136 25.58 31.47 -32.24
CA SER B 136 25.00 31.09 -33.52
C SER B 136 23.49 30.84 -33.54
N TRP B 137 22.78 31.18 -32.47
CA TRP B 137 21.33 31.00 -32.48
C TRP B 137 20.72 31.94 -33.53
N ARG B 138 21.01 33.23 -33.38
CA ARG B 138 20.66 34.24 -34.37
C ARG B 138 21.81 35.21 -34.60
N ARG B 139 21.79 35.90 -35.73
CA ARG B 139 22.73 36.99 -35.97
C ARG B 139 21.92 38.17 -36.47
N HIS B 140 22.36 39.39 -36.15
CA HIS B 140 21.76 40.58 -36.77
C HIS B 140 21.91 40.48 -38.30
N THR B 141 20.80 40.72 -39.01
CA THR B 141 20.69 40.50 -40.46
C THR B 141 21.59 41.44 -41.27
N ASP B 142 21.78 42.64 -40.76
CA ASP B 142 22.58 43.65 -41.45
C ASP B 142 24.04 43.23 -41.59
N ASN B 143 24.69 43.05 -40.44
CA ASN B 143 26.14 42.93 -40.35
C ASN B 143 26.63 41.58 -39.83
N ASN B 144 25.71 40.62 -39.66
CA ASN B 144 26.04 39.28 -39.14
C ASN B 144 26.64 39.34 -37.73
N PHE B 145 26.39 40.42 -37.00
CA PHE B 145 26.89 40.54 -35.63
C PHE B 145 26.17 39.58 -34.69
N TRP B 146 26.85 39.15 -33.63
CA TRP B 146 26.21 38.36 -32.59
C TRP B 146 25.13 39.20 -31.91
N LEU B 147 24.15 38.52 -31.31
CA LEU B 147 23.28 39.19 -30.36
C LEU B 147 24.03 39.37 -29.04
N SER B 148 23.74 40.46 -28.33
CA SER B 148 24.28 40.65 -27.00
C SER B 148 23.54 39.75 -26.01
N TYR B 149 24.07 39.63 -24.79
CA TYR B 149 23.35 38.87 -23.75
C TYR B 149 21.97 39.47 -23.53
N ARG B 150 21.88 40.79 -23.64
CA ARG B 150 20.63 41.50 -23.40
C ARG B 150 19.61 41.27 -24.52
N GLU B 151 20.09 41.20 -25.76
CA GLU B 151 19.23 40.86 -26.88
C GLU B 151 18.80 39.41 -26.81
N LEU B 152 19.69 38.58 -26.29
CA LEU B 152 19.34 37.16 -26.04
C LEU B 152 18.30 37.03 -24.95
N ALA B 153 18.41 37.85 -23.90
CA ALA B 153 17.43 37.88 -22.84
C ALA B 153 16.08 38.29 -23.42
N ASP B 154 16.10 39.18 -24.41
CA ASP B 154 14.90 39.71 -25.05
C ASP B 154 14.28 38.76 -26.07
N GLN B 155 15.12 37.91 -26.67
CA GLN B 155 14.68 37.11 -27.81
C GLN B 155 14.69 35.60 -27.59
N LEU B 156 15.79 35.08 -27.04
CA LEU B 156 15.93 33.63 -26.91
C LEU B 156 15.10 33.14 -25.76
N VAL B 157 15.09 33.91 -24.68
CA VAL B 157 14.38 33.51 -23.49
C VAL B 157 12.86 33.43 -23.78
N PRO B 158 12.29 34.49 -24.36
CA PRO B 158 10.86 34.34 -24.69
C PRO B 158 10.56 33.24 -25.71
N TYR B 159 11.42 33.04 -26.70
CA TYR B 159 11.23 31.98 -27.68
C TYR B 159 11.18 30.60 -27.01
N ALA B 160 12.17 30.33 -26.16
CA ALA B 160 12.24 29.02 -25.48
C ALA B 160 11.02 28.79 -24.59
N LYS B 161 10.60 29.84 -23.90
N LYS B 161 10.62 29.86 -23.91
CA LYS B 161 9.42 29.76 -23.05
CA LYS B 161 9.44 29.86 -23.04
C LYS B 161 8.16 29.45 -23.85
C LYS B 161 8.17 29.49 -23.83
N TRP B 162 7.92 30.23 -24.90
CA TRP B 162 6.78 29.99 -25.79
C TRP B 162 6.76 28.56 -26.36
N MET B 163 7.92 28.07 -26.78
CA MET B 163 8.06 26.73 -27.35
C MET B 163 7.79 25.60 -26.33
N GLY B 164 7.71 25.95 -25.05
CA GLY B 164 7.35 24.99 -24.03
C GLY B 164 8.51 24.25 -23.36
N PHE B 165 9.76 24.66 -23.60
CA PHE B 165 10.89 24.02 -22.93
C PHE B 165 10.94 24.45 -21.49
N THR B 166 11.51 23.60 -20.63
CA THR B 166 11.59 23.86 -19.21
C THR B 166 12.99 24.34 -18.86
N HIS B 167 13.95 23.92 -19.68
CA HIS B 167 15.36 24.24 -19.47
C HIS B 167 16.02 24.79 -20.72
N LEU B 168 16.89 25.78 -20.53
CA LEU B 168 17.79 26.22 -21.56
C LEU B 168 19.17 25.64 -21.21
N GLU B 169 19.84 25.00 -22.16
CA GLU B 169 21.22 24.53 -21.93
C GLU B 169 22.20 25.23 -22.86
N LEU B 170 23.21 25.89 -22.28
CA LEU B 170 24.17 26.68 -23.05
C LEU B 170 25.45 25.91 -23.31
N LEU B 171 25.88 25.81 -24.57
CA LEU B 171 27.27 25.39 -24.84
C LEU B 171 28.20 26.33 -24.05
N PRO B 172 29.44 25.90 -23.75
CA PRO B 172 30.19 26.59 -22.69
C PRO B 172 30.33 28.09 -22.87
N ILE B 173 30.02 28.86 -21.82
CA ILE B 173 30.17 30.31 -21.92
C ILE B 173 31.43 30.83 -21.24
N ASN B 174 32.26 29.93 -20.71
CA ASN B 174 33.57 30.38 -20.23
C ASN B 174 34.33 31.06 -21.35
N GLU B 175 35.17 32.03 -21.01
CA GLU B 175 35.95 32.73 -22.03
C GLU B 175 36.78 31.70 -22.78
N HIS B 176 36.81 31.85 -24.10
CA HIS B 176 37.51 30.96 -25.01
C HIS B 176 37.89 31.76 -26.25
N PRO B 177 39.14 31.59 -26.73
CA PRO B 177 39.61 32.48 -27.80
C PRO B 177 39.18 32.09 -29.22
N PHE B 178 38.84 30.83 -29.46
CA PHE B 178 38.49 30.43 -30.82
C PHE B 178 37.03 30.01 -30.94
N ASP B 179 36.30 30.67 -31.85
CA ASP B 179 34.87 30.47 -31.97
C ASP B 179 34.63 29.01 -32.29
N GLY B 180 35.54 28.47 -33.10
CA GLY B 180 35.46 27.11 -33.58
C GLY B 180 35.58 26.02 -32.53
N SER B 181 35.95 26.37 -31.30
CA SER B 181 35.95 25.37 -30.25
C SER B 181 34.56 25.21 -29.64
N TRP B 182 33.66 26.15 -29.96
CA TRP B 182 32.31 26.19 -29.39
C TRP B 182 32.27 26.49 -27.90
N GLY B 183 33.45 26.66 -27.30
CA GLY B 183 33.55 26.92 -25.87
C GLY B 183 34.28 25.81 -25.12
N TYR B 184 34.52 24.71 -25.80
CA TYR B 184 35.09 23.52 -25.13
C TYR B 184 36.62 23.54 -24.99
N GLN B 185 37.25 24.60 -25.50
CA GLN B 185 38.68 24.88 -25.21
C GLN B 185 38.79 26.23 -24.53
N PRO B 186 38.60 26.27 -23.22
CA PRO B 186 38.50 27.52 -22.45
C PRO B 186 39.88 28.13 -22.11
N THR B 187 39.90 29.42 -21.83
CA THR B 187 41.08 30.10 -21.27
C THR B 187 40.74 30.76 -19.94
N GLY B 188 39.46 31.04 -19.71
CA GLY B 188 39.06 31.69 -18.48
C GLY B 188 37.81 31.06 -17.89
N LEU B 189 38.01 30.20 -16.88
CA LEU B 189 36.92 29.40 -16.31
CA LEU B 189 36.93 29.40 -16.31
C LEU B 189 35.92 30.21 -15.50
N TYR B 190 36.37 31.33 -14.96
CA TYR B 190 35.51 32.13 -14.10
C TYR B 190 34.94 33.38 -14.80
N ALA B 191 35.19 33.51 -16.10
CA ALA B 191 34.73 34.69 -16.85
C ALA B 191 33.72 34.31 -17.93
N PRO B 192 32.50 34.86 -17.84
CA PRO B 192 31.58 34.68 -18.98
C PRO B 192 32.19 35.36 -20.21
N THR B 193 32.10 34.74 -21.39
CA THR B 193 32.78 35.27 -22.56
C THR B 193 32.34 36.68 -22.90
N ARG B 194 33.29 37.50 -23.31
CA ARG B 194 33.01 38.91 -23.52
C ARG B 194 32.31 39.15 -24.86
N ARG B 195 32.25 38.11 -25.68
CA ARG B 195 31.62 38.17 -27.01
C ARG B 195 30.26 38.86 -27.01
N PHE B 196 29.51 38.67 -25.92
CA PHE B 196 28.09 39.03 -25.89
C PHE B 196 27.80 40.12 -24.89
N GLY B 197 28.85 40.62 -24.25
CA GLY B 197 28.72 41.71 -23.29
C GLY B 197 29.48 41.44 -22.00
N THR B 198 29.12 42.16 -20.94
CA THR B 198 29.81 42.04 -19.67
C THR B 198 29.24 40.89 -18.84
N ARG B 199 29.93 40.56 -17.76
CA ARG B 199 29.48 39.50 -16.87
C ARG B 199 28.15 39.90 -16.23
N ASP B 200 27.93 41.20 -16.10
CA ASP B 200 26.69 41.67 -15.52
C ASP B 200 25.56 41.51 -16.55
N ASP B 201 25.92 41.62 -17.83
CA ASP B 201 24.97 41.38 -18.91
C ASP B 201 24.59 39.90 -18.92
N PHE B 202 25.55 39.04 -18.63
CA PHE B 202 25.28 37.61 -18.63
C PHE B 202 24.33 37.26 -17.48
N ARG B 203 24.55 37.89 -16.33
CA ARG B 203 23.70 37.66 -15.16
C ARG B 203 22.28 38.15 -15.42
N TYR B 204 22.17 39.29 -16.10
CA TYR B 204 20.86 39.79 -16.53
C TYR B 204 20.11 38.75 -17.37
N PHE B 205 20.84 38.13 -18.29
CA PHE B 205 20.31 37.05 -19.11
C PHE B 205 19.81 35.85 -18.31
N ILE B 206 20.61 35.38 -17.35
CA ILE B 206 20.19 34.27 -16.49
C ILE B 206 18.98 34.69 -15.65
N ASP B 207 19.00 35.92 -15.14
CA ASP B 207 17.87 36.44 -14.36
C ASP B 207 16.59 36.50 -15.21
N ALA B 208 16.77 36.80 -16.49
CA ALA B 208 15.64 36.91 -17.41
C ALA B 208 15.02 35.53 -17.66
N ALA B 209 15.89 34.55 -17.89
CA ALA B 209 15.47 33.17 -18.06
C ALA B 209 14.65 32.70 -16.87
N HIS B 210 15.14 33.00 -15.67
CA HIS B 210 14.45 32.60 -14.43
C HIS B 210 13.09 33.28 -14.32
N ALA B 211 13.06 34.57 -14.65
CA ALA B 211 11.81 35.34 -14.62
C ALA B 211 10.78 34.76 -15.61
N ALA B 212 11.28 34.16 -16.68
CA ALA B 212 10.41 33.52 -17.65
C ALA B 212 10.07 32.07 -17.26
N GLY B 213 10.55 31.64 -16.10
CA GLY B 213 10.27 30.29 -15.62
C GLY B 213 11.04 29.19 -16.34
N LEU B 214 12.27 29.49 -16.73
CA LEU B 214 13.13 28.49 -17.35
C LEU B 214 14.28 28.24 -16.38
N ASN B 215 14.70 26.97 -16.25
CA ASN B 215 15.97 26.65 -15.60
C ASN B 215 17.09 26.77 -16.60
N VAL B 216 18.30 27.01 -16.11
CA VAL B 216 19.43 27.15 -17.01
C VAL B 216 20.48 26.11 -16.65
N ILE B 217 20.90 25.35 -17.66
CA ILE B 217 21.97 24.37 -17.55
C ILE B 217 23.18 24.93 -18.27
N LEU B 218 24.33 24.93 -17.61
CA LEU B 218 25.55 25.33 -18.30
CA LEU B 218 25.57 25.33 -18.28
C LEU B 218 26.43 24.12 -18.61
N ASP B 219 26.90 24.04 -19.85
CA ASP B 219 27.94 23.08 -20.18
C ASP B 219 29.18 23.57 -19.46
N TRP B 220 29.74 22.70 -18.63
CA TRP B 220 30.83 23.02 -17.72
C TRP B 220 32.01 22.15 -18.16
N VAL B 221 33.22 22.71 -18.27
CA VAL B 221 34.31 21.93 -18.87
C VAL B 221 35.52 21.64 -17.95
N PRO B 222 35.31 20.90 -16.85
CA PRO B 222 36.50 20.57 -16.03
C PRO B 222 37.35 19.48 -16.69
N GLY B 223 36.90 18.98 -17.84
CA GLY B 223 37.59 17.92 -18.55
C GLY B 223 38.57 18.39 -19.60
N HIS B 224 38.57 19.68 -19.89
CA HIS B 224 39.40 20.22 -20.95
C HIS B 224 40.39 21.24 -20.42
N PHE B 225 41.61 20.79 -20.13
CA PHE B 225 42.63 21.71 -19.66
C PHE B 225 42.88 22.80 -20.72
N PRO B 226 42.99 24.07 -20.28
CA PRO B 226 43.23 25.12 -21.27
C PRO B 226 44.55 24.95 -22.04
N THR B 227 44.48 25.04 -23.36
CA THR B 227 45.62 24.79 -24.24
C THR B 227 46.04 26.03 -25.04
N ASP B 228 45.26 27.09 -24.95
CA ASP B 228 45.53 28.30 -25.74
C ASP B 228 46.16 29.41 -24.90
N ASP B 229 46.93 30.27 -25.57
CA ASP B 229 47.45 31.51 -24.96
C ASP B 229 48.33 31.30 -23.73
N PHE B 230 48.86 30.10 -23.55
CA PHE B 230 49.56 29.72 -22.31
C PHE B 230 48.75 30.15 -21.08
N ALA B 231 47.45 29.95 -21.16
CA ALA B 231 46.53 30.44 -20.14
C ALA B 231 46.74 29.82 -18.75
N LEU B 232 47.04 28.52 -18.69
CA LEU B 232 47.15 27.84 -17.38
C LEU B 232 48.33 26.86 -17.26
N ALA B 233 48.87 26.42 -18.40
CA ALA B 233 49.98 25.45 -18.39
C ALA B 233 51.25 26.06 -17.80
N GLU B 234 51.99 25.25 -17.04
CA GLU B 234 53.22 25.66 -16.38
C GLU B 234 53.08 27.02 -15.71
N PHE B 235 52.01 27.19 -14.94
CA PHE B 235 51.62 28.52 -14.50
C PHE B 235 52.71 29.27 -13.74
N ASP B 236 53.42 28.56 -12.87
CA ASP B 236 54.48 29.19 -12.10
C ASP B 236 55.88 28.69 -12.51
N GLY B 237 55.97 28.10 -13.70
CA GLY B 237 57.22 27.51 -14.15
C GLY B 237 57.31 26.02 -13.85
N THR B 238 56.37 25.53 -13.05
CA THR B 238 56.19 24.09 -12.82
C THR B 238 54.82 23.61 -13.29
N ASN B 239 54.63 22.30 -13.31
CA ASN B 239 53.32 21.71 -13.54
C ASN B 239 52.39 21.94 -12.35
N LEU B 240 51.80 23.14 -12.31
CA LEU B 240 50.95 23.54 -11.19
C LEU B 240 49.55 22.96 -11.30
N TYR B 241 48.85 23.31 -12.38
CA TYR B 241 47.47 22.88 -12.55
C TYR B 241 47.41 21.55 -13.30
N GLU B 242 48.42 21.27 -14.12
CA GLU B 242 48.43 20.06 -14.93
C GLU B 242 49.28 18.92 -14.35
N HIS B 243 49.05 17.73 -14.86
CA HIS B 243 49.82 16.56 -14.43
C HIS B 243 50.49 15.91 -15.62
N SER B 244 51.78 15.59 -15.49
CA SER B 244 52.41 14.71 -16.47
C SER B 244 53.17 13.63 -15.73
N ASP B 245 53.09 12.40 -16.22
CA ASP B 245 53.84 11.27 -15.66
C ASP B 245 55.35 11.47 -15.82
N PRO B 246 56.14 10.89 -14.89
CA PRO B 246 57.60 10.88 -15.08
C PRO B 246 57.98 10.12 -16.35
N ARG B 247 59.01 10.59 -17.03
CA ARG B 247 59.28 10.18 -18.41
C ARG B 247 60.69 9.63 -18.56
N THR B 256 49.56 15.79 -24.29
CA THR B 256 48.19 16.23 -24.00
C THR B 256 48.10 16.77 -22.58
N LEU B 257 47.65 18.01 -22.43
CA LEU B 257 47.52 18.60 -21.10
C LEU B 257 46.29 18.06 -20.40
N ILE B 258 46.46 17.56 -19.17
CA ILE B 258 45.29 17.24 -18.32
C ILE B 258 45.46 17.82 -16.92
N TYR B 259 44.34 18.09 -16.26
CA TYR B 259 44.39 18.59 -14.89
C TYR B 259 44.98 17.55 -13.95
N ASN B 260 45.73 18.04 -12.98
CA ASN B 260 46.12 17.20 -11.85
C ASN B 260 44.98 17.22 -10.83
N TYR B 261 43.96 16.39 -11.08
CA TYR B 261 42.69 16.46 -10.33
C TYR B 261 42.86 16.13 -8.87
N GLY B 262 43.89 15.32 -8.59
CA GLY B 262 44.14 14.83 -7.26
C GLY B 262 44.78 15.89 -6.40
N ARG B 263 45.27 16.94 -7.02
CA ARG B 263 45.94 18.00 -6.28
C ARG B 263 44.94 18.96 -5.63
N ARG B 264 45.07 19.16 -4.32
CA ARG B 264 44.09 19.89 -3.51
C ARG B 264 43.68 21.27 -4.06
N GLU B 265 44.66 22.07 -4.46
CA GLU B 265 44.37 23.41 -4.96
C GLU B 265 43.68 23.39 -6.33
N VAL B 266 44.00 22.38 -7.13
CA VAL B 266 43.40 22.21 -8.44
C VAL B 266 41.96 21.74 -8.31
N SER B 267 41.75 20.72 -7.46
CA SER B 267 40.38 20.28 -7.14
C SER B 267 39.53 21.44 -6.58
N ASN B 268 40.12 22.24 -5.68
CA ASN B 268 39.43 23.41 -5.14
C ASN B 268 39.07 24.43 -6.24
N PHE B 269 40.01 24.64 -7.17
CA PHE B 269 39.83 25.53 -8.32
C PHE B 269 38.63 25.10 -9.18
N LEU B 270 38.51 23.81 -9.43
CA LEU B 270 37.45 23.29 -10.27
C LEU B 270 36.13 23.16 -9.52
N VAL B 271 36.15 22.53 -8.35
CA VAL B 271 34.94 22.43 -7.53
C VAL B 271 34.42 23.82 -7.19
N GLY B 272 35.33 24.69 -6.79
CA GLY B 272 34.97 26.08 -6.60
C GLY B 272 34.30 26.70 -7.81
N ASN B 273 34.74 26.32 -9.00
CA ASN B 273 34.17 26.88 -10.23
C ASN B 273 32.70 26.48 -10.43
N ALA B 274 32.36 25.24 -10.06
CA ALA B 274 30.97 24.81 -10.10
C ALA B 274 30.11 25.59 -9.12
N LEU B 275 30.61 25.75 -7.89
CA LEU B 275 29.90 26.50 -6.86
C LEU B 275 29.67 27.94 -7.30
N TYR B 276 30.66 28.48 -7.99
CA TYR B 276 30.64 29.86 -8.40
C TYR B 276 29.50 30.12 -9.39
N TRP B 277 29.40 29.31 -10.44
CA TRP B 277 28.31 29.47 -11.40
C TRP B 277 26.93 29.35 -10.75
N ILE B 278 26.78 28.38 -9.86
CA ILE B 278 25.50 28.16 -9.21
C ILE B 278 25.14 29.26 -8.21
N GLU B 279 26.07 29.61 -7.33
CA GLU B 279 25.78 30.55 -6.27
C GLU B 279 25.82 32.01 -6.72
N ARG B 280 26.72 32.32 -7.66
CA ARG B 280 26.93 33.71 -8.08
C ARG B 280 26.18 34.07 -9.35
N PHE B 281 25.79 33.07 -10.13
CA PHE B 281 25.00 33.34 -11.33
C PHE B 281 23.62 32.70 -11.32
N GLY B 282 23.36 31.82 -10.37
CA GLY B 282 22.06 31.18 -10.29
C GLY B 282 21.86 30.10 -11.35
N ILE B 283 22.97 29.57 -11.88
CA ILE B 283 22.90 28.43 -12.78
C ILE B 283 22.26 27.24 -12.04
N ASP B 284 21.33 26.56 -12.70
CA ASP B 284 20.50 25.55 -12.05
C ASP B 284 21.05 24.14 -12.20
N ALA B 285 21.88 23.94 -13.22
CA ALA B 285 22.52 22.64 -13.49
C ALA B 285 23.78 22.78 -14.31
N LEU B 286 24.63 21.77 -14.21
CA LEU B 286 25.87 21.71 -14.96
C LEU B 286 25.96 20.40 -15.71
N ARG B 287 26.38 20.48 -16.98
CA ARG B 287 26.57 19.27 -17.77
C ARG B 287 28.05 19.12 -18.07
N VAL B 288 28.55 17.93 -17.77
CA VAL B 288 29.94 17.61 -18.06
C VAL B 288 30.06 16.69 -19.27
N ASP B 289 30.79 17.15 -20.29
CA ASP B 289 30.98 16.38 -21.51
C ASP B 289 32.26 15.58 -21.42
N ALA B 290 32.39 14.56 -22.27
CA ALA B 290 33.65 13.83 -22.47
C ALA B 290 34.17 13.26 -21.17
N VAL B 291 33.27 12.65 -20.39
CA VAL B 291 33.63 12.07 -19.12
C VAL B 291 34.60 10.89 -19.30
N ALA B 292 34.45 10.15 -20.41
CA ALA B 292 35.35 9.05 -20.70
C ALA B 292 36.81 9.50 -20.77
N SER B 293 37.03 10.67 -21.35
CA SER B 293 38.37 11.21 -21.49
C SER B 293 38.96 11.62 -20.15
N MET B 294 38.09 11.86 -19.15
CA MET B 294 38.58 12.21 -17.83
C MET B 294 38.92 10.96 -17.04
N ILE B 295 38.03 9.99 -17.05
CA ILE B 295 38.20 8.85 -16.15
C ILE B 295 39.18 7.77 -16.65
N TYR B 296 39.56 7.84 -17.91
CA TYR B 296 40.53 6.89 -18.47
C TYR B 296 41.87 7.52 -18.83
N ARG B 297 42.95 7.05 -18.19
CA ARG B 297 44.30 7.45 -18.61
C ARG B 297 44.36 7.01 -20.07
N ASP B 298 44.04 5.73 -20.26
CA ASP B 298 43.50 5.13 -21.48
C ASP B 298 43.58 3.61 -21.38
N ILE B 307 50.65 4.44 -18.30
CA ILE B 307 50.96 3.95 -16.96
C ILE B 307 49.69 3.63 -16.15
N PRO B 308 49.50 2.33 -15.81
CA PRO B 308 48.36 1.96 -14.98
C PRO B 308 48.42 2.61 -13.59
N ASN B 309 47.29 2.64 -12.91
CA ASN B 309 47.25 3.22 -11.57
C ASN B 309 47.92 2.30 -10.55
N GLU B 310 47.81 2.68 -9.27
CA GLU B 310 48.49 1.95 -8.20
C GLU B 310 48.01 0.50 -8.08
N PHE B 311 46.81 0.23 -8.60
CA PHE B 311 46.21 -1.12 -8.57
C PHE B 311 46.38 -1.85 -9.90
N GLY B 312 47.03 -1.21 -10.87
CA GLY B 312 47.29 -1.83 -12.16
C GLY B 312 46.14 -1.71 -13.14
N GLY B 313 45.27 -0.72 -12.94
CA GLY B 313 44.14 -0.50 -13.83
C GLY B 313 44.36 0.64 -14.81
N ARG B 314 43.40 0.83 -15.72
CA ARG B 314 43.51 1.86 -16.78
C ARG B 314 42.89 3.20 -16.40
N GLU B 315 42.23 3.23 -15.26
CA GLU B 315 41.45 4.40 -14.87
C GLU B 315 42.27 5.48 -14.18
N ASN B 316 41.89 6.73 -14.42
CA ASN B 316 42.42 7.84 -13.65
C ASN B 316 41.62 7.90 -12.36
N LEU B 317 42.18 7.28 -11.32
CA LEU B 317 41.51 7.19 -10.04
C LEU B 317 41.23 8.57 -9.48
N GLU B 318 42.12 9.52 -9.76
CA GLU B 318 42.00 10.86 -9.21
C GLU B 318 40.88 11.65 -9.91
N ALA B 319 40.75 11.44 -11.22
CA ALA B 319 39.65 12.08 -11.96
C ALA B 319 38.30 11.53 -11.50
N ILE B 320 38.21 10.21 -11.32
CA ILE B 320 36.99 9.58 -10.82
C ILE B 320 36.61 10.11 -9.46
N GLU B 321 37.58 10.18 -8.55
CA GLU B 321 37.27 10.70 -7.23
C GLU B 321 36.88 12.17 -7.29
N PHE B 322 37.48 12.92 -8.21
CA PHE B 322 37.12 14.32 -8.38
C PHE B 322 35.64 14.46 -8.80
N LEU B 323 35.23 13.68 -9.78
CA LEU B 323 33.81 13.68 -10.18
C LEU B 323 32.92 13.28 -9.03
N ARG B 324 33.30 12.22 -8.32
CA ARG B 324 32.50 11.78 -7.17
C ARG B 324 32.40 12.81 -6.08
N ASN B 325 33.53 13.43 -5.76
CA ASN B 325 33.57 14.41 -4.68
C ASN B 325 32.79 15.68 -5.06
N THR B 326 32.95 16.11 -6.32
CA THR B 326 32.24 17.30 -6.79
C THR B 326 30.75 17.09 -6.63
N ASN B 327 30.28 15.94 -7.08
CA ASN B 327 28.85 15.63 -7.03
C ASN B 327 28.32 15.58 -5.60
N ARG B 328 29.13 15.04 -4.70
CA ARG B 328 28.75 14.99 -3.29
C ARG B 328 28.74 16.37 -2.69
N ILE B 329 29.76 17.16 -3.02
CA ILE B 329 29.85 18.52 -2.51
C ILE B 329 28.69 19.39 -3.00
N LEU B 330 28.36 19.31 -4.28
CA LEU B 330 27.19 20.03 -4.80
C LEU B 330 25.90 19.59 -4.11
N GLY B 331 25.73 18.29 -3.92
CA GLY B 331 24.58 17.78 -3.21
C GLY B 331 24.43 18.38 -1.82
N GLU B 332 25.55 18.61 -1.14
CA GLU B 332 25.53 19.15 0.22
C GLU B 332 25.41 20.68 0.32
N GLN B 333 26.05 21.39 -0.61
CA GLN B 333 26.15 22.86 -0.55
C GLN B 333 25.05 23.58 -1.32
N VAL B 334 24.68 23.03 -2.47
CA VAL B 334 23.66 23.68 -3.31
C VAL B 334 22.54 22.71 -3.66
N SER B 335 21.94 22.12 -2.65
CA SER B 335 20.82 21.20 -2.87
C SER B 335 19.80 21.85 -3.78
N GLY B 336 19.38 21.14 -4.80
CA GLY B 336 18.47 21.72 -5.76
C GLY B 336 19.10 21.83 -7.14
N ALA B 337 20.40 22.14 -7.19
CA ALA B 337 21.14 22.11 -8.45
C ALA B 337 21.43 20.66 -8.77
N VAL B 338 21.57 20.30 -10.05
CA VAL B 338 21.91 18.93 -10.39
C VAL B 338 22.99 18.90 -11.46
N THR B 339 23.61 17.74 -11.64
CA THR B 339 24.63 17.58 -12.66
C THR B 339 24.20 16.53 -13.64
N MET B 340 24.66 16.70 -14.87
CA MET B 340 24.39 15.71 -15.91
C MET B 340 25.69 15.36 -16.60
N ALA B 341 25.79 14.15 -17.16
CA ALA B 341 27.01 13.73 -17.82
C ALA B 341 26.79 13.06 -19.17
N GLU B 342 27.73 13.27 -20.08
CA GLU B 342 27.85 12.44 -21.25
C GLU B 342 29.13 11.58 -21.09
N GLU B 343 28.95 10.26 -21.05
CA GLU B 343 30.07 9.32 -20.93
C GLU B 343 29.84 8.25 -21.99
N SER B 344 30.85 7.97 -22.81
CA SER B 344 30.67 7.20 -24.03
C SER B 344 31.18 5.76 -24.00
N THR B 345 31.56 5.24 -22.84
CA THR B 345 32.11 3.89 -22.78
C THR B 345 31.29 2.95 -21.92
N ASP B 346 30.04 3.33 -21.61
CA ASP B 346 29.20 2.52 -20.70
C ASP B 346 29.88 2.21 -19.37
N PHE B 347 30.66 3.15 -18.85
CA PHE B 347 31.11 3.08 -17.47
C PHE B 347 29.87 2.91 -16.58
N PRO B 348 29.92 1.95 -15.64
CA PRO B 348 28.68 1.68 -14.89
C PRO B 348 28.36 2.72 -13.83
N GLY B 349 27.09 3.09 -13.72
CA GLY B 349 26.65 3.92 -12.62
C GLY B 349 27.12 5.36 -12.70
N VAL B 350 27.18 5.89 -13.90
CA VAL B 350 27.44 7.32 -14.08
C VAL B 350 26.46 8.16 -13.25
N SER B 351 25.16 7.84 -13.33
CA SER B 351 24.18 8.56 -12.53
C SER B 351 23.68 7.77 -11.33
N ARG B 352 24.60 7.06 -10.67
CA ARG B 352 24.26 6.30 -9.49
C ARG B 352 25.12 6.77 -8.30
N PRO B 353 24.69 6.47 -7.06
CA PRO B 353 25.42 6.98 -5.89
C PRO B 353 26.86 6.45 -5.78
N GLN B 354 27.74 7.33 -5.29
CA GLN B 354 29.13 7.01 -5.10
C GLN B 354 29.34 5.82 -4.16
N ASP B 355 28.51 5.71 -3.13
CA ASP B 355 28.70 4.64 -2.15
C ASP B 355 28.41 3.25 -2.72
N MET B 356 27.98 3.21 -3.98
CA MET B 356 27.78 1.96 -4.70
C MET B 356 28.70 1.87 -5.91
N GLY B 357 29.70 2.74 -5.96
CA GLY B 357 30.67 2.71 -7.03
C GLY B 357 30.31 3.58 -8.22
N GLY B 358 29.24 4.36 -8.08
CA GLY B 358 28.83 5.27 -9.14
C GLY B 358 29.60 6.60 -9.10
N LEU B 359 29.33 7.48 -10.06
CA LEU B 359 29.99 8.78 -10.16
C LEU B 359 29.17 9.90 -9.50
N GLY B 360 27.89 9.60 -9.22
CA GLY B 360 27.07 10.52 -8.45
C GLY B 360 26.43 11.63 -9.28
N PHE B 361 26.50 11.55 -10.61
CA PHE B 361 25.70 12.47 -11.45
C PHE B 361 24.23 12.20 -11.24
N TRP B 362 23.37 13.19 -11.52
CA TRP B 362 21.93 12.97 -11.45
C TRP B 362 21.43 12.33 -12.74
N TYR B 363 21.91 12.80 -13.88
CA TYR B 363 21.43 12.32 -15.18
C TYR B 363 22.57 11.97 -16.11
N LYS B 364 22.28 11.09 -17.06
CA LYS B 364 23.24 10.67 -18.08
C LYS B 364 22.62 10.81 -19.46
N TRP B 365 23.39 11.31 -20.42
CA TRP B 365 22.91 11.34 -21.80
C TRP B 365 22.79 9.92 -22.38
N ASN B 366 21.66 9.64 -23.02
CA ASN B 366 21.46 8.33 -23.62
C ASN B 366 21.95 8.27 -25.06
N LEU B 367 23.28 8.21 -25.23
CA LEU B 367 23.86 8.19 -26.57
C LEU B 367 23.46 6.95 -27.33
N GLY B 368 23.30 5.84 -26.62
CA GLY B 368 22.92 4.59 -27.26
C GLY B 368 21.53 4.69 -27.88
N TRP B 369 20.63 5.38 -27.20
CA TRP B 369 19.27 5.57 -27.71
C TRP B 369 19.30 6.48 -28.92
N MET B 370 20.15 7.50 -28.85
CA MET B 370 20.33 8.41 -29.97
C MET B 370 20.83 7.66 -31.20
N HIS B 371 21.88 6.85 -31.04
CA HIS B 371 22.40 6.05 -32.14
C HIS B 371 21.39 5.05 -32.68
N ASP B 372 20.74 4.31 -31.78
CA ASP B 372 19.84 3.24 -32.22
C ASP B 372 18.63 3.80 -32.95
N THR B 373 18.04 4.87 -32.40
CA THR B 373 16.82 5.41 -33.00
C THR B 373 17.10 6.17 -34.29
N LEU B 374 18.16 6.96 -34.31
CA LEU B 374 18.55 7.61 -35.56
C LEU B 374 18.93 6.58 -36.63
N ASP B 375 19.66 5.52 -36.27
CA ASP B 375 19.88 4.41 -37.22
C ASP B 375 18.56 3.83 -37.76
N TYR B 376 17.56 3.72 -36.89
CA TYR B 376 16.28 3.15 -37.35
C TYR B 376 15.54 4.13 -38.26
N MET B 377 15.53 5.42 -37.89
CA MET B 377 14.85 6.43 -38.71
C MET B 377 15.51 6.56 -40.08
N LYS B 378 16.81 6.31 -40.16
CA LYS B 378 17.53 6.44 -41.43
C LYS B 378 17.11 5.35 -42.42
N LEU B 379 16.62 4.24 -41.89
CA LEU B 379 16.21 3.12 -42.75
C LEU B 379 14.99 3.42 -43.61
N ASP B 380 15.08 3.06 -44.88
CA ASP B 380 13.90 3.03 -45.74
C ASP B 380 12.86 2.17 -45.04
N PRO B 381 11.60 2.62 -45.04
CA PRO B 381 10.60 1.86 -44.28
C PRO B 381 10.56 0.36 -44.58
N VAL B 382 10.93 -0.04 -45.79
CA VAL B 382 10.81 -1.45 -46.14
C VAL B 382 11.80 -2.32 -45.33
N TYR B 383 12.87 -1.71 -44.83
CA TYR B 383 13.85 -2.46 -44.05
C TYR B 383 13.59 -2.40 -42.55
N ARG B 384 12.64 -1.57 -42.14
CA ARG B 384 12.45 -1.34 -40.70
C ARG B 384 11.96 -2.60 -39.96
N GLN B 385 11.30 -3.50 -40.68
CA GLN B 385 10.83 -4.73 -40.09
C GLN B 385 11.95 -5.63 -39.58
N TYR B 386 13.15 -5.42 -40.09
CA TYR B 386 14.28 -6.28 -39.75
C TYR B 386 15.11 -5.67 -38.64
N HIS B 387 14.71 -4.48 -38.20
CA HIS B 387 15.50 -3.74 -37.24
C HIS B 387 14.63 -3.23 -36.10
N HIS B 388 13.60 -4.01 -35.76
CA HIS B 388 12.63 -3.61 -34.72
C HIS B 388 13.36 -3.40 -33.40
N ASP B 389 14.42 -4.16 -33.19
CA ASP B 389 15.20 -4.08 -31.95
C ASP B 389 15.78 -2.70 -31.65
N LYS B 390 16.04 -1.89 -32.68
CA LYS B 390 16.56 -0.54 -32.47
C LYS B 390 15.66 0.33 -31.63
N LEU B 391 14.36 0.06 -31.69
CA LEU B 391 13.37 0.82 -30.92
C LEU B 391 12.98 0.16 -29.59
N THR B 392 13.13 -1.15 -29.49
CA THR B 392 12.71 -1.87 -28.28
C THR B 392 13.86 -2.01 -27.30
N PHE B 393 15.08 -1.96 -27.79
CA PHE B 393 16.27 -2.19 -26.94
C PHE B 393 16.39 -1.17 -25.81
N GLY B 394 15.97 0.06 -26.06
CA GLY B 394 16.09 1.15 -25.08
C GLY B 394 15.55 0.81 -23.70
N ILE B 395 14.43 0.09 -23.66
CA ILE B 395 13.78 -0.21 -22.39
C ILE B 395 14.56 -1.22 -21.53
N LEU B 396 15.34 -2.07 -22.20
CA LEU B 396 16.12 -3.09 -21.51
CA LEU B 396 16.10 -3.09 -21.49
C LEU B 396 17.14 -2.50 -20.53
N TYR B 397 17.72 -1.36 -20.89
CA TYR B 397 18.72 -0.75 -20.00
C TYR B 397 18.30 0.59 -19.41
N ASN B 398 17.05 0.98 -19.66
CA ASN B 398 16.56 2.27 -19.18
C ASN B 398 16.70 2.48 -17.68
N TYR B 399 16.61 1.40 -16.90
CA TYR B 399 16.58 1.52 -15.45
C TYR B 399 17.97 1.39 -14.81
N THR B 400 19.01 1.45 -15.64
CA THR B 400 20.39 1.39 -15.13
C THR B 400 21.03 2.78 -14.96
N GLU B 401 20.45 3.79 -15.60
CA GLU B 401 20.90 5.19 -15.48
C GLU B 401 19.65 6.07 -15.57
N ASN B 402 19.68 7.31 -15.07
CA ASN B 402 18.56 8.26 -15.25
C ASN B 402 18.81 9.07 -16.52
N PHE B 403 18.19 8.64 -17.61
CA PHE B 403 18.61 9.13 -18.92
C PHE B 403 17.94 10.41 -19.41
N VAL B 404 18.72 11.15 -20.18
CA VAL B 404 18.25 12.24 -21.01
C VAL B 404 18.33 11.74 -22.46
N LEU B 405 17.27 11.87 -23.23
CA LEU B 405 17.30 11.45 -24.63
C LEU B 405 17.77 12.66 -25.45
N PRO B 406 19.00 12.58 -26.00
CA PRO B 406 19.57 13.82 -26.53
C PRO B 406 19.72 13.84 -28.05
N LEU B 407 19.22 14.88 -28.69
CA LEU B 407 19.51 15.11 -30.10
C LEU B 407 20.31 16.42 -30.07
N SER B 408 21.62 16.28 -29.89
CA SER B 408 22.47 17.42 -29.54
C SER B 408 23.25 17.98 -30.72
N HIS B 409 23.97 19.05 -30.44
CA HIS B 409 24.81 19.71 -31.42
C HIS B 409 25.78 18.74 -32.09
N ASP B 410 26.27 17.77 -31.32
CA ASP B 410 27.29 16.85 -31.84
C ASP B 410 26.79 16.00 -32.99
N GLU B 411 25.48 15.92 -33.17
CA GLU B 411 24.98 15.01 -34.18
C GLU B 411 24.62 15.71 -35.48
N VAL B 412 24.77 17.03 -35.52
CA VAL B 412 24.42 17.80 -36.71
C VAL B 412 25.58 18.62 -37.27
N VAL B 413 26.80 18.07 -37.13
CA VAL B 413 28.03 18.69 -37.64
C VAL B 413 28.92 17.68 -38.37
N HIS B 414 29.97 18.17 -39.01
CA HIS B 414 31.04 17.32 -39.54
C HIS B 414 30.57 16.23 -40.51
N GLY B 415 29.57 16.53 -41.34
CA GLY B 415 29.13 15.57 -42.34
C GLY B 415 28.08 14.60 -41.85
N LYS B 416 27.60 14.81 -40.64
CA LYS B 416 26.59 13.93 -40.08
C LYS B 416 25.18 14.26 -40.59
N LYS B 417 25.06 15.42 -41.25
CA LYS B 417 23.78 15.96 -41.75
C LYS B 417 22.86 16.46 -40.62
N SER B 418 21.82 17.19 -41.01
CA SER B 418 20.77 17.56 -40.06
C SER B 418 19.97 16.33 -39.69
N ILE B 419 19.13 16.45 -38.67
CA ILE B 419 18.19 15.39 -38.37
C ILE B 419 17.22 15.19 -39.53
N LEU B 420 16.71 16.29 -40.08
CA LEU B 420 15.75 16.17 -41.18
C LEU B 420 16.31 15.40 -42.37
N ASP B 421 17.56 15.67 -42.74
CA ASP B 421 18.15 15.03 -43.92
C ASP B 421 18.49 13.55 -43.72
N ARG B 422 18.47 13.08 -42.46
CA ARG B 422 18.64 11.66 -42.22
C ARG B 422 17.43 10.86 -42.67
N MET B 423 16.28 11.52 -42.78
CA MET B 423 15.01 10.83 -42.99
C MET B 423 14.88 10.38 -44.44
N PRO B 424 14.29 9.19 -44.66
CA PRO B 424 14.17 8.67 -46.02
C PRO B 424 12.88 9.15 -46.69
N GLY B 425 12.82 9.15 -48.02
CA GLY B 425 11.59 9.40 -48.75
C GLY B 425 11.49 10.73 -49.45
N ASP B 426 10.34 11.00 -50.07
CA ASP B 426 10.08 12.33 -50.62
C ASP B 426 9.93 13.34 -49.50
N ALA B 427 9.80 14.62 -49.86
CA ALA B 427 9.63 15.68 -48.87
C ALA B 427 8.52 15.42 -47.86
N TRP B 428 7.34 14.98 -48.31
CA TRP B 428 6.25 14.75 -47.35
C TRP B 428 6.65 13.67 -46.35
N GLN B 429 7.22 12.58 -46.86
CA GLN B 429 7.67 11.46 -46.02
C GLN B 429 8.84 11.81 -45.10
N LYS B 430 9.72 12.70 -45.55
CA LYS B 430 10.84 13.13 -44.71
C LYS B 430 10.32 13.89 -43.49
N PHE B 431 9.41 14.83 -43.72
CA PHE B 431 8.84 15.56 -42.59
C PHE B 431 7.96 14.64 -41.74
N ALA B 432 7.23 13.73 -42.38
CA ALA B 432 6.34 12.83 -41.65
C ALA B 432 7.17 11.95 -40.72
N ASN B 433 8.26 11.39 -41.25
CA ASN B 433 9.19 10.62 -40.45
C ASN B 433 9.69 11.40 -39.24
N LEU B 434 10.09 12.64 -39.47
CA LEU B 434 10.69 13.44 -38.39
C LEU B 434 9.65 13.70 -37.32
N ARG B 435 8.43 14.03 -37.73
CA ARG B 435 7.37 14.27 -36.76
C ARG B 435 7.05 13.01 -35.96
N ALA B 436 6.93 11.87 -36.64
CA ALA B 436 6.61 10.62 -35.96
C ALA B 436 7.70 10.30 -34.93
N TYR B 437 8.93 10.58 -35.33
CA TYR B 437 10.10 10.35 -34.47
C TYR B 437 10.09 11.22 -33.23
N TYR B 438 9.80 12.52 -33.39
CA TYR B 438 9.71 13.41 -32.23
C TYR B 438 8.56 12.96 -31.31
N GLY B 439 7.45 12.52 -31.91
CA GLY B 439 6.34 11.93 -31.12
C GLY B 439 6.79 10.74 -30.28
N TRP B 440 7.61 9.88 -30.87
CA TRP B 440 8.19 8.73 -30.18
C TRP B 440 9.13 9.19 -29.05
N MET B 441 10.03 10.11 -29.39
CA MET B 441 11.01 10.60 -28.43
C MET B 441 10.36 11.23 -27.21
N TRP B 442 9.31 12.03 -27.40
CA TRP B 442 8.72 12.72 -26.26
C TRP B 442 7.92 11.76 -25.37
N ALA B 443 7.59 10.59 -25.88
CA ALA B 443 6.82 9.64 -25.10
C ALA B 443 7.70 8.57 -24.47
N PHE B 444 8.91 8.42 -24.98
CA PHE B 444 9.81 7.34 -24.54
C PHE B 444 10.48 7.69 -23.21
N PRO B 445 10.68 6.70 -22.30
CA PRO B 445 11.23 7.07 -20.99
C PRO B 445 12.57 7.79 -21.08
N GLY B 446 12.74 8.82 -20.24
CA GLY B 446 13.91 9.65 -20.27
C GLY B 446 13.52 11.11 -20.44
N LYS B 447 14.32 12.03 -19.91
CA LYS B 447 14.08 13.45 -20.14
C LYS B 447 14.48 13.80 -21.58
N LYS B 448 14.18 15.02 -22.04
CA LYS B 448 14.36 15.39 -23.45
C LYS B 448 15.34 16.54 -23.64
N LEU B 449 16.20 16.42 -24.67
CA LEU B 449 17.14 17.49 -25.04
C LEU B 449 17.11 17.65 -26.56
N LEU B 450 16.88 18.87 -27.01
CA LEU B 450 16.86 19.15 -28.45
C LEU B 450 17.69 20.38 -28.79
N PHE B 451 18.57 20.25 -29.77
CA PHE B 451 19.48 21.33 -30.13
C PHE B 451 18.79 22.28 -31.09
N MET B 452 19.03 23.57 -30.86
CA MET B 452 18.47 24.64 -31.66
C MET B 452 18.54 24.36 -33.15
N GLY B 453 17.44 24.64 -33.86
CA GLY B 453 17.38 24.35 -35.27
C GLY B 453 16.65 23.04 -35.57
N ASN B 454 16.84 22.03 -34.71
CA ASN B 454 16.09 20.80 -34.88
C ASN B 454 14.58 21.03 -34.81
N GLU B 455 14.16 22.02 -34.03
CA GLU B 455 12.73 22.18 -33.74
C GLU B 455 11.96 22.77 -34.92
N PHE B 456 12.66 23.32 -35.90
CA PHE B 456 11.98 23.70 -37.14
C PHE B 456 12.52 22.95 -38.34
N ALA B 457 13.20 21.84 -38.04
CA ALA B 457 13.74 20.94 -39.04
C ALA B 457 14.60 21.72 -40.04
N GLN B 458 15.61 22.41 -39.53
CA GLN B 458 16.63 23.00 -40.39
C GLN B 458 17.18 21.92 -41.35
N GLY B 459 17.32 22.25 -42.62
CA GLY B 459 17.90 21.32 -43.57
C GLY B 459 19.42 21.22 -43.48
N ARG B 460 20.07 22.36 -43.26
CA ARG B 460 21.54 22.41 -43.21
C ARG B 460 22.09 22.00 -41.85
N GLU B 461 23.34 21.53 -41.84
CA GLU B 461 24.03 21.25 -40.60
C GLU B 461 24.18 22.54 -39.83
N TRP B 462 24.41 22.42 -38.53
CA TRP B 462 24.64 23.57 -37.69
C TRP B 462 25.98 24.22 -38.04
N ASN B 463 25.98 25.54 -38.15
CA ASN B 463 27.18 26.32 -38.44
C ASN B 463 27.44 27.35 -37.34
N HIS B 464 28.45 27.11 -36.49
CA HIS B 464 28.73 28.00 -35.37
C HIS B 464 29.09 29.42 -35.81
N ASP B 465 29.38 29.58 -37.10
CA ASP B 465 29.89 30.85 -37.59
C ASP B 465 28.80 31.62 -38.33
N ALA B 466 27.57 31.12 -38.24
CA ALA B 466 26.44 31.74 -38.91
C ALA B 466 25.17 31.69 -38.05
N SER B 467 24.12 32.35 -38.49
CA SER B 467 22.82 32.21 -37.85
C SER B 467 22.22 30.87 -38.24
N LEU B 468 21.27 30.36 -37.44
CA LEU B 468 20.44 29.25 -37.87
C LEU B 468 19.60 29.74 -39.07
N ASP B 469 19.08 28.80 -39.85
CA ASP B 469 18.38 29.13 -41.07
C ASP B 469 16.93 29.56 -40.81
N TRP B 470 16.78 30.63 -40.05
CA TRP B 470 15.45 31.17 -39.74
C TRP B 470 14.67 31.55 -40.99
N HIS B 471 15.38 31.79 -42.09
CA HIS B 471 14.73 32.11 -43.36
C HIS B 471 13.76 31.01 -43.82
N LEU B 472 13.91 29.81 -43.25
CA LEU B 472 13.04 28.68 -43.59
C LEU B 472 11.59 28.95 -43.17
N LEU B 473 11.44 29.88 -42.23
CA LEU B 473 10.16 30.16 -41.61
C LEU B 473 9.58 31.46 -42.15
N GLU B 474 10.25 31.99 -43.17
CA GLU B 474 9.71 33.14 -43.89
C GLU B 474 8.69 32.64 -44.88
N GLY B 475 7.68 33.46 -45.12
CA GLY B 475 6.71 33.17 -46.14
C GLY B 475 5.48 32.51 -45.58
N GLY B 476 4.70 31.95 -46.51
CA GLY B 476 3.49 31.24 -46.15
C GLY B 476 3.86 30.04 -45.32
N ASP B 477 2.92 29.66 -44.46
CA ASP B 477 3.06 28.49 -43.62
C ASP B 477 3.55 27.27 -44.39
N ASN B 478 4.58 26.62 -43.86
CA ASN B 478 5.23 25.53 -44.57
C ASN B 478 5.55 24.34 -43.66
N TRP B 479 6.18 23.31 -44.21
CA TRP B 479 6.53 22.10 -43.45
C TRP B 479 7.28 22.39 -42.16
N HIS B 480 8.14 23.41 -42.22
CA HIS B 480 9.00 23.75 -41.10
C HIS B 480 8.20 24.38 -39.96
N HIS B 481 7.26 25.26 -40.28
CA HIS B 481 6.35 25.80 -39.27
C HIS B 481 5.60 24.66 -38.60
N GLY B 482 5.26 23.66 -39.40
CA GLY B 482 4.53 22.49 -38.95
C GLY B 482 5.30 21.68 -37.92
N VAL B 483 6.58 21.47 -38.17
CA VAL B 483 7.43 20.77 -37.21
C VAL B 483 7.57 21.60 -35.93
N GLN B 484 7.76 22.90 -36.08
CA GLN B 484 7.89 23.79 -34.93
C GLN B 484 6.63 23.81 -34.07
N ARG B 485 5.47 23.86 -34.71
CA ARG B 485 4.21 23.75 -33.97
C ARG B 485 4.09 22.43 -33.23
N LEU B 486 4.50 21.33 -33.88
CA LEU B 486 4.48 20.04 -33.20
C LEU B 486 5.36 19.99 -31.96
N VAL B 487 6.59 20.50 -32.07
CA VAL B 487 7.52 20.49 -30.93
C VAL B 487 6.93 21.26 -29.74
N ARG B 488 6.29 22.38 -30.02
CA ARG B 488 5.65 23.12 -28.95
C ARG B 488 4.52 22.28 -28.34
N ASP B 489 3.67 21.69 -29.19
CA ASP B 489 2.55 20.86 -28.70
C ASP B 489 3.07 19.67 -27.91
N LEU B 490 4.17 19.10 -28.37
CA LEU B 490 4.80 17.99 -27.64
C LEU B 490 5.23 18.42 -26.25
N ASN B 491 5.97 19.53 -26.16
CA ASN B 491 6.37 20.06 -24.87
C ASN B 491 5.18 20.33 -23.94
N LEU B 492 4.17 21.01 -24.45
CA LEU B 492 3.06 21.39 -23.58
C LEU B 492 2.24 20.18 -23.13
N THR B 493 2.06 19.22 -24.02
CA THR B 493 1.26 18.02 -23.68
C THR B 493 2.05 17.13 -22.72
N TYR B 494 3.33 16.97 -22.99
CA TYR B 494 4.29 16.29 -22.10
C TYR B 494 4.31 16.86 -20.68
N ARG B 495 4.34 18.17 -20.56
CA ARG B 495 4.34 18.80 -19.24
C ARG B 495 2.99 18.71 -18.52
N HIS B 496 1.91 18.72 -19.28
CA HIS B 496 0.56 18.71 -18.67
C HIS B 496 0.21 17.37 -18.03
N HIS B 497 0.62 16.30 -18.68
CA HIS B 497 0.25 14.94 -18.26
C HIS B 497 1.34 14.22 -17.48
N LYS B 498 1.11 13.98 -16.19
CA LYS B 498 2.10 13.32 -15.34
C LYS B 498 2.56 11.97 -15.85
N ALA B 499 1.67 11.25 -16.50
CA ALA B 499 2.01 9.94 -17.08
C ALA B 499 3.22 10.03 -17.99
N MET B 500 3.38 11.17 -18.66
CA MET B 500 4.45 11.31 -19.62
C MET B 500 5.83 11.57 -19.01
N HIS B 501 5.90 11.84 -17.71
CA HIS B 501 7.18 12.26 -17.16
C HIS B 501 7.47 11.81 -15.73
N GLU B 502 6.42 11.42 -15.00
CA GLU B 502 6.53 11.21 -13.55
C GLU B 502 7.24 9.93 -13.11
N LEU B 503 7.22 8.91 -13.97
CA LEU B 503 7.82 7.62 -13.63
C LEU B 503 8.81 7.13 -14.69
N ASP B 504 9.62 8.02 -15.28
CA ASP B 504 10.55 7.58 -16.32
C ASP B 504 11.47 6.47 -15.81
N PHE B 505 11.76 6.50 -14.51
CA PHE B 505 12.87 5.68 -13.99
C PHE B 505 12.38 4.56 -13.09
N ASP B 506 11.07 4.29 -13.17
CA ASP B 506 10.41 3.21 -12.41
C ASP B 506 9.73 2.33 -13.45
N PRO B 507 9.92 1.00 -13.38
CA PRO B 507 9.30 0.12 -14.39
C PRO B 507 7.78 0.25 -14.50
N TYR B 508 7.13 0.71 -13.44
CA TYR B 508 5.70 0.88 -13.46
C TYR B 508 5.27 1.97 -14.48
N GLY B 509 6.20 2.84 -14.84
CA GLY B 509 5.87 3.98 -15.66
C GLY B 509 5.81 3.68 -17.16
N PHE B 510 6.17 2.45 -17.54
CA PHE B 510 6.20 2.02 -18.94
C PHE B 510 5.76 0.57 -19.07
N GLU B 511 4.86 0.28 -20.02
CA GLU B 511 4.53 -1.11 -20.35
C GLU B 511 4.22 -1.28 -21.83
N TRP B 512 4.81 -2.28 -22.47
CA TRP B 512 4.48 -2.53 -23.87
C TRP B 512 3.06 -3.06 -24.01
N LEU B 513 2.35 -2.59 -25.04
CA LEU B 513 1.09 -3.23 -25.45
C LEU B 513 1.36 -4.07 -26.70
N VAL B 514 2.13 -3.51 -27.62
CA VAL B 514 2.47 -4.22 -28.85
C VAL B 514 3.96 -4.04 -29.11
N VAL B 515 4.73 -5.08 -28.78
CA VAL B 515 6.18 -5.02 -28.87
C VAL B 515 6.72 -5.83 -30.06
N ASP B 516 5.89 -6.69 -30.63
CA ASP B 516 6.33 -7.63 -31.65
C ASP B 516 5.72 -7.47 -33.06
N ASP B 517 5.15 -6.32 -33.37
CA ASP B 517 4.62 -6.14 -34.73
C ASP B 517 5.73 -5.57 -35.60
N LYS B 518 6.66 -6.47 -35.93
CA LYS B 518 7.79 -6.16 -36.78
C LYS B 518 7.34 -5.98 -38.21
N GLU B 519 6.48 -6.89 -38.68
CA GLU B 519 6.10 -6.88 -40.09
C GLU B 519 5.48 -5.54 -40.51
N ARG B 520 4.75 -4.89 -39.60
CA ARG B 520 4.07 -3.63 -39.91
C ARG B 520 4.80 -2.42 -39.33
N SER B 521 5.84 -2.66 -38.55
CA SER B 521 6.59 -1.58 -37.90
C SER B 521 5.66 -0.66 -37.10
N VAL B 522 4.75 -1.29 -36.38
CA VAL B 522 3.86 -0.60 -35.46
C VAL B 522 4.25 -0.97 -34.05
N LEU B 523 4.46 0.05 -33.21
CA LEU B 523 4.80 -0.20 -31.81
C LEU B 523 3.89 0.59 -30.90
N ILE B 524 3.43 -0.07 -29.83
CA ILE B 524 2.47 0.57 -28.95
C ILE B 524 2.83 0.30 -27.51
N PHE B 525 2.86 1.35 -26.70
CA PHE B 525 3.11 1.20 -25.28
C PHE B 525 2.26 2.14 -24.45
N VAL B 526 2.24 1.92 -23.14
CA VAL B 526 1.63 2.90 -22.24
C VAL B 526 2.67 3.55 -21.36
N ARG B 527 2.45 4.82 -21.08
CA ARG B 527 3.15 5.51 -20.00
C ARG B 527 2.16 5.69 -18.87
N ARG B 528 2.64 5.61 -17.64
CA ARG B 528 1.75 5.61 -16.47
C ARG B 528 2.22 6.59 -15.41
N ASP B 529 1.27 7.25 -14.75
CA ASP B 529 1.63 8.08 -13.60
C ASP B 529 1.48 7.32 -12.27
N LYS B 530 1.78 7.98 -11.15
CA LYS B 530 1.69 7.32 -9.83
C LYS B 530 0.27 6.97 -9.41
N GLU B 531 -0.71 7.58 -10.06
CA GLU B 531 -2.12 7.27 -9.78
C GLU B 531 -2.61 6.13 -10.66
N GLY B 532 -1.77 5.64 -11.56
CA GLY B 532 -2.17 4.54 -12.42
C GLY B 532 -2.81 4.94 -13.74
N ASN B 533 -2.93 6.23 -13.98
CA ASN B 533 -3.45 6.73 -15.25
C ASN B 533 -2.50 6.36 -16.39
N GLU B 534 -3.07 5.90 -17.51
CA GLU B 534 -2.29 5.48 -18.68
C GLU B 534 -2.54 6.36 -19.90
N ILE B 535 -1.45 6.67 -20.60
CA ILE B 535 -1.52 7.28 -21.92
C ILE B 535 -1.01 6.24 -22.91
N ILE B 536 -1.81 5.98 -23.93
CA ILE B 536 -1.43 5.01 -24.94
C ILE B 536 -0.65 5.74 -26.02
N VAL B 537 0.48 5.17 -26.40
CA VAL B 537 1.33 5.74 -27.43
C VAL B 537 1.42 4.70 -28.52
N ALA B 538 1.01 5.07 -29.73
CA ALA B 538 1.05 4.17 -30.87
C ALA B 538 1.80 4.83 -32.02
N SER B 539 2.82 4.17 -32.55
CA SER B 539 3.57 4.72 -33.67
C SER B 539 3.50 3.77 -34.86
N ASN B 540 3.37 4.31 -36.06
CA ASN B 540 3.27 3.53 -37.29
C ASN B 540 4.43 3.98 -38.16
N PHE B 541 5.47 3.17 -38.29
CA PHE B 541 6.69 3.68 -38.97
C PHE B 541 6.81 3.27 -40.42
N THR B 542 5.65 3.13 -41.05
CA THR B 542 5.55 2.77 -42.44
C THR B 542 4.56 3.76 -43.09
N PRO B 543 4.70 4.01 -44.40
CA PRO B 543 3.71 4.91 -45.00
C PRO B 543 2.33 4.29 -45.25
N VAL B 544 2.08 3.08 -44.76
CA VAL B 544 0.77 2.44 -44.93
C VAL B 544 -0.16 2.70 -43.74
N PRO B 545 -1.25 3.46 -43.97
CA PRO B 545 -2.20 3.71 -42.89
C PRO B 545 -2.76 2.38 -42.42
N ARG B 546 -2.93 2.19 -41.11
CA ARG B 546 -3.50 0.95 -40.61
C ARG B 546 -4.88 1.27 -40.10
N HIS B 547 -5.87 0.54 -40.60
CA HIS B 547 -7.24 0.74 -40.14
C HIS B 547 -7.67 -0.51 -39.39
N ASP B 548 -8.57 -0.33 -38.41
CA ASP B 548 -9.10 -1.46 -37.64
C ASP B 548 -7.96 -2.26 -37.01
N TYR B 549 -6.96 -1.54 -36.53
CA TYR B 549 -5.82 -2.14 -35.87
C TYR B 549 -6.19 -2.41 -34.40
N ARG B 550 -6.42 -3.68 -34.06
CA ARG B 550 -6.85 -4.04 -32.71
C ARG B 550 -5.68 -4.44 -31.81
N PHE B 551 -5.67 -3.97 -30.57
CA PHE B 551 -4.65 -4.38 -29.62
C PHE B 551 -5.20 -4.35 -28.21
N GLY B 552 -4.65 -5.22 -27.35
CA GLY B 552 -5.06 -5.30 -25.96
C GLY B 552 -4.71 -4.03 -25.24
N ILE B 553 -5.56 -3.62 -24.31
CA ILE B 553 -5.30 -2.50 -23.42
C ILE B 553 -5.53 -2.93 -22.00
N ASN B 554 -5.12 -2.08 -21.05
CA ASN B 554 -5.19 -2.42 -19.63
C ASN B 554 -6.40 -1.82 -18.93
N GLN B 555 -6.97 -0.78 -19.55
CA GLN B 555 -8.10 -0.06 -18.96
C GLN B 555 -9.24 0.12 -19.96
N PRO B 556 -10.37 -0.54 -19.71
CA PRO B 556 -11.48 -0.35 -20.63
C PRO B 556 -12.08 1.04 -20.45
N GLY B 557 -12.70 1.56 -21.49
CA GLY B 557 -13.38 2.84 -21.38
C GLY B 557 -13.32 3.64 -22.67
N LYS B 558 -13.45 4.96 -22.53
CA LYS B 558 -13.46 5.85 -23.67
C LYS B 558 -12.08 6.46 -23.87
N TRP B 559 -11.53 6.32 -25.08
CA TRP B 559 -10.19 6.82 -25.36
C TRP B 559 -10.22 7.82 -26.51
N ARG B 560 -9.38 8.86 -26.40
CA ARG B 560 -9.36 9.93 -27.37
CA ARG B 560 -9.36 9.97 -27.34
C ARG B 560 -7.93 10.44 -27.59
N GLU B 561 -7.62 10.82 -28.83
CA GLU B 561 -6.30 11.38 -29.16
C GLU B 561 -6.04 12.72 -28.48
N ILE B 562 -4.86 12.88 -27.89
CA ILE B 562 -4.43 14.17 -27.37
C ILE B 562 -3.21 14.66 -28.14
N LEU B 563 -2.69 13.79 -28.98
CA LEU B 563 -1.55 14.13 -29.84
C LEU B 563 -1.57 13.27 -31.09
N ASN B 564 -1.40 13.90 -32.25
CA ASN B 564 -1.41 13.18 -33.51
C ASN B 564 -0.50 13.90 -34.49
N THR B 565 0.67 13.31 -34.77
CA THR B 565 1.66 14.01 -35.57
C THR B 565 1.27 14.06 -37.05
N ASP B 566 0.22 13.34 -37.44
CA ASP B 566 -0.29 13.44 -38.81
C ASP B 566 -1.38 14.49 -38.96
N SER B 567 -1.63 15.26 -37.91
CA SER B 567 -2.59 16.37 -38.00
C SER B 567 -2.30 17.32 -39.16
N MET B 568 -3.35 17.77 -39.83
CA MET B 568 -3.19 18.81 -40.83
C MET B 568 -2.52 20.05 -40.24
N HIS B 569 -2.61 20.25 -38.93
N HIS B 569 -2.63 20.23 -38.93
CA HIS B 569 -1.97 21.42 -38.32
CA HIS B 569 -2.00 21.37 -38.25
C HIS B 569 -0.44 21.35 -38.39
C HIS B 569 -0.46 21.35 -38.38
N TYR B 570 0.10 20.18 -38.69
CA TYR B 570 1.56 20.04 -38.85
C TYR B 570 1.87 19.71 -40.30
N HIS B 571 0.85 19.84 -41.17
CA HIS B 571 0.97 19.48 -42.58
C HIS B 571 1.04 17.97 -42.82
N GLY B 572 0.46 17.19 -41.91
CA GLY B 572 0.27 15.77 -42.18
C GLY B 572 -1.00 15.53 -42.99
N SER B 573 -1.34 14.26 -43.19
CA SER B 573 -2.50 13.94 -44.04
C SER B 573 -3.84 14.02 -43.31
N ASN B 574 -3.80 14.34 -42.02
CA ASN B 574 -5.00 14.42 -41.17
C ASN B 574 -5.75 13.10 -40.99
N ALA B 575 -5.04 11.98 -41.03
CA ALA B 575 -5.68 10.70 -40.73
C ALA B 575 -5.74 10.57 -39.22
N GLY B 576 -6.59 9.69 -38.71
CA GLY B 576 -6.79 9.60 -37.28
C GLY B 576 -8.13 9.01 -36.90
N ASN B 577 -8.47 9.06 -35.62
CA ASN B 577 -9.64 8.35 -35.14
C ASN B 577 -10.89 9.21 -35.03
N GLY B 578 -10.71 10.52 -35.18
CA GLY B 578 -11.84 11.42 -35.38
C GLY B 578 -12.85 11.41 -34.26
N GLY B 579 -12.36 11.43 -33.03
CA GLY B 579 -13.25 11.48 -31.88
C GLY B 579 -12.96 10.34 -30.92
N THR B 580 -13.88 10.17 -29.98
CA THR B 580 -13.75 9.13 -28.95
C THR B 580 -13.90 7.72 -29.52
N VAL B 581 -13.05 6.79 -29.08
CA VAL B 581 -13.20 5.39 -29.45
C VAL B 581 -13.42 4.59 -28.17
N HIS B 582 -14.53 3.85 -28.12
CA HIS B 582 -14.78 3.00 -26.95
C HIS B 582 -14.07 1.65 -27.10
N SER B 583 -13.52 1.16 -25.99
CA SER B 583 -12.92 -0.17 -26.00
C SER B 583 -14.01 -1.25 -26.23
N ASP B 584 -13.56 -2.44 -26.57
CA ASP B 584 -14.42 -3.61 -26.76
C ASP B 584 -13.98 -4.68 -25.79
N GLU B 585 -14.93 -5.44 -25.25
CA GLU B 585 -14.53 -6.60 -24.47
C GLU B 585 -14.22 -7.76 -25.39
N ILE B 586 -13.09 -7.63 -26.09
CA ILE B 586 -12.61 -8.61 -27.04
C ILE B 586 -11.16 -8.81 -26.69
N ALA B 587 -10.79 -10.05 -26.35
CA ALA B 587 -9.43 -10.33 -25.92
C ALA B 587 -8.42 -10.11 -27.05
N SER B 588 -7.25 -9.61 -26.68
CA SER B 588 -6.19 -9.37 -27.65
C SER B 588 -4.89 -9.17 -26.86
N HIS B 589 -3.83 -9.79 -27.34
CA HIS B 589 -2.49 -9.70 -26.74
C HIS B 589 -2.44 -10.09 -25.26
N GLY B 590 -3.25 -11.06 -24.85
CA GLY B 590 -3.26 -11.50 -23.47
C GLY B 590 -4.05 -10.62 -22.54
N ARG B 591 -4.73 -9.61 -23.08
CA ARG B 591 -5.54 -8.70 -22.27
C ARG B 591 -7.04 -8.89 -22.54
N GLN B 592 -7.83 -8.65 -21.51
CA GLN B 592 -9.28 -8.86 -21.54
C GLN B 592 -10.02 -7.92 -22.49
N HIS B 593 -9.58 -6.67 -22.56
CA HIS B 593 -10.22 -5.65 -23.38
C HIS B 593 -9.27 -5.16 -24.46
N SER B 594 -9.81 -4.57 -25.51
CA SER B 594 -8.99 -4.08 -26.63
C SER B 594 -9.53 -2.78 -27.25
N LEU B 595 -8.70 -2.13 -28.05
CA LEU B 595 -9.14 -0.97 -28.81
C LEU B 595 -8.85 -1.28 -30.26
N SER B 596 -9.71 -0.81 -31.15
CA SER B 596 -9.46 -0.97 -32.57
C SER B 596 -9.37 0.42 -33.20
N LEU B 597 -8.19 0.78 -33.67
CA LEU B 597 -7.91 2.16 -34.07
C LEU B 597 -7.42 2.28 -35.49
N THR B 598 -7.47 3.51 -35.99
CA THR B 598 -6.71 3.91 -37.16
C THR B 598 -5.34 4.43 -36.67
N LEU B 599 -4.28 3.91 -37.29
CA LEU B 599 -2.92 4.42 -37.07
C LEU B 599 -2.47 5.14 -38.34
N PRO B 600 -2.34 6.48 -38.26
CA PRO B 600 -1.96 7.26 -39.44
C PRO B 600 -0.59 6.86 -39.92
N PRO B 601 -0.32 7.04 -41.22
CA PRO B 601 0.95 6.61 -41.81
C PRO B 601 2.10 7.50 -41.37
N LEU B 602 3.28 6.89 -41.13
CA LEU B 602 4.47 7.60 -40.67
C LEU B 602 4.12 8.60 -39.57
N ALA B 603 3.54 8.10 -38.48
CA ALA B 603 3.00 8.98 -37.47
C ALA B 603 2.95 8.35 -36.09
N THR B 604 2.94 9.21 -35.09
CA THR B 604 2.73 8.79 -33.70
C THR B 604 1.46 9.44 -33.17
N ILE B 605 0.66 8.67 -32.42
CA ILE B 605 -0.49 9.25 -31.72
C ILE B 605 -0.42 8.91 -30.26
N TRP B 606 -0.95 9.79 -29.42
CA TRP B 606 -1.06 9.53 -27.98
C TRP B 606 -2.55 9.61 -27.63
N LEU B 607 -3.04 8.69 -26.79
CA LEU B 607 -4.45 8.72 -26.41
C LEU B 607 -4.60 8.72 -24.91
N VAL B 608 -5.67 9.37 -24.42
CA VAL B 608 -5.97 9.44 -22.98
C VAL B 608 -7.33 8.83 -22.75
N ARG B 609 -7.54 8.32 -21.54
CA ARG B 609 -8.83 7.74 -21.16
C ARG B 609 -9.73 8.82 -20.54
N GLU B 610 -10.93 8.97 -21.05
CA GLU B 610 -11.81 10.00 -20.53
C GLU B 610 -12.53 9.49 -19.26
N ALA B 611 -12.79 10.39 -18.31
CA ALA B 611 -13.45 9.99 -17.06
C ALA B 611 -14.92 9.66 -17.29
N GLU B 612 -15.46 8.77 -16.46
CA GLU B 612 -16.89 8.43 -16.53
C GLU B 612 -17.68 9.35 -15.59
N HIS C 2 5.79 -41.56 52.53
CA HIS C 2 6.32 -40.20 52.46
C HIS C 2 7.01 -39.92 51.13
N LEU C 3 6.31 -40.19 50.03
CA LEU C 3 6.85 -39.92 48.71
C LEU C 3 6.89 -38.42 48.45
N ARG C 4 6.05 -37.68 49.18
CA ARG C 4 5.87 -36.26 48.96
C ARG C 4 6.06 -35.49 50.27
N PRO C 5 7.32 -35.35 50.72
CA PRO C 5 7.59 -34.70 52.00
C PRO C 5 7.26 -33.22 51.98
N TYR C 6 7.23 -32.62 50.79
CA TYR C 6 6.94 -31.20 50.62
C TYR C 6 5.51 -30.85 51.02
N GLU C 7 4.67 -31.87 51.22
CA GLU C 7 3.28 -31.66 51.61
C GLU C 7 3.17 -31.46 53.13
N THR C 8 4.24 -31.80 53.84
CA THR C 8 4.29 -31.55 55.30
C THR C 8 5.46 -30.66 55.72
N LEU C 9 6.66 -30.96 55.25
CA LEU C 9 7.85 -30.14 55.53
C LEU C 9 7.81 -28.80 54.80
N GLY C 10 8.47 -27.79 55.37
CA GLY C 10 8.36 -26.42 54.88
C GLY C 10 7.39 -25.59 55.71
N ALA C 11 6.86 -24.52 55.13
CA ALA C 11 5.88 -23.67 55.80
C ALA C 11 4.50 -23.79 55.17
N HIS C 12 3.54 -24.28 55.94
CA HIS C 12 2.21 -24.57 55.42
C HIS C 12 1.15 -23.98 56.31
N ALA C 13 0.07 -23.50 55.71
CA ALA C 13 -1.09 -23.02 56.45
C ALA C 13 -1.69 -24.14 57.32
N ASP C 14 -2.06 -23.78 58.54
CA ASP C 14 -2.62 -24.74 59.47
C ASP C 14 -3.62 -24.03 60.36
N THR C 15 -4.49 -24.80 60.99
CA THR C 15 -5.42 -24.26 61.95
C THR C 15 -5.32 -25.06 63.24
N MET C 16 -4.68 -24.47 64.24
CA MET C 16 -4.48 -25.14 65.52
C MET C 16 -5.56 -24.72 66.52
N ASP C 17 -6.41 -25.67 66.90
CA ASP C 17 -7.46 -25.45 67.90
C ASP C 17 -8.38 -24.26 67.59
N GLY C 18 -8.59 -23.97 66.32
CA GLY C 18 -9.44 -22.87 65.91
C GLY C 18 -8.69 -21.56 65.68
N VAL C 19 -7.37 -21.60 65.82
CA VAL C 19 -6.54 -20.44 65.51
C VAL C 19 -5.72 -20.68 64.24
N THR C 20 -5.75 -19.72 63.32
CA THR C 20 -5.05 -19.87 62.04
C THR C 20 -3.61 -19.37 62.08
N GLY C 21 -2.78 -19.90 61.17
CA GLY C 21 -1.39 -19.49 61.05
C GLY C 21 -0.64 -20.42 60.10
N THR C 22 0.67 -20.54 60.30
CA THR C 22 1.42 -21.53 59.51
C THR C 22 2.28 -22.43 60.39
N ARG C 23 2.33 -23.70 60.01
CA ARG C 23 3.21 -24.66 60.68
C ARG C 23 4.54 -24.73 59.94
N PHE C 24 5.62 -24.51 60.68
CA PHE C 24 6.96 -24.67 60.14
C PHE C 24 7.50 -26.02 60.58
N SER C 25 8.11 -26.73 59.64
CA SER C 25 8.72 -28.03 59.92
C SER C 25 10.06 -28.11 59.20
N VAL C 26 11.09 -28.57 59.89
CA VAL C 26 12.38 -28.73 59.23
C VAL C 26 13.20 -29.90 59.77
N TRP C 27 13.79 -30.67 58.85
CA TRP C 27 14.58 -31.84 59.20
C TRP C 27 16.04 -31.49 59.48
N ALA C 28 16.42 -31.60 60.76
CA ALA C 28 17.78 -31.35 61.20
C ALA C 28 17.99 -32.02 62.56
N PRO C 29 18.16 -33.35 62.55
CA PRO C 29 18.19 -34.15 63.78
C PRO C 29 19.37 -33.78 64.69
N ASN C 30 20.46 -33.28 64.11
CA ASN C 30 21.67 -33.04 64.89
C ASN C 30 21.88 -31.58 65.33
N ALA C 31 20.93 -30.69 65.01
CA ALA C 31 21.05 -29.31 65.48
C ALA C 31 20.73 -29.20 66.96
N ARG C 32 21.35 -28.22 67.63
CA ARG C 32 21.18 -28.02 69.07
C ARG C 32 19.92 -27.23 69.37
N ARG C 33 19.61 -26.30 68.48
CA ARG C 33 18.45 -25.44 68.63
C ARG C 33 18.09 -24.92 67.25
N VAL C 34 16.78 -24.81 67.00
CA VAL C 34 16.31 -24.16 65.78
C VAL C 34 15.18 -23.19 66.10
N SER C 35 15.24 -22.00 65.51
CA SER C 35 14.22 -20.99 65.69
C SER C 35 13.69 -20.52 64.35
N VAL C 36 12.42 -20.13 64.29
CA VAL C 36 11.91 -19.45 63.11
C VAL C 36 12.17 -17.96 63.27
N VAL C 37 12.94 -17.39 62.36
CA VAL C 37 13.22 -15.97 62.43
C VAL C 37 12.71 -15.25 61.20
N GLY C 38 12.32 -14.00 61.38
CA GLY C 38 11.83 -13.21 60.27
C GLY C 38 11.60 -11.79 60.71
N GLN C 39 11.05 -10.98 59.80
CA GLN C 39 10.75 -9.60 60.09
C GLN C 39 9.73 -9.47 61.21
N PHE C 40 8.80 -10.42 61.30
CA PHE C 40 7.81 -10.42 62.38
C PHE C 40 8.49 -10.67 63.72
N ASN C 41 9.71 -11.20 63.65
CA ASN C 41 10.52 -11.53 64.81
C ASN C 41 11.66 -10.53 65.01
N TYR C 42 11.77 -9.60 64.05
CA TYR C 42 12.93 -8.74 63.92
C TYR C 42 14.22 -9.57 64.01
N TRP C 43 14.13 -10.79 63.50
CA TRP C 43 15.27 -11.68 63.29
C TRP C 43 15.92 -12.18 64.58
N ASP C 44 15.14 -12.17 65.65
CA ASP C 44 15.59 -12.66 66.94
C ASP C 44 15.22 -14.14 67.09
N GLY C 45 16.21 -15.00 67.23
CA GLY C 45 15.97 -16.42 67.41
C GLY C 45 15.39 -16.80 68.76
N ARG C 46 15.18 -15.81 69.62
N ARG C 46 15.21 -15.80 69.62
CA ARG C 46 14.66 -16.08 70.96
CA ARG C 46 14.69 -16.02 70.97
C ARG C 46 13.16 -15.91 71.04
C ARG C 46 13.16 -15.94 71.02
N ARG C 47 12.57 -15.26 70.04
CA ARG C 47 11.13 -15.06 69.98
C ARG C 47 10.36 -16.36 69.71
N HIS C 48 10.75 -17.07 68.66
CA HIS C 48 9.98 -18.23 68.21
C HIS C 48 10.81 -19.51 68.03
N PRO C 49 11.37 -20.05 69.13
CA PRO C 49 12.12 -21.31 69.03
C PRO C 49 11.19 -22.49 68.69
N MET C 50 11.70 -23.46 67.93
CA MET C 50 10.92 -24.65 67.57
C MET C 50 11.22 -25.79 68.54
N ARG C 51 10.45 -26.87 68.44
CA ARG C 51 10.68 -28.04 69.30
C ARG C 51 10.97 -29.30 68.50
N LEU C 52 12.04 -30.01 68.88
CA LEU C 52 12.50 -31.20 68.18
C LEU C 52 11.57 -32.38 68.44
N ARG C 53 11.16 -33.05 67.36
CA ARG C 53 10.49 -34.35 67.48
C ARG C 53 11.57 -35.42 67.31
N LYS C 54 12.06 -35.93 68.43
CA LYS C 54 13.25 -36.79 68.44
C LYS C 54 13.11 -38.02 67.55
N GLU C 55 11.88 -38.53 67.44
CA GLU C 55 11.60 -39.72 66.63
C GLU C 55 11.85 -39.52 65.13
N SER C 56 11.72 -38.27 64.67
CA SER C 56 11.76 -37.98 63.23
C SER C 56 12.93 -37.06 62.85
N GLY C 57 13.51 -36.40 63.85
CA GLY C 57 14.55 -35.43 63.61
C GLY C 57 14.04 -34.12 63.04
N ILE C 58 12.72 -33.93 63.10
CA ILE C 58 12.08 -32.76 62.52
C ILE C 58 11.72 -31.71 63.58
N TRP C 59 12.21 -30.49 63.40
CA TRP C 59 11.81 -29.36 64.23
C TRP C 59 10.51 -28.74 63.73
N GLU C 60 9.61 -28.43 64.66
CA GLU C 60 8.28 -27.97 64.32
C GLU C 60 7.86 -26.78 65.18
N LEU C 61 7.09 -25.88 64.58
CA LEU C 61 6.48 -24.77 65.32
C LEU C 61 5.30 -24.21 64.57
N PHE C 62 4.20 -24.08 65.28
CA PHE C 62 3.04 -23.38 64.77
C PHE C 62 3.08 -21.93 65.25
N ILE C 63 3.05 -20.99 64.32
CA ILE C 63 3.07 -19.57 64.65
C ILE C 63 1.73 -18.97 64.24
N PRO C 64 0.93 -18.53 65.23
CA PRO C 64 -0.39 -17.96 64.95
C PRO C 64 -0.28 -16.68 64.13
N GLY C 65 -1.26 -16.45 63.25
CA GLY C 65 -1.32 -15.21 62.50
C GLY C 65 -0.29 -15.08 61.40
N ALA C 66 0.71 -15.95 61.39
CA ALA C 66 1.70 -15.94 60.32
C ALA C 66 0.99 -16.26 59.00
N HIS C 67 1.28 -15.49 57.96
CA HIS C 67 0.51 -15.59 56.72
C HIS C 67 1.35 -15.46 55.45
N ASN C 68 0.71 -15.70 54.31
CA ASN C 68 1.36 -15.62 53.00
C ASN C 68 2.01 -14.26 52.75
N GLY C 69 3.26 -14.28 52.29
CA GLY C 69 3.98 -13.06 52.00
C GLY C 69 5.14 -12.82 52.95
N GLN C 70 4.95 -13.17 54.21
CA GLN C 70 5.95 -12.93 55.25
C GLN C 70 7.23 -13.73 55.01
N LEU C 71 8.37 -13.09 55.29
CA LEU C 71 9.68 -13.72 55.12
C LEU C 71 10.07 -14.54 56.33
N TYR C 72 10.92 -15.55 56.11
CA TYR C 72 11.41 -16.36 57.21
C TYR C 72 12.72 -17.07 56.85
N LYS C 73 13.55 -17.28 57.86
CA LYS C 73 14.70 -18.16 57.77
C LYS C 73 14.66 -19.02 59.02
N TYR C 74 15.57 -19.98 59.10
CA TYR C 74 15.73 -20.75 60.32
C TYR C 74 17.08 -20.42 60.93
N GLU C 75 17.07 -19.89 62.16
CA GLU C 75 18.33 -19.72 62.89
C GLU C 75 18.63 -21.00 63.64
N MET C 76 19.81 -21.57 63.44
CA MET C 76 20.12 -22.77 64.20
C MET C 76 21.43 -22.67 64.96
N ILE C 77 21.55 -23.51 65.98
CA ILE C 77 22.84 -23.84 66.54
C ILE C 77 23.18 -25.25 66.08
N ASP C 78 24.30 -25.38 65.37
CA ASP C 78 24.74 -26.65 64.78
C ASP C 78 24.94 -27.74 65.81
N ALA C 79 25.35 -28.91 65.30
CA ALA C 79 25.86 -29.98 66.14
C ALA C 79 27.15 -29.51 66.78
N ASN C 80 27.88 -28.67 66.05
CA ASN C 80 29.20 -28.17 66.48
C ASN C 80 29.11 -26.93 67.34
N GLY C 81 27.89 -26.45 67.57
CA GLY C 81 27.69 -25.28 68.42
C GLY C 81 27.69 -23.97 67.65
N ASN C 82 27.86 -24.06 66.33
CA ASN C 82 27.90 -22.86 65.49
C ASN C 82 26.50 -22.28 65.25
N LEU C 83 26.42 -20.95 65.21
CA LEU C 83 25.16 -20.27 64.92
C LEU C 83 25.03 -20.00 63.43
N ARG C 84 24.05 -20.65 62.80
CA ARG C 84 23.85 -20.52 61.36
C ARG C 84 22.43 -20.08 61.02
N LEU C 85 22.32 -19.15 60.08
CA LEU C 85 21.04 -18.86 59.43
C LEU C 85 20.89 -19.81 58.22
N LYS C 86 19.77 -20.52 58.14
CA LYS C 86 19.55 -21.46 57.03
C LYS C 86 18.32 -21.07 56.22
N SER C 87 18.35 -21.37 54.93
CA SER C 87 17.20 -21.24 54.07
C SER C 87 16.41 -22.54 54.16
N ASP C 88 15.10 -22.45 53.98
CA ASP C 88 14.25 -23.63 54.01
C ASP C 88 14.49 -24.45 52.74
N PRO C 89 14.96 -25.71 52.89
CA PRO C 89 15.15 -26.56 51.71
C PRO C 89 13.85 -26.74 50.93
N TYR C 90 12.72 -26.60 51.64
CA TYR C 90 11.40 -26.68 51.03
C TYR C 90 10.75 -25.31 50.84
N ALA C 91 11.55 -24.28 50.63
CA ALA C 91 11.06 -22.98 50.22
C ALA C 91 10.34 -23.10 48.86
N PHE C 92 9.10 -22.62 48.79
CA PHE C 92 8.32 -22.70 47.56
C PHE C 92 8.37 -21.38 46.81
N GLU C 93 8.77 -20.33 47.53
CA GLU C 93 9.10 -19.05 46.90
C GLU C 93 10.32 -18.44 47.64
N ALA C 94 11.25 -17.90 46.86
CA ALA C 94 12.42 -17.24 47.45
C ALA C 94 12.34 -15.73 47.24
N GLN C 95 13.09 -14.99 48.05
CA GLN C 95 13.14 -13.53 47.94
C GLN C 95 13.91 -13.15 46.68
N MET C 96 13.97 -11.85 46.37
CA MET C 96 14.63 -11.37 45.15
C MET C 96 16.14 -11.64 45.07
N ARG C 97 16.85 -10.84 44.28
CA ARG C 97 18.23 -11.15 43.90
C ARG C 97 19.34 -10.99 44.96
N PRO C 98 19.35 -9.86 45.70
CA PRO C 98 20.38 -9.79 46.74
C PRO C 98 19.98 -10.54 48.01
N GLU C 99 18.71 -10.44 48.39
CA GLU C 99 18.22 -11.04 49.64
C GLU C 99 17.80 -12.50 49.44
N THR C 100 17.88 -13.29 50.52
CA THR C 100 17.76 -14.75 50.42
C THR C 100 16.78 -15.41 51.40
N ALA C 101 15.83 -14.65 51.94
CA ALA C 101 14.82 -15.24 52.80
C ALA C 101 13.86 -16.11 51.99
N SER C 102 13.16 -17.01 52.67
CA SER C 102 12.08 -17.75 52.05
C SER C 102 10.78 -16.99 52.26
N LEU C 103 9.81 -17.23 51.39
CA LEU C 103 8.52 -16.60 51.52
C LEU C 103 7.50 -17.67 51.88
N ILE C 104 6.60 -17.35 52.80
CA ILE C 104 5.48 -18.25 53.09
C ILE C 104 4.52 -18.24 51.91
N CYS C 105 4.19 -19.41 51.37
CA CYS C 105 3.19 -19.46 50.30
C CYS C 105 2.44 -20.79 50.21
N GLY C 106 3.04 -21.87 50.71
CA GLY C 106 2.41 -23.17 50.61
C GLY C 106 2.42 -23.68 49.18
N LEU C 107 1.66 -24.74 48.93
CA LEU C 107 1.65 -25.40 47.63
C LEU C 107 0.58 -24.83 46.71
N PRO C 108 0.86 -24.80 45.39
CA PRO C 108 -0.26 -24.50 44.48
C PRO C 108 -1.21 -25.69 44.42
N GLU C 109 -2.40 -25.47 43.86
CA GLU C 109 -3.38 -26.53 43.68
C GLU C 109 -2.82 -27.62 42.76
N LYS C 110 -3.27 -28.86 42.95
CA LYS C 110 -2.78 -29.96 42.13
C LYS C 110 -3.26 -29.86 40.68
N VAL C 111 -2.47 -30.36 39.75
CA VAL C 111 -2.80 -30.31 38.34
C VAL C 111 -2.96 -31.70 37.75
N VAL C 112 -4.14 -31.98 37.21
CA VAL C 112 -4.38 -33.28 36.57
C VAL C 112 -3.81 -33.26 35.17
N GLN C 113 -2.85 -34.14 34.87
CA GLN C 113 -2.28 -34.21 33.54
C GLN C 113 -3.32 -34.85 32.63
N THR C 114 -3.64 -34.18 31.52
CA THR C 114 -4.69 -34.67 30.62
C THR C 114 -4.21 -35.81 29.77
N GLU C 115 -5.14 -36.64 29.31
CA GLU C 115 -4.83 -37.73 28.42
C GLU C 115 -4.11 -37.23 27.17
N GLU C 116 -4.55 -36.08 26.65
CA GLU C 116 -3.90 -35.53 25.46
C GLU C 116 -2.41 -35.27 25.68
N ARG C 117 -2.07 -34.71 26.84
CA ARG C 117 -0.67 -34.44 27.14
C ARG C 117 0.12 -35.71 27.38
N LYS C 118 -0.51 -36.70 28.01
CA LYS C 118 0.14 -38.00 28.16
C LYS C 118 0.44 -38.61 26.81
N LYS C 119 -0.56 -38.57 25.93
CA LYS C 119 -0.41 -39.02 24.55
C LYS C 119 0.73 -38.33 23.84
N ALA C 120 0.81 -37.00 24.00
CA ALA C 120 1.85 -36.22 23.30
C ALA C 120 3.25 -36.62 23.72
N ASN C 121 3.35 -37.31 24.85
CA ASN C 121 4.63 -37.85 25.35
C ASN C 121 4.98 -39.24 24.84
N GLN C 122 4.02 -39.95 24.25
CA GLN C 122 4.22 -41.38 23.92
C GLN C 122 5.26 -41.63 22.82
N PHE C 123 5.77 -42.86 22.80
CA PHE C 123 6.77 -43.30 21.83
C PHE C 123 6.35 -43.14 20.37
N ASP C 124 5.04 -43.24 20.14
CA ASP C 124 4.49 -43.19 18.78
C ASP C 124 4.07 -41.77 18.41
N ALA C 125 4.42 -40.81 19.25
CA ALA C 125 4.07 -39.41 19.01
C ALA C 125 5.16 -38.65 18.25
N PRO C 126 4.75 -37.70 17.38
CA PRO C 126 5.72 -36.73 16.88
C PRO C 126 6.15 -35.88 18.06
N ILE C 127 7.44 -35.88 18.37
CA ILE C 127 7.94 -35.05 19.46
C ILE C 127 9.03 -34.15 18.91
N SER C 128 8.75 -32.86 18.89
CA SER C 128 9.71 -31.88 18.42
C SER C 128 9.84 -30.82 19.52
N ILE C 129 11.02 -30.80 20.13
CA ILE C 129 11.24 -29.98 21.32
C ILE C 129 11.99 -28.67 21.02
N TYR C 130 11.44 -27.56 21.47
CA TYR C 130 12.11 -26.28 21.42
C TYR C 130 12.75 -26.06 22.80
N GLU C 131 14.07 -26.18 22.88
CA GLU C 131 14.80 -26.02 24.14
C GLU C 131 15.12 -24.55 24.36
N VAL C 132 14.81 -24.05 25.56
CA VAL C 132 14.90 -22.62 25.83
C VAL C 132 15.45 -22.27 27.21
N HIS C 133 16.35 -21.29 27.24
CA HIS C 133 16.75 -20.64 28.49
C HIS C 133 15.92 -19.35 28.64
N LEU C 134 15.08 -19.30 29.68
CA LEU C 134 14.15 -18.18 29.84
C LEU C 134 14.83 -16.81 30.00
N GLY C 135 16.05 -16.78 30.55
CA GLY C 135 16.76 -15.53 30.78
C GLY C 135 17.48 -14.93 29.57
N SER C 136 17.45 -15.62 28.43
CA SER C 136 18.22 -15.18 27.27
C SER C 136 17.53 -15.39 25.94
N TRP C 137 16.25 -15.76 25.96
CA TRP C 137 15.51 -15.97 24.72
C TRP C 137 15.20 -14.62 24.08
N ARG C 138 14.57 -13.74 24.86
CA ARG C 138 14.31 -12.38 24.42
C ARG C 138 14.56 -11.43 25.60
N ARG C 139 14.83 -10.17 25.27
CA ARG C 139 14.96 -9.12 26.27
C ARG C 139 14.22 -7.88 25.78
N HIS C 140 13.74 -7.05 26.70
CA HIS C 140 13.19 -5.76 26.31
C HIS C 140 14.29 -4.91 25.66
N THR C 141 13.99 -4.35 24.50
CA THR C 141 14.99 -3.66 23.71
C THR C 141 15.45 -2.36 24.38
N ASP C 142 14.53 -1.75 25.11
CA ASP C 142 14.80 -0.51 25.83
C ASP C 142 15.95 -0.60 26.83
N ASN C 143 15.91 -1.64 27.67
CA ASN C 143 16.78 -1.72 28.84
C ASN C 143 17.41 -3.09 29.03
N ASN C 144 17.21 -3.98 28.05
CA ASN C 144 17.72 -5.35 28.11
C ASN C 144 17.28 -6.14 29.34
N PHE C 145 16.12 -5.80 29.88
CA PHE C 145 15.59 -6.54 31.03
C PHE C 145 15.05 -7.88 30.58
N TRP C 146 14.97 -8.83 31.52
CA TRP C 146 14.29 -10.10 31.26
C TRP C 146 12.82 -9.86 30.95
N LEU C 147 12.23 -10.74 30.15
CA LEU C 147 10.78 -10.82 30.05
C LEU C 147 10.31 -11.57 31.29
N SER C 148 9.17 -11.18 31.83
CA SER C 148 8.61 -11.90 32.98
C SER C 148 7.98 -13.20 32.52
N TYR C 149 7.55 -14.02 33.47
CA TYR C 149 6.86 -15.26 33.16
C TYR C 149 5.61 -14.98 32.33
N ARG C 150 4.92 -13.91 32.67
CA ARG C 150 3.69 -13.55 31.99
C ARG C 150 3.94 -13.04 30.57
N GLU C 151 5.00 -12.28 30.39
CA GLU C 151 5.39 -11.83 29.05
C GLU C 151 5.80 -13.03 28.18
N LEU C 152 6.49 -13.99 28.77
CA LEU C 152 6.89 -15.19 28.06
C LEU C 152 5.66 -15.98 27.62
N ALA C 153 4.62 -15.98 28.47
CA ALA C 153 3.36 -16.65 28.14
C ALA C 153 2.68 -16.01 26.93
N ASP C 154 2.85 -14.69 26.78
CA ASP C 154 2.25 -13.97 25.66
C ASP C 154 3.15 -13.99 24.41
N GLN C 155 4.42 -14.33 24.59
CA GLN C 155 5.39 -14.24 23.48
C GLN C 155 6.03 -15.57 23.06
N LEU C 156 6.67 -16.25 24.01
CA LEU C 156 7.34 -17.52 23.74
C LEU C 156 6.35 -18.62 23.36
N VAL C 157 5.24 -18.70 24.08
CA VAL C 157 4.26 -19.77 23.87
C VAL C 157 3.59 -19.72 22.48
N PRO C 158 3.02 -18.55 22.09
CA PRO C 158 2.48 -18.51 20.71
C PRO C 158 3.55 -18.72 19.63
N TYR C 159 4.78 -18.28 19.87
CA TYR C 159 5.87 -18.46 18.91
C TYR C 159 6.24 -19.93 18.74
N ALA C 160 6.39 -20.62 19.86
CA ALA C 160 6.68 -22.04 19.81
C ALA C 160 5.50 -22.80 19.19
N LYS C 161 4.29 -22.35 19.51
CA LYS C 161 3.07 -22.86 18.90
C LYS C 161 3.08 -22.68 17.39
N TRP C 162 3.31 -21.44 16.95
CA TRP C 162 3.30 -21.14 15.52
C TRP C 162 4.36 -21.95 14.77
N MET C 163 5.52 -22.14 15.40
CA MET C 163 6.65 -22.81 14.76
C MET C 163 6.47 -24.32 14.64
N GLY C 164 5.43 -24.84 15.30
CA GLY C 164 5.05 -26.24 15.12
C GLY C 164 5.70 -27.21 16.09
N PHE C 165 6.30 -26.67 17.15
CA PHE C 165 6.88 -27.54 18.18
C PHE C 165 5.78 -28.17 19.04
N THR C 166 6.05 -29.36 19.58
CA THR C 166 5.07 -30.09 20.38
C THR C 166 5.33 -29.87 21.87
N HIS C 167 6.61 -29.67 22.18
CA HIS C 167 7.07 -29.47 23.55
C HIS C 167 7.96 -28.24 23.66
N LEU C 168 7.92 -27.64 24.84
CA LEU C 168 8.86 -26.64 25.27
C LEU C 168 9.76 -27.31 26.32
N GLU C 169 11.08 -27.17 26.19
CA GLU C 169 11.97 -27.68 27.25
C GLU C 169 12.69 -26.50 27.90
N LEU C 170 12.58 -26.42 29.21
CA LEU C 170 13.14 -25.31 29.98
C LEU C 170 14.43 -25.76 30.65
N LEU C 171 15.51 -24.99 30.48
CA LEU C 171 16.70 -25.15 31.33
C LEU C 171 16.25 -24.82 32.76
N PRO C 172 16.95 -25.35 33.79
CA PRO C 172 16.43 -25.38 35.17
C PRO C 172 15.88 -24.05 35.65
N ILE C 173 14.63 -24.03 36.10
CA ILE C 173 14.02 -22.82 36.62
C ILE C 173 14.02 -22.74 38.15
N ASN C 174 14.50 -23.79 38.82
CA ASN C 174 14.66 -23.69 40.27
C ASN C 174 15.61 -22.55 40.62
N GLU C 175 15.40 -21.94 41.79
CA GLU C 175 16.19 -20.78 42.19
C GLU C 175 17.69 -21.07 42.19
N HIS C 176 18.45 -20.14 41.60
CA HIS C 176 19.91 -20.25 41.54
C HIS C 176 20.54 -18.84 41.54
N PRO C 177 21.68 -18.67 42.22
CA PRO C 177 22.30 -17.37 42.45
C PRO C 177 22.94 -16.77 41.20
N PHE C 178 23.56 -17.58 40.37
CA PHE C 178 24.33 -17.08 39.23
C PHE C 178 23.71 -17.42 37.88
N ASP C 179 23.52 -16.39 37.06
CA ASP C 179 22.96 -16.54 35.72
C ASP C 179 23.77 -17.53 34.88
N GLY C 180 25.09 -17.53 35.08
CA GLY C 180 26.00 -18.27 34.25
C GLY C 180 25.99 -19.76 34.48
N SER C 181 25.32 -20.23 35.53
CA SER C 181 25.21 -21.67 35.75
C SER C 181 24.08 -22.20 34.88
N TRP C 182 23.29 -21.27 34.36
CA TRP C 182 22.13 -21.53 33.49
C TRP C 182 21.04 -22.27 34.25
N GLY C 183 21.15 -22.32 35.57
CA GLY C 183 20.18 -22.97 36.42
C GLY C 183 20.67 -24.29 36.97
N TYR C 184 21.83 -24.74 36.50
CA TYR C 184 22.32 -26.07 36.87
C TYR C 184 22.99 -26.12 38.24
N GLN C 185 23.20 -24.94 38.83
CA GLN C 185 23.70 -24.84 40.20
C GLN C 185 22.65 -24.21 41.11
N PRO C 186 21.71 -25.02 41.62
CA PRO C 186 20.55 -24.54 42.38
C PRO C 186 20.84 -24.23 43.86
N THR C 187 19.99 -23.40 44.47
CA THR C 187 20.01 -23.18 45.91
C THR C 187 18.63 -23.48 46.49
N GLY C 188 17.63 -23.52 45.61
CA GLY C 188 16.27 -23.83 46.01
C GLY C 188 15.54 -24.73 45.02
N LEU C 189 15.48 -26.02 45.32
CA LEU C 189 14.92 -26.99 44.40
C LEU C 189 13.41 -26.87 44.26
N TYR C 190 12.77 -26.32 45.29
CA TYR C 190 11.31 -26.22 45.30
C TYR C 190 10.80 -24.82 44.96
N ALA C 191 11.73 -23.90 44.68
CA ALA C 191 11.37 -22.53 44.39
C ALA C 191 11.68 -22.15 42.94
N PRO C 192 10.63 -21.86 42.15
CA PRO C 192 10.80 -21.30 40.81
C PRO C 192 11.54 -19.98 40.92
N THR C 193 12.57 -19.79 40.10
CA THR C 193 13.40 -18.60 40.19
C THR C 193 12.56 -17.33 40.10
N ARG C 194 12.86 -16.34 40.94
CA ARG C 194 12.09 -15.12 40.99
C ARG C 194 12.56 -14.08 39.96
N ARG C 195 13.54 -14.46 39.12
CA ARG C 195 14.04 -13.60 38.05
C ARG C 195 12.92 -13.06 37.18
N PHE C 196 11.90 -13.90 36.96
CA PHE C 196 10.87 -13.61 35.97
C PHE C 196 9.52 -13.39 36.63
N GLY C 197 9.50 -13.47 37.95
CA GLY C 197 8.28 -13.20 38.71
C GLY C 197 8.02 -14.22 39.81
N THR C 198 6.76 -14.28 40.24
CA THR C 198 6.35 -15.16 41.36
C THR C 198 6.06 -16.58 40.88
N ARG C 199 5.93 -17.52 41.82
CA ARG C 199 5.62 -18.91 41.48
C ARG C 199 4.25 -19.04 40.83
N ASP C 200 3.31 -18.18 41.23
CA ASP C 200 2.02 -18.08 40.55
C ASP C 200 2.19 -17.63 39.11
N ASP C 201 3.15 -16.74 38.86
CA ASP C 201 3.41 -16.30 37.51
C ASP C 201 3.95 -17.45 36.64
N PHE C 202 4.88 -18.23 37.18
CA PHE C 202 5.42 -19.41 36.50
C PHE C 202 4.31 -20.42 36.22
N ARG C 203 3.39 -20.53 37.16
CA ARG C 203 2.23 -21.39 37.01
C ARG C 203 1.34 -20.89 35.87
N TYR C 204 1.15 -19.58 35.79
CA TYR C 204 0.41 -18.97 34.68
C TYR C 204 1.08 -19.33 33.35
N PHE C 205 2.39 -19.20 33.31
CA PHE C 205 3.19 -19.54 32.13
C PHE C 205 2.96 -20.99 31.69
N ILE C 206 3.04 -21.91 32.64
CA ILE C 206 2.81 -23.31 32.31
C ILE C 206 1.40 -23.51 31.78
N ASP C 207 0.42 -22.96 32.49
CA ASP C 207 -0.98 -23.08 32.09
C ASP C 207 -1.23 -22.56 30.68
N ALA C 208 -0.49 -21.51 30.32
CA ALA C 208 -0.58 -20.93 28.97
C ALA C 208 -0.02 -21.88 27.90
N ALA C 209 1.12 -22.48 28.19
CA ALA C 209 1.72 -23.47 27.28
C ALA C 209 0.74 -24.61 27.01
N HIS C 210 0.13 -25.12 28.07
CA HIS C 210 -0.88 -26.18 27.95
C HIS C 210 -2.07 -25.71 27.13
N ALA C 211 -2.51 -24.49 27.40
CA ALA C 211 -3.65 -23.92 26.70
C ALA C 211 -3.39 -23.79 25.20
N ALA C 212 -2.11 -23.66 24.83
CA ALA C 212 -1.75 -23.51 23.43
C ALA C 212 -1.44 -24.86 22.80
N GLY C 213 -1.61 -25.94 23.58
CA GLY C 213 -1.37 -27.28 23.08
C GLY C 213 0.09 -27.69 23.09
N LEU C 214 0.84 -27.23 24.09
CA LEU C 214 2.23 -27.61 24.24
C LEU C 214 2.46 -28.40 25.53
N ASN C 215 3.28 -29.45 25.46
CA ASN C 215 3.77 -30.07 26.70
C ASN C 215 5.01 -29.32 27.17
N VAL C 216 5.29 -29.38 28.47
CA VAL C 216 6.46 -28.68 28.98
C VAL C 216 7.39 -29.67 29.65
N ILE C 217 8.65 -29.67 29.20
CA ILE C 217 9.66 -30.51 29.81
C ILE C 217 10.54 -29.61 30.66
N LEU C 218 10.85 -30.06 31.86
CA LEU C 218 11.65 -29.24 32.76
C LEU C 218 13.00 -29.92 32.98
N ASP C 219 14.09 -29.18 32.76
CA ASP C 219 15.40 -29.71 33.12
C ASP C 219 15.46 -29.80 34.64
N TRP C 220 15.60 -31.03 35.15
CA TRP C 220 15.60 -31.33 36.57
C TRP C 220 17.00 -31.76 37.01
N VAL C 221 17.45 -31.28 38.17
CA VAL C 221 18.86 -31.38 38.54
C VAL C 221 19.14 -32.13 39.86
N PRO C 222 18.80 -33.43 39.93
CA PRO C 222 19.13 -34.20 41.14
C PRO C 222 20.63 -34.56 41.20
N GLY C 223 21.33 -34.33 40.09
CA GLY C 223 22.75 -34.65 40.03
C GLY C 223 23.66 -33.49 40.43
N HIS C 224 23.07 -32.36 40.84
CA HIS C 224 23.85 -31.17 41.14
C HIS C 224 23.64 -30.65 42.57
N PHE C 225 24.45 -31.11 43.51
CA PHE C 225 24.38 -30.63 44.89
C PHE C 225 24.69 -29.13 44.93
N PRO C 226 23.89 -28.36 45.69
CA PRO C 226 24.08 -26.91 45.81
C PRO C 226 25.46 -26.55 46.39
N THR C 227 26.24 -25.82 45.60
CA THR C 227 27.58 -25.39 46.00
C THR C 227 27.59 -23.91 46.41
N ASP C 228 26.42 -23.29 46.40
CA ASP C 228 26.34 -21.85 46.63
C ASP C 228 25.70 -21.46 47.96
N ASP C 229 26.19 -20.37 48.54
CA ASP C 229 25.55 -19.73 49.70
C ASP C 229 25.31 -20.63 50.91
N PHE C 230 26.08 -21.71 51.03
CA PHE C 230 25.89 -22.70 52.10
C PHE C 230 24.43 -23.10 52.20
N ALA C 231 23.86 -23.42 51.04
CA ALA C 231 22.43 -23.71 50.93
C ALA C 231 22.04 -24.99 51.64
N LEU C 232 22.83 -26.04 51.43
CA LEU C 232 22.42 -27.38 51.84
C LEU C 232 23.54 -28.17 52.53
N ALA C 233 24.78 -27.76 52.31
CA ALA C 233 25.95 -28.42 52.89
C ALA C 233 25.95 -28.31 54.41
N GLU C 234 26.33 -29.39 55.08
CA GLU C 234 26.48 -29.42 56.54
C GLU C 234 25.26 -28.82 57.23
N PHE C 235 24.07 -29.22 56.78
CA PHE C 235 22.85 -28.48 57.08
C PHE C 235 22.53 -28.34 58.58
N ASP C 236 22.69 -29.41 59.35
CA ASP C 236 22.48 -29.33 60.79
C ASP C 236 23.82 -29.34 61.53
N GLY C 237 24.89 -29.18 60.76
CA GLY C 237 26.24 -29.32 61.31
C GLY C 237 26.88 -30.63 60.87
N THR C 238 26.07 -31.63 60.56
CA THR C 238 26.61 -32.88 60.02
C THR C 238 26.44 -32.93 58.51
N ASN C 239 27.10 -33.87 57.85
CA ASN C 239 26.80 -34.15 56.45
C ASN C 239 25.40 -34.78 56.36
N LEU C 240 24.39 -33.93 56.34
CA LEU C 240 23.01 -34.38 56.37
C LEU C 240 22.54 -34.86 55.00
N TYR C 241 22.77 -34.03 53.99
CA TYR C 241 22.32 -34.33 52.63
C TYR C 241 23.43 -34.87 51.74
N GLU C 242 24.68 -34.73 52.18
CA GLU C 242 25.82 -35.02 51.34
C GLU C 242 26.73 -36.12 51.89
N HIS C 243 27.52 -36.72 51.00
CA HIS C 243 28.57 -37.63 51.40
C HIS C 243 29.75 -36.85 51.98
N SER C 244 30.59 -37.54 52.74
CA SER C 244 31.56 -36.90 53.62
C SER C 244 32.86 -36.50 52.92
N LEU C 257 31.31 -32.25 45.85
CA LEU C 257 30.49 -33.00 46.80
C LEU C 257 29.16 -33.43 46.22
N ILE C 258 28.58 -34.48 46.78
CA ILE C 258 27.46 -35.17 46.17
C ILE C 258 26.39 -35.58 47.17
N TYR C 259 25.18 -35.82 46.67
CA TYR C 259 24.07 -36.27 47.50
C TYR C 259 24.31 -37.65 48.06
N ASN C 260 23.83 -37.88 49.28
CA ASN C 260 23.75 -39.22 49.82
C ASN C 260 22.44 -39.84 49.35
N TYR C 261 22.41 -40.27 48.08
CA TYR C 261 21.21 -40.84 47.48
C TYR C 261 20.69 -42.06 48.24
N GLY C 262 21.59 -42.72 48.95
CA GLY C 262 21.24 -43.92 49.71
C GLY C 262 20.48 -43.60 50.97
N ARG C 263 20.57 -42.35 51.42
CA ARG C 263 19.96 -41.91 52.66
C ARG C 263 18.47 -41.63 52.48
N ARG C 264 17.66 -42.23 53.35
CA ARG C 264 16.21 -42.23 53.23
C ARG C 264 15.60 -40.84 53.02
N GLU C 265 15.95 -39.90 53.88
CA GLU C 265 15.36 -38.56 53.81
C GLU C 265 15.89 -37.79 52.60
N VAL C 266 17.08 -38.14 52.13
CA VAL C 266 17.66 -37.44 50.99
C VAL C 266 16.99 -37.94 49.70
N SER C 267 16.79 -39.25 49.61
CA SER C 267 16.04 -39.83 48.51
C SER C 267 14.64 -39.21 48.42
N ASN C 268 13.91 -39.20 49.54
CA ASN C 268 12.56 -38.64 49.55
C ASN C 268 12.54 -37.15 49.19
N PHE C 269 13.56 -36.42 49.66
CA PHE C 269 13.70 -35.01 49.30
C PHE C 269 13.78 -34.83 47.77
N LEU C 270 14.58 -35.65 47.10
CA LEU C 270 14.74 -35.52 45.64
C LEU C 270 13.57 -36.11 44.85
N VAL C 271 13.11 -37.30 45.22
CA VAL C 271 11.97 -37.92 44.55
C VAL C 271 10.71 -37.04 44.67
N GLY C 272 10.48 -36.51 45.86
CA GLY C 272 9.39 -35.58 46.10
C GLY C 272 9.44 -34.33 45.23
N ASN C 273 10.65 -33.87 44.92
CA ASN C 273 10.82 -32.65 44.12
C ASN C 273 10.37 -32.85 42.67
N ALA C 274 10.65 -34.03 42.13
CA ALA C 274 10.13 -34.41 40.81
C ALA C 274 8.59 -34.50 40.83
N LEU C 275 8.05 -35.15 41.87
CA LEU C 275 6.60 -35.29 42.05
C LEU C 275 5.93 -33.91 42.18
N TYR C 276 6.61 -33.01 42.87
CA TYR C 276 6.17 -31.65 43.09
C TYR C 276 6.00 -30.85 41.78
N TRP C 277 7.05 -30.84 40.96
CA TRP C 277 6.97 -30.14 39.68
C TRP C 277 5.86 -30.71 38.81
N ILE C 278 5.77 -32.03 38.76
CA ILE C 278 4.73 -32.68 37.93
C ILE C 278 3.33 -32.41 38.46
N GLU C 279 3.10 -32.69 39.74
CA GLU C 279 1.77 -32.61 40.33
C GLU C 279 1.30 -31.20 40.65
N ARG C 280 2.22 -30.35 41.10
CA ARG C 280 1.83 -29.02 41.57
C ARG C 280 1.98 -27.93 40.51
N PHE C 281 2.78 -28.20 39.48
CA PHE C 281 2.88 -27.23 38.38
C PHE C 281 2.46 -27.77 37.02
N GLY C 282 2.14 -29.07 36.95
CA GLY C 282 1.65 -29.65 35.72
C GLY C 282 2.72 -29.86 34.65
N ILE C 283 3.98 -29.88 35.10
CA ILE C 283 5.10 -30.22 34.23
C ILE C 283 4.88 -31.60 33.62
N ASP C 284 5.10 -31.74 32.32
CA ASP C 284 4.70 -32.97 31.62
C ASP C 284 5.79 -34.02 31.54
N ALA C 285 7.03 -33.58 31.69
CA ALA C 285 8.18 -34.47 31.62
C ALA C 285 9.38 -33.81 32.28
N LEU C 286 10.37 -34.62 32.63
CA LEU C 286 11.58 -34.14 33.27
C LEU C 286 12.81 -34.68 32.55
N ARG C 287 13.83 -33.84 32.40
CA ARG C 287 15.09 -34.30 31.81
C ARG C 287 16.23 -34.19 32.82
N VAL C 288 16.99 -35.27 32.97
CA VAL C 288 18.15 -35.24 33.86
C VAL C 288 19.46 -35.17 33.07
N ASP C 289 20.20 -34.10 33.28
CA ASP C 289 21.50 -33.91 32.62
C ASP C 289 22.59 -34.63 33.39
N ALA C 290 23.74 -34.83 32.74
CA ALA C 290 24.96 -35.31 33.39
C ALA C 290 24.79 -36.60 34.20
N VAL C 291 24.07 -37.58 33.64
CA VAL C 291 23.87 -38.85 34.35
C VAL C 291 25.20 -39.58 34.59
N ALA C 292 26.16 -39.43 33.67
CA ALA C 292 27.47 -40.06 33.86
C ALA C 292 28.15 -39.59 35.15
N SER C 293 27.97 -38.31 35.50
CA SER C 293 28.59 -37.75 36.70
C SER C 293 27.92 -38.29 37.97
N MET C 294 26.70 -38.77 37.84
CA MET C 294 25.99 -39.35 38.98
C MET C 294 26.39 -40.80 39.19
N ILE C 295 26.28 -41.60 38.13
CA ILE C 295 26.49 -43.03 38.26
C ILE C 295 27.97 -43.38 38.46
N TYR C 296 28.85 -42.43 38.16
CA TYR C 296 30.29 -42.62 38.34
C TYR C 296 30.87 -41.63 39.34
N ARG C 314 34.68 -46.69 38.58
CA ARG C 314 34.08 -47.10 39.85
C ARG C 314 32.64 -46.59 39.93
N GLU C 315 31.68 -47.51 39.81
CA GLU C 315 30.26 -47.15 39.77
C GLU C 315 29.69 -46.76 41.13
N ASN C 316 28.88 -45.71 41.14
CA ASN C 316 28.10 -45.37 42.33
C ASN C 316 26.80 -46.16 42.31
N LEU C 317 26.75 -47.25 43.09
CA LEU C 317 25.59 -48.13 43.08
C LEU C 317 24.39 -47.42 43.68
N GLU C 318 24.65 -46.44 44.54
CA GLU C 318 23.59 -45.66 45.16
C GLU C 318 22.84 -44.82 44.13
N ALA C 319 23.60 -44.09 43.31
CA ALA C 319 23.01 -43.20 42.31
C ALA C 319 22.23 -44.01 41.27
N ILE C 320 22.82 -45.12 40.83
CA ILE C 320 22.16 -46.05 39.92
C ILE C 320 20.85 -46.53 40.52
N GLU C 321 20.89 -46.95 41.78
CA GLU C 321 19.68 -47.37 42.47
C GLU C 321 18.69 -46.22 42.65
N PHE C 322 19.20 -45.03 42.94
CA PHE C 322 18.35 -43.84 43.03
C PHE C 322 17.60 -43.56 41.72
N LEU C 323 18.32 -43.64 40.60
CA LEU C 323 17.72 -43.36 39.30
C LEU C 323 16.68 -44.41 38.95
N ARG C 324 17.02 -45.67 39.16
CA ARG C 324 16.08 -46.76 38.92
C ARG C 324 14.84 -46.56 39.76
N ASN C 325 15.05 -46.10 40.99
CA ASN C 325 13.96 -45.97 41.95
C ASN C 325 13.01 -44.83 41.61
N THR C 326 13.61 -43.69 41.31
CA THR C 326 12.86 -42.50 40.96
C THR C 326 12.04 -42.75 39.72
N ASN C 327 12.64 -43.41 38.73
CA ASN C 327 11.91 -43.70 37.52
C ASN C 327 10.75 -44.64 37.78
N ARG C 328 10.96 -45.62 38.67
CA ARG C 328 9.88 -46.53 39.05
C ARG C 328 8.72 -45.77 39.70
N ILE C 329 9.07 -44.89 40.64
CA ILE C 329 8.05 -44.17 41.40
C ILE C 329 7.26 -43.23 40.49
N LEU C 330 7.97 -42.50 39.63
CA LEU C 330 7.30 -41.64 38.66
C LEU C 330 6.42 -42.49 37.75
N GLY C 331 6.94 -43.61 37.28
CA GLY C 331 6.17 -44.51 36.44
C GLY C 331 4.92 -45.04 37.13
N GLU C 332 4.96 -45.04 38.46
CA GLU C 332 3.86 -45.56 39.27
C GLU C 332 2.89 -44.46 39.73
N GLN C 333 3.42 -43.29 40.10
CA GLN C 333 2.61 -42.24 40.72
C GLN C 333 2.04 -41.26 39.70
N VAL C 334 2.81 -40.99 38.66
CA VAL C 334 2.44 -40.01 37.64
C VAL C 334 2.60 -40.57 36.22
N SER C 335 2.06 -41.76 35.96
CA SER C 335 2.26 -42.36 34.64
C SER C 335 1.76 -41.44 33.54
N GLY C 336 2.47 -41.41 32.44
CA GLY C 336 2.17 -40.50 31.36
C GLY C 336 3.19 -39.38 31.32
N ALA C 337 3.67 -38.99 32.50
CA ALA C 337 4.74 -38.00 32.57
C ALA C 337 6.06 -38.75 32.44
N VAL C 338 6.82 -38.46 31.38
CA VAL C 338 8.02 -39.22 31.11
C VAL C 338 9.30 -38.55 31.60
N THR C 339 10.37 -39.36 31.69
CA THR C 339 11.68 -38.86 32.04
C THR C 339 12.66 -39.07 30.89
N MET C 340 13.58 -38.13 30.73
CA MET C 340 14.62 -38.25 29.73
C MET C 340 15.99 -38.02 30.34
N ALA C 341 17.02 -38.56 29.71
CA ALA C 341 18.37 -38.48 30.27
C ALA C 341 19.42 -38.16 29.22
N GLU C 342 20.45 -37.44 29.64
CA GLU C 342 21.68 -37.33 28.87
C GLU C 342 22.80 -38.01 29.65
N GLU C 343 23.42 -39.02 29.04
CA GLU C 343 24.53 -39.73 29.67
C GLU C 343 25.66 -39.88 28.66
N SER C 344 26.84 -39.38 29.00
CA SER C 344 27.91 -39.20 28.01
C SER C 344 28.86 -40.39 27.79
N THR C 345 28.77 -41.40 28.65
CA THR C 345 29.47 -42.65 28.40
C THR C 345 28.49 -43.51 27.63
N ASP C 346 28.87 -44.75 27.31
CA ASP C 346 27.91 -45.62 26.67
C ASP C 346 27.29 -46.56 27.71
N PHE C 347 26.85 -45.99 28.83
CA PHE C 347 26.21 -46.77 29.88
C PHE C 347 24.95 -47.44 29.35
N PRO C 348 24.90 -48.79 29.43
CA PRO C 348 23.90 -49.58 28.72
C PRO C 348 22.50 -49.48 29.31
N GLY C 349 21.50 -49.48 28.44
CA GLY C 349 20.11 -49.50 28.85
C GLY C 349 19.64 -48.33 29.70
N VAL C 350 20.08 -47.12 29.37
CA VAL C 350 19.60 -45.93 30.07
C VAL C 350 18.08 -45.77 29.95
N SER C 351 17.57 -45.98 28.73
CA SER C 351 16.13 -45.89 28.49
C SER C 351 15.48 -47.28 28.43
N ARG C 352 15.97 -48.19 29.27
CA ARG C 352 15.48 -49.57 29.30
C ARG C 352 14.96 -49.90 30.72
N PRO C 353 14.06 -50.91 30.83
CA PRO C 353 13.44 -51.23 32.12
C PRO C 353 14.41 -51.66 33.23
N GLN C 354 14.10 -51.26 34.45
CA GLN C 354 14.87 -51.65 35.64
C GLN C 354 15.02 -53.17 35.76
N ASP C 355 13.92 -53.90 35.59
CA ASP C 355 13.91 -55.37 35.69
C ASP C 355 14.74 -56.07 34.60
N MET C 356 15.32 -55.29 33.70
CA MET C 356 16.20 -55.83 32.66
C MET C 356 17.60 -55.23 32.77
N GLY C 357 17.87 -54.62 33.92
CA GLY C 357 19.18 -54.08 34.20
C GLY C 357 19.31 -52.61 33.83
N GLY C 358 18.23 -52.02 33.33
CA GLY C 358 18.28 -50.65 32.84
C GLY C 358 18.01 -49.60 33.91
N LEU C 359 18.15 -48.32 33.53
CA LEU C 359 17.92 -47.23 34.48
C LEU C 359 16.47 -46.76 34.50
N GLY C 360 15.68 -47.17 33.53
CA GLY C 360 14.25 -46.92 33.56
C GLY C 360 13.75 -45.63 32.94
N PHE C 361 14.65 -44.84 32.36
CA PHE C 361 14.23 -43.63 31.62
C PHE C 361 13.41 -44.01 30.39
N TRP C 362 12.66 -43.04 29.86
CA TRP C 362 11.84 -43.27 28.68
CA TRP C 362 11.83 -43.27 28.68
C TRP C 362 12.57 -42.89 27.41
N TYR C 363 13.34 -41.80 27.47
CA TYR C 363 14.16 -41.35 26.35
C TYR C 363 15.60 -41.03 26.76
N LYS C 364 16.52 -41.12 25.79
CA LYS C 364 17.92 -40.74 26.01
C LYS C 364 18.38 -39.80 24.89
N TRP C 365 19.16 -38.77 25.22
CA TRP C 365 19.77 -37.93 24.19
C TRP C 365 20.79 -38.72 23.36
N ASN C 366 20.69 -38.60 22.04
CA ASN C 366 21.62 -39.28 21.14
C ASN C 366 22.83 -38.40 20.87
N LEU C 367 23.76 -38.36 21.81
CA LEU C 367 24.93 -37.49 21.69
C LEU C 367 25.84 -37.96 20.58
N GLY C 368 25.90 -39.27 20.38
CA GLY C 368 26.73 -39.84 19.35
C GLY C 368 26.30 -39.36 17.98
N TRP C 369 24.98 -39.36 17.74
CA TRP C 369 24.43 -38.91 16.47
C TRP C 369 24.75 -37.45 16.24
N MET C 370 24.58 -36.63 17.27
CA MET C 370 24.89 -35.22 17.17
C MET C 370 26.38 -35.03 16.84
N HIS C 371 27.25 -35.76 17.52
CA HIS C 371 28.68 -35.67 17.24
C HIS C 371 29.05 -36.17 15.84
N ASP C 372 28.51 -37.32 15.44
CA ASP C 372 28.81 -37.88 14.14
C ASP C 372 28.34 -37.00 12.99
N THR C 373 27.14 -36.44 13.12
CA THR C 373 26.53 -35.72 12.01
C THR C 373 27.11 -34.33 11.87
N LEU C 374 27.37 -33.68 13.00
CA LEU C 374 28.06 -32.38 12.99
C LEU C 374 29.49 -32.49 12.47
N ASP C 375 30.20 -33.55 12.86
CA ASP C 375 31.51 -33.80 12.28
C ASP C 375 31.41 -34.00 10.77
N TYR C 376 30.37 -34.70 10.32
CA TYR C 376 30.13 -34.91 8.89
C TYR C 376 29.88 -33.60 8.17
N MET C 377 29.00 -32.77 8.73
CA MET C 377 28.60 -31.54 8.08
C MET C 377 29.74 -30.51 8.03
N LYS C 378 30.63 -30.58 9.03
CA LYS C 378 31.75 -29.64 9.10
C LYS C 378 32.72 -29.85 7.94
N LEU C 379 32.82 -31.08 7.48
CA LEU C 379 33.71 -31.43 6.38
C LEU C 379 33.34 -30.70 5.11
N ASP C 380 34.35 -30.42 4.29
CA ASP C 380 34.10 -29.92 2.95
C ASP C 380 33.49 -31.06 2.14
N PRO C 381 32.49 -30.75 1.28
CA PRO C 381 31.78 -31.77 0.49
C PRO C 381 32.72 -32.73 -0.25
N VAL C 382 33.95 -32.29 -0.54
CA VAL C 382 34.88 -33.09 -1.33
C VAL C 382 35.48 -34.24 -0.51
N TYR C 383 35.37 -34.14 0.81
CA TYR C 383 35.91 -35.17 1.71
C TYR C 383 34.81 -36.06 2.28
N ARG C 384 33.55 -35.75 1.96
CA ARG C 384 32.44 -36.44 2.60
C ARG C 384 32.28 -37.88 2.10
N GLN C 385 32.82 -38.18 0.93
CA GLN C 385 32.82 -39.56 0.45
C GLN C 385 33.68 -40.46 1.33
N TYR C 386 34.64 -39.85 2.02
CA TYR C 386 35.55 -40.59 2.90
C TYR C 386 35.00 -40.76 4.33
N HIS C 387 33.81 -40.22 4.58
CA HIS C 387 33.25 -40.24 5.93
C HIS C 387 31.77 -40.57 5.94
N HIS C 388 31.37 -41.42 4.99
CA HIS C 388 29.98 -41.81 4.80
C HIS C 388 29.43 -42.47 6.05
N ASP C 389 30.28 -43.22 6.73
CA ASP C 389 29.92 -43.94 7.95
C ASP C 389 29.27 -43.03 9.02
N LYS C 390 29.61 -41.76 9.02
CA LYS C 390 29.09 -40.85 10.03
C LYS C 390 27.56 -40.67 9.95
N LEU C 391 27.02 -40.83 8.75
CA LEU C 391 25.59 -40.68 8.53
C LEU C 391 24.85 -42.03 8.64
N THR C 392 25.55 -43.12 8.34
CA THR C 392 24.95 -44.45 8.33
C THR C 392 25.06 -45.15 9.70
N PHE C 393 25.97 -44.68 10.54
CA PHE C 393 26.26 -45.33 11.82
C PHE C 393 25.05 -45.34 12.76
N GLY C 394 24.26 -44.25 12.74
CA GLY C 394 23.11 -44.09 13.62
C GLY C 394 22.12 -45.24 13.69
N ILE C 395 21.88 -45.89 12.56
CA ILE C 395 20.90 -46.99 12.50
C ILE C 395 21.39 -48.23 13.24
N LEU C 396 22.71 -48.43 13.22
CA LEU C 396 23.31 -49.60 13.84
C LEU C 396 22.98 -49.77 15.31
N TYR C 397 22.89 -48.66 16.03
CA TYR C 397 22.59 -48.71 17.46
C TYR C 397 21.25 -48.07 17.82
N ASN C 398 20.45 -47.71 16.82
CA ASN C 398 19.20 -46.99 17.06
C ASN C 398 18.21 -47.73 17.95
N TYR C 399 18.23 -49.05 17.92
CA TYR C 399 17.22 -49.81 18.64
C TYR C 399 17.67 -50.29 20.02
N THR C 400 18.79 -49.74 20.49
CA THR C 400 19.29 -50.01 21.84
C THR C 400 18.76 -49.02 22.88
N GLU C 401 18.31 -47.85 22.42
CA GLU C 401 17.76 -46.82 23.29
C GLU C 401 16.65 -46.09 22.53
N ASN C 402 15.68 -45.50 23.26
CA ASN C 402 14.71 -44.60 22.64
C ASN C 402 15.29 -43.18 22.53
N PHE C 403 15.84 -42.82 21.37
CA PHE C 403 16.61 -41.58 21.23
C PHE C 403 15.82 -40.30 20.92
N VAL C 404 16.30 -39.19 21.50
CA VAL C 404 16.00 -37.85 21.00
C VAL C 404 17.23 -37.34 20.25
N LEU C 405 17.03 -36.80 19.05
CA LEU C 405 18.14 -36.21 18.28
C LEU C 405 18.36 -34.75 18.71
N PRO C 406 19.46 -34.49 19.43
CA PRO C 406 19.57 -33.21 20.13
C PRO C 406 20.59 -32.22 19.56
N LEU C 407 20.11 -31.06 19.14
CA LEU C 407 20.97 -29.91 18.87
C LEU C 407 20.76 -28.92 20.03
N SER C 408 21.50 -29.13 21.12
CA SER C 408 21.19 -28.48 22.40
C SER C 408 22.02 -27.24 22.67
N HIS C 409 21.74 -26.60 23.80
CA HIS C 409 22.47 -25.40 24.22
C HIS C 409 23.96 -25.68 24.43
N ASP C 410 24.28 -26.90 24.87
CA ASP C 410 25.67 -27.29 25.15
C ASP C 410 26.58 -27.25 23.92
N GLU C 411 25.99 -27.31 22.73
CA GLU C 411 26.79 -27.41 21.52
C GLU C 411 27.07 -26.06 20.84
N VAL C 412 26.56 -24.98 21.41
CA VAL C 412 26.77 -23.65 20.83
C VAL C 412 27.35 -22.66 21.83
N VAL C 413 28.24 -23.16 22.68
CA VAL C 413 28.89 -22.34 23.70
C VAL C 413 30.38 -22.67 23.72
N HIS C 414 31.13 -21.89 24.50
CA HIS C 414 32.51 -22.22 24.87
C HIS C 414 33.43 -22.49 23.68
N GLY C 415 33.24 -21.72 22.62
CA GLY C 415 34.10 -21.79 21.46
C GLY C 415 33.68 -22.79 20.40
N LYS C 416 32.55 -23.46 20.61
CA LYS C 416 32.10 -24.50 19.68
C LYS C 416 31.42 -23.94 18.43
N LYS C 417 31.23 -22.62 18.41
CA LYS C 417 30.53 -21.93 17.32
C LYS C 417 29.03 -22.27 17.27
N SER C 418 28.28 -21.48 16.52
CA SER C 418 26.89 -21.79 16.25
C SER C 418 26.84 -23.01 15.37
N ILE C 419 25.65 -23.56 15.18
CA ILE C 419 25.49 -24.65 14.25
C ILE C 419 25.79 -24.16 12.82
N LEU C 420 25.32 -22.95 12.51
CA LEU C 420 25.55 -22.35 11.20
C LEU C 420 27.05 -22.19 10.89
N ASP C 421 27.81 -21.70 11.86
CA ASP C 421 29.23 -21.50 11.67
C ASP C 421 30.03 -22.80 11.49
N ARG C 422 29.37 -23.94 11.70
CA ARG C 422 29.99 -25.23 11.44
C ARG C 422 29.91 -25.61 9.96
N MET C 423 29.06 -24.91 9.22
CA MET C 423 28.85 -25.21 7.81
C MET C 423 29.95 -24.62 6.92
N PRO C 424 30.46 -25.41 5.97
CA PRO C 424 31.51 -24.98 5.03
C PRO C 424 30.91 -24.30 3.80
N GLY C 425 31.71 -23.46 3.13
CA GLY C 425 31.33 -22.92 1.84
C GLY C 425 30.98 -21.44 1.85
N ASP C 426 30.58 -20.91 0.69
CA ASP C 426 30.08 -19.54 0.64
C ASP C 426 28.70 -19.48 1.31
N ALA C 427 28.16 -18.27 1.46
CA ALA C 427 26.89 -18.04 2.18
C ALA C 427 25.77 -18.97 1.71
N TRP C 428 25.55 -19.05 0.40
CA TRP C 428 24.51 -19.93 -0.13
C TRP C 428 24.71 -21.38 0.30
N GLN C 429 25.95 -21.85 0.23
CA GLN C 429 26.28 -23.25 0.54
C GLN C 429 26.22 -23.56 2.04
N LYS C 430 26.61 -22.58 2.86
CA LYS C 430 26.50 -22.72 4.31
C LYS C 430 25.05 -22.93 4.68
N PHE C 431 24.19 -22.01 4.23
CA PHE C 431 22.77 -22.09 4.55
C PHE C 431 22.10 -23.32 3.93
N ALA C 432 22.47 -23.66 2.69
CA ALA C 432 21.95 -24.86 2.06
C ALA C 432 22.37 -26.11 2.84
N ASN C 433 23.62 -26.13 3.30
CA ASN C 433 24.11 -27.20 4.16
C ASN C 433 23.26 -27.37 5.43
N LEU C 434 22.98 -26.25 6.11
CA LEU C 434 22.20 -26.27 7.33
C LEU C 434 20.80 -26.84 7.06
N ARG C 435 20.13 -26.27 6.05
CA ARG C 435 18.78 -26.70 5.67
C ARG C 435 18.73 -28.18 5.31
N ALA C 436 19.72 -28.67 4.55
CA ALA C 436 19.79 -30.08 4.19
C ALA C 436 19.88 -30.92 5.46
N TYR C 437 20.74 -30.47 6.38
CA TYR C 437 20.97 -31.16 7.65
C TYR C 437 19.70 -31.29 8.47
N TYR C 438 18.95 -30.21 8.57
CA TYR C 438 17.70 -30.24 9.33
C TYR C 438 16.70 -31.17 8.67
N GLY C 439 16.66 -31.15 7.33
CA GLY C 439 15.82 -32.06 6.57
C GLY C 439 16.13 -33.52 6.84
N TRP C 440 17.42 -33.82 7.03
CA TRP C 440 17.89 -35.16 7.37
C TRP C 440 17.48 -35.50 8.80
N MET C 441 17.76 -34.56 9.70
CA MET C 441 17.44 -34.67 11.11
C MET C 441 15.97 -34.98 11.40
N TRP C 442 15.07 -34.25 10.75
CA TRP C 442 13.63 -34.42 11.01
C TRP C 442 13.10 -35.73 10.42
N ALA C 443 13.89 -36.35 9.55
CA ALA C 443 13.52 -37.60 8.89
C ALA C 443 14.16 -38.83 9.57
N PHE C 444 15.28 -38.62 10.24
CA PHE C 444 16.03 -39.71 10.86
C PHE C 444 15.29 -40.20 12.11
N PRO C 445 15.35 -41.53 12.39
CA PRO C 445 14.70 -42.07 13.59
C PRO C 445 15.18 -41.42 14.88
N GLY C 446 14.23 -41.07 15.74
CA GLY C 446 14.50 -40.32 16.95
C GLY C 446 13.60 -39.10 17.02
N LYS C 447 13.21 -38.70 18.22
CA LYS C 447 12.46 -37.44 18.38
C LYS C 447 13.42 -36.27 18.17
N LYS C 448 12.88 -35.06 18.08
CA LYS C 448 13.73 -33.90 17.77
C LYS C 448 13.81 -32.92 18.95
N LEU C 449 15.02 -32.40 19.18
CA LEU C 449 15.20 -31.26 20.09
C LEU C 449 16.07 -30.22 19.40
N LEU C 450 15.61 -28.97 19.40
CA LEU C 450 16.34 -27.91 18.76
C LEU C 450 16.43 -26.70 19.68
N PHE C 451 17.66 -26.28 20.01
CA PHE C 451 17.85 -25.15 20.93
C PHE C 451 17.54 -23.81 20.26
N MET C 452 16.96 -22.92 21.06
CA MET C 452 16.59 -21.59 20.60
C MET C 452 17.75 -20.87 19.91
N GLY C 453 17.45 -20.23 18.79
CA GLY C 453 18.47 -19.63 17.97
C GLY C 453 18.84 -20.50 16.77
N ASN C 454 18.80 -21.82 16.94
CA ASN C 454 19.11 -22.70 15.82
C ASN C 454 18.07 -22.58 14.72
N GLU C 455 16.83 -22.27 15.09
CA GLU C 455 15.74 -22.28 14.11
C GLU C 455 15.80 -21.14 13.12
N PHE C 456 16.50 -20.05 13.46
CA PHE C 456 16.70 -19.00 12.47
C PHE C 456 18.17 -18.84 12.06
N ALA C 457 18.96 -19.84 12.42
CA ALA C 457 20.37 -19.94 12.04
C ALA C 457 21.18 -18.79 12.60
N GLN C 458 21.15 -18.62 13.92
CA GLN C 458 21.94 -17.59 14.56
C GLN C 458 23.41 -17.76 14.24
N GLY C 459 24.08 -16.64 13.96
CA GLY C 459 25.50 -16.67 13.63
C GLY C 459 26.37 -16.87 14.87
N ARG C 460 26.12 -16.05 15.89
CA ARG C 460 26.90 -16.08 17.12
C ARG C 460 26.52 -17.25 18.03
N GLU C 461 27.46 -17.65 18.88
CA GLU C 461 27.21 -18.64 19.92
C GLU C 461 26.14 -18.10 20.86
N TRP C 462 25.50 -18.97 21.62
CA TRP C 462 24.48 -18.52 22.56
C TRP C 462 25.11 -17.80 23.74
N ASN C 463 24.55 -16.63 24.05
CA ASN C 463 25.00 -15.84 25.18
C ASN C 463 23.88 -15.74 26.20
N HIS C 464 24.08 -16.35 27.37
CA HIS C 464 23.02 -16.40 28.38
C HIS C 464 22.70 -15.03 28.97
N ASP C 465 23.57 -14.06 28.75
CA ASP C 465 23.41 -12.74 29.36
C ASP C 465 22.91 -11.71 28.35
N ALA C 466 22.48 -12.19 27.19
CA ALA C 466 21.92 -11.32 26.17
C ALA C 466 20.69 -11.98 25.53
N SER C 467 19.94 -11.18 24.77
CA SER C 467 18.86 -11.72 23.97
C SER C 467 19.45 -12.52 22.82
N LEU C 468 18.67 -13.46 22.27
CA LEU C 468 19.01 -14.07 20.99
C LEU C 468 19.09 -13.00 19.90
N ASP C 469 19.82 -13.28 18.84
CA ASP C 469 20.03 -12.31 17.76
C ASP C 469 18.82 -12.18 16.83
N TRP C 470 17.70 -11.73 17.39
CA TRP C 470 16.49 -11.52 16.62
C TRP C 470 16.64 -10.46 15.53
N HIS C 471 17.66 -9.61 15.67
CA HIS C 471 17.93 -8.55 14.70
C HIS C 471 18.28 -9.11 13.32
N LEU C 472 18.67 -10.39 13.27
CA LEU C 472 18.97 -11.06 12.00
C LEU C 472 17.72 -11.20 11.15
N LEU C 473 16.56 -11.16 11.81
CA LEU C 473 15.29 -11.37 11.14
C LEU C 473 14.63 -10.03 10.84
N GLU C 474 15.33 -8.94 11.12
CA GLU C 474 14.80 -7.63 10.78
C GLU C 474 15.10 -7.29 9.32
N GLY C 475 14.24 -6.47 8.73
CA GLY C 475 14.44 -6.00 7.37
C GLY C 475 13.89 -6.93 6.33
N GLY C 476 14.47 -6.87 5.14
CA GLY C 476 13.98 -7.64 4.01
C GLY C 476 14.28 -9.12 4.19
N ASP C 477 13.45 -9.94 3.56
CA ASP C 477 13.55 -11.39 3.72
C ASP C 477 14.92 -11.93 3.34
N ASN C 478 15.52 -12.69 4.25
CA ASN C 478 16.89 -13.16 4.06
C ASN C 478 17.08 -14.66 4.31
N TRP C 479 18.34 -15.07 4.35
CA TRP C 479 18.73 -16.45 4.62
C TRP C 479 18.10 -16.97 5.90
N HIS C 480 18.09 -16.12 6.92
CA HIS C 480 17.63 -16.52 8.25
C HIS C 480 16.12 -16.74 8.29
N HIS C 481 15.38 -15.92 7.57
CA HIS C 481 13.94 -16.14 7.43
C HIS C 481 13.69 -17.50 6.79
N GLY C 482 14.50 -17.85 5.79
CA GLY C 482 14.33 -19.09 5.04
C GLY C 482 14.48 -20.32 5.92
N VAL C 483 15.50 -20.31 6.76
CA VAL C 483 15.73 -21.40 7.71
C VAL C 483 14.58 -21.52 8.70
N GLN C 484 14.09 -20.37 9.18
CA GLN C 484 12.96 -20.35 10.11
C GLN C 484 11.68 -20.90 9.47
N ARG C 485 11.48 -20.55 8.20
CA ARG C 485 10.35 -21.05 7.45
C ARG C 485 10.46 -22.55 7.30
N LEU C 486 11.67 -23.03 6.99
CA LEU C 486 11.88 -24.45 6.79
C LEU C 486 11.60 -25.25 8.06
N VAL C 487 12.11 -24.79 9.20
CA VAL C 487 11.92 -25.53 10.46
C VAL C 487 10.43 -25.69 10.76
N ARG C 488 9.67 -24.61 10.59
CA ARG C 488 8.21 -24.66 10.77
C ARG C 488 7.55 -25.71 9.86
N ASP C 489 7.90 -25.69 8.57
CA ASP C 489 7.39 -26.67 7.62
C ASP C 489 7.80 -28.11 7.95
N LEU C 490 9.04 -28.29 8.40
CA LEU C 490 9.55 -29.59 8.86
C LEU C 490 8.69 -30.10 10.01
N ASN C 491 8.52 -29.29 11.05
CA ASN C 491 7.61 -29.66 12.16
C ASN C 491 6.21 -30.06 11.70
N LEU C 492 5.59 -29.22 10.86
CA LEU C 492 4.20 -29.46 10.43
C LEU C 492 4.04 -30.70 9.56
N THR C 493 5.00 -30.92 8.65
CA THR C 493 4.97 -32.12 7.82
C THR C 493 5.28 -33.35 8.65
N TYR C 494 6.27 -33.22 9.54
CA TYR C 494 6.66 -34.28 10.47
C TYR C 494 5.46 -34.74 11.27
N ARG C 495 4.72 -33.79 11.83
CA ARG C 495 3.54 -34.12 12.60
C ARG C 495 2.38 -34.68 11.78
N HIS C 496 2.25 -34.25 10.53
CA HIS C 496 1.09 -34.63 9.71
C HIS C 496 1.14 -36.06 9.18
N HIS C 497 2.35 -36.54 8.88
CA HIS C 497 2.52 -37.89 8.31
C HIS C 497 3.08 -38.88 9.32
N LYS C 498 2.26 -39.87 9.66
CA LYS C 498 2.60 -40.87 10.68
C LYS C 498 3.91 -41.61 10.42
N ALA C 499 4.25 -41.81 9.15
CA ALA C 499 5.48 -42.50 8.79
C ALA C 499 6.72 -41.81 9.35
N MET C 500 6.67 -40.49 9.52
CA MET C 500 7.85 -39.79 10.01
C MET C 500 8.10 -39.93 11.51
N HIS C 501 7.12 -40.46 12.25
CA HIS C 501 7.22 -40.47 13.72
C HIS C 501 6.56 -41.64 14.48
N GLU C 502 5.76 -42.46 13.79
CA GLU C 502 5.01 -43.53 14.45
C GLU C 502 5.88 -44.72 14.87
N LEU C 503 6.95 -44.97 14.13
CA LEU C 503 7.77 -46.18 14.34
C LEU C 503 9.27 -45.89 14.37
N ASP C 504 9.69 -44.91 15.15
CA ASP C 504 11.12 -44.60 15.28
C ASP C 504 11.90 -45.76 15.90
N PHE C 505 11.25 -46.50 16.78
CA PHE C 505 11.95 -47.48 17.61
C PHE C 505 11.68 -48.92 17.21
N ASP C 506 11.00 -49.08 16.09
CA ASP C 506 10.73 -50.39 15.50
C ASP C 506 11.48 -50.44 14.17
N PRO C 507 12.26 -51.51 13.94
CA PRO C 507 12.98 -51.68 12.67
C PRO C 507 12.11 -51.57 11.42
N TYR C 508 10.82 -51.89 11.53
CA TYR C 508 9.87 -51.77 10.44
C TYR C 508 9.68 -50.32 9.98
N GLY C 509 10.08 -49.38 10.84
CA GLY C 509 9.89 -47.96 10.56
C GLY C 509 10.94 -47.29 9.68
N PHE C 510 12.02 -48.01 9.39
CA PHE C 510 13.13 -47.47 8.63
C PHE C 510 13.66 -48.52 7.67
N GLU C 511 13.94 -48.11 6.44
CA GLU C 511 14.62 -48.99 5.49
C GLU C 511 15.51 -48.20 4.53
N TRP C 512 16.77 -48.61 4.42
CA TRP C 512 17.71 -47.98 3.51
C TRP C 512 17.37 -48.34 2.07
N LEU C 513 17.35 -47.34 1.19
CA LEU C 513 17.22 -47.59 -0.24
C LEU C 513 18.59 -47.49 -0.91
N VAL C 514 19.28 -46.39 -0.61
CA VAL C 514 20.67 -46.18 -1.06
C VAL C 514 21.56 -45.83 0.12
N VAL C 515 22.35 -46.80 0.58
CA VAL C 515 23.18 -46.63 1.77
C VAL C 515 24.66 -46.53 1.42
N ASP C 516 25.00 -46.81 0.17
CA ASP C 516 26.40 -46.98 -0.22
C ASP C 516 26.91 -46.02 -1.31
N ASP C 517 26.10 -45.03 -1.69
CA ASP C 517 26.59 -44.04 -2.66
C ASP C 517 27.52 -43.05 -1.97
N LYS C 518 28.70 -43.52 -1.59
CA LYS C 518 29.72 -42.68 -0.98
C LYS C 518 30.18 -41.63 -1.98
N GLU C 519 30.36 -42.08 -3.22
CA GLU C 519 31.00 -41.30 -4.27
C GLU C 519 30.31 -39.96 -4.52
N ARG C 520 28.98 -39.99 -4.47
CA ARG C 520 28.21 -38.77 -4.71
C ARG C 520 27.67 -38.20 -3.40
N SER C 521 28.01 -38.85 -2.28
CA SER C 521 27.50 -38.47 -0.97
C SER C 521 25.98 -38.31 -1.04
N VAL C 522 25.34 -39.34 -1.57
CA VAL C 522 23.89 -39.35 -1.72
C VAL C 522 23.32 -40.47 -0.89
N LEU C 523 22.37 -40.13 -0.01
CA LEU C 523 21.74 -41.12 0.86
C LEU C 523 20.24 -41.08 0.71
N ILE C 524 19.62 -42.26 0.60
CA ILE C 524 18.18 -42.35 0.46
C ILE C 524 17.64 -43.44 1.38
N PHE C 525 16.57 -43.13 2.08
CA PHE C 525 15.87 -44.13 2.88
C PHE C 525 14.36 -43.91 2.91
N VAL C 526 13.66 -44.90 3.45
CA VAL C 526 12.21 -44.84 3.58
CA VAL C 526 12.22 -44.78 3.60
C VAL C 526 11.83 -44.83 5.07
N ARG C 527 10.82 -44.06 5.43
CA ARG C 527 10.24 -44.13 6.76
C ARG C 527 8.85 -44.71 6.56
N ARG C 528 8.44 -45.60 7.46
CA ARG C 528 7.22 -46.35 7.25
C ARG C 528 6.30 -46.27 8.47
N ASP C 529 5.00 -46.18 8.23
CA ASP C 529 4.03 -46.18 9.33
C ASP C 529 3.52 -47.60 9.58
N LYS C 530 2.61 -47.76 10.54
CA LYS C 530 2.11 -49.09 10.90
C LYS C 530 1.17 -49.67 9.84
N GLU C 531 0.70 -48.82 8.94
CA GLU C 531 -0.16 -49.22 7.85
C GLU C 531 0.66 -49.66 6.64
N GLY C 532 1.97 -49.45 6.72
CA GLY C 532 2.88 -49.85 5.66
C GLY C 532 3.15 -48.76 4.63
N ASN C 533 2.61 -47.56 4.85
CA ASN C 533 2.87 -46.45 3.94
C ASN C 533 4.30 -45.94 4.08
N GLU C 534 4.89 -45.50 2.97
CA GLU C 534 6.30 -45.13 2.96
C GLU C 534 6.51 -43.71 2.44
N ILE C 535 7.39 -42.99 3.12
CA ILE C 535 7.89 -41.70 2.63
C ILE C 535 9.36 -41.84 2.29
N ILE C 536 9.71 -41.46 1.05
CA ILE C 536 11.10 -41.55 0.61
C ILE C 536 11.84 -40.28 1.03
N VAL C 537 13.01 -40.47 1.63
CA VAL C 537 13.84 -39.36 2.05
C VAL C 537 15.16 -39.45 1.30
N ALA C 538 15.48 -38.41 0.54
CA ALA C 538 16.68 -38.42 -0.29
C ALA C 538 17.53 -37.20 0.01
N SER C 539 18.77 -37.44 0.38
CA SER C 539 19.70 -36.38 0.74
C SER C 539 20.88 -36.31 -0.22
N ASN C 540 21.24 -35.10 -0.60
CA ASN C 540 22.38 -34.86 -1.48
C ASN C 540 23.30 -33.86 -0.78
N PHE C 541 24.39 -34.35 -0.21
CA PHE C 541 25.29 -33.52 0.60
C PHE C 541 26.48 -32.97 -0.18
N THR C 542 26.21 -32.61 -1.43
CA THR C 542 27.21 -32.09 -2.33
C THR C 542 26.53 -31.03 -3.21
N PRO C 543 27.26 -29.95 -3.57
CA PRO C 543 26.69 -28.88 -4.41
C PRO C 543 26.39 -29.28 -5.86
N VAL C 544 26.62 -30.53 -6.22
CA VAL C 544 26.34 -31.00 -7.58
C VAL C 544 24.93 -31.55 -7.68
N PRO C 545 24.06 -30.88 -8.47
CA PRO C 545 22.71 -31.39 -8.71
C PRO C 545 22.75 -32.75 -9.40
N ARG C 546 21.88 -33.67 -9.02
CA ARG C 546 21.87 -34.99 -9.63
C ARG C 546 20.59 -35.23 -10.40
N HIS C 547 20.70 -35.32 -11.73
CA HIS C 547 19.54 -35.58 -12.57
C HIS C 547 19.53 -37.05 -12.99
N ASP C 548 18.33 -37.56 -13.25
CA ASP C 548 18.15 -38.96 -13.65
C ASP C 548 18.82 -39.92 -12.68
N TYR C 549 18.71 -39.61 -11.39
CA TYR C 549 19.24 -40.51 -10.37
C TYR C 549 18.22 -41.61 -10.11
N ARG C 550 18.57 -42.82 -10.52
CA ARG C 550 17.67 -43.96 -10.37
C ARG C 550 18.00 -44.79 -9.13
N PHE C 551 16.97 -45.18 -8.39
CA PHE C 551 17.14 -46.07 -7.26
C PHE C 551 15.89 -46.93 -7.09
N GLY C 552 16.07 -48.12 -6.53
CA GLY C 552 14.95 -49.02 -6.32
C GLY C 552 14.04 -48.53 -5.21
N ILE C 553 12.75 -48.78 -5.36
CA ILE C 553 11.75 -48.46 -4.33
C ILE C 553 10.87 -49.68 -4.10
N ASN C 554 10.01 -49.61 -3.09
CA ASN C 554 9.19 -50.75 -2.70
C ASN C 554 7.74 -50.69 -3.19
N GLN C 555 7.24 -49.47 -3.40
CA GLN C 555 5.85 -49.28 -3.81
C GLN C 555 5.75 -48.45 -5.08
N PRO C 556 5.46 -49.10 -6.21
CA PRO C 556 5.33 -48.39 -7.48
C PRO C 556 4.07 -47.53 -7.51
N GLY C 557 4.06 -46.54 -8.39
CA GLY C 557 2.95 -45.62 -8.49
C GLY C 557 3.46 -44.19 -8.62
N LYS C 558 2.62 -43.23 -8.24
CA LYS C 558 2.92 -41.81 -8.41
C LYS C 558 3.52 -41.21 -7.14
N TRP C 559 4.75 -40.69 -7.24
CA TRP C 559 5.45 -40.06 -6.11
C TRP C 559 5.64 -38.54 -6.30
N ARG C 560 5.53 -37.78 -5.22
CA ARG C 560 5.63 -36.32 -5.29
CA ARG C 560 5.56 -36.32 -5.26
C ARG C 560 6.28 -35.73 -4.05
N GLU C 561 7.01 -34.63 -4.25
CA GLU C 561 7.68 -33.95 -3.13
C GLU C 561 6.69 -33.34 -2.16
N ILE C 562 6.89 -33.60 -0.87
CA ILE C 562 6.16 -32.89 0.18
C ILE C 562 7.10 -31.99 0.99
N LEU C 563 8.40 -32.17 0.78
CA LEU C 563 9.42 -31.31 1.38
C LEU C 563 10.65 -31.23 0.49
N ASN C 564 11.20 -30.03 0.37
CA ASN C 564 12.37 -29.79 -0.49
C ASN C 564 13.13 -28.59 0.05
N THR C 565 14.27 -28.85 0.71
CA THR C 565 15.01 -27.79 1.40
C THR C 565 15.66 -26.79 0.43
N ASP C 566 15.68 -27.13 -0.86
CA ASP C 566 16.25 -26.25 -1.89
C ASP C 566 15.19 -25.36 -2.52
N SER C 567 13.98 -25.40 -1.94
CA SER C 567 12.88 -24.57 -2.43
C SER C 567 13.25 -23.10 -2.39
N MET C 568 12.83 -22.36 -3.41
CA MET C 568 12.93 -20.90 -3.42
C MET C 568 12.45 -20.29 -2.11
N HIS C 569 11.38 -20.85 -1.55
CA HIS C 569 10.77 -20.33 -0.33
C HIS C 569 11.73 -20.28 0.85
N TYR C 570 12.79 -21.08 0.78
CA TYR C 570 13.81 -21.10 1.83
C TYR C 570 15.07 -20.38 1.36
N HIS C 571 14.98 -19.75 0.20
CA HIS C 571 16.12 -19.16 -0.51
C HIS C 571 17.09 -20.23 -1.04
N GLY C 572 16.56 -21.39 -1.38
CA GLY C 572 17.31 -22.41 -2.10
C GLY C 572 17.27 -22.09 -3.59
N SER C 573 17.93 -22.91 -4.41
CA SER C 573 18.04 -22.60 -5.84
C SER C 573 16.81 -23.04 -6.62
N ASN C 574 15.86 -23.63 -5.90
CA ASN C 574 14.59 -24.08 -6.48
C ASN C 574 14.70 -25.22 -7.48
N ALA C 575 15.77 -26.01 -7.38
CA ALA C 575 15.89 -27.26 -8.12
C ALA C 575 14.92 -28.29 -7.52
N GLY C 576 14.50 -29.26 -8.33
CA GLY C 576 13.57 -30.25 -7.86
C GLY C 576 12.92 -31.02 -8.99
N ASN C 577 11.96 -31.87 -8.65
CA ASN C 577 11.32 -32.70 -9.66
C ASN C 577 10.15 -32.01 -10.33
N GLY C 578 9.72 -30.88 -9.76
CA GLY C 578 8.68 -30.07 -10.36
C GLY C 578 7.47 -30.86 -10.80
N GLY C 579 6.92 -31.65 -9.89
CA GLY C 579 5.70 -32.38 -10.17
C GLY C 579 5.73 -33.86 -9.84
N THR C 580 4.66 -34.56 -10.17
CA THR C 580 4.48 -35.98 -9.87
C THR C 580 5.39 -36.85 -10.74
N VAL C 581 6.12 -37.77 -10.12
CA VAL C 581 6.99 -38.69 -10.84
C VAL C 581 6.47 -40.11 -10.73
N HIS C 582 6.26 -40.78 -11.87
CA HIS C 582 5.82 -42.16 -11.82
C HIS C 582 7.02 -43.10 -11.76
N SER C 583 6.85 -44.24 -11.10
CA SER C 583 7.91 -45.23 -11.00
C SER C 583 8.03 -45.99 -12.32
N ASP C 584 9.11 -46.76 -12.48
CA ASP C 584 9.29 -47.60 -13.65
C ASP C 584 9.58 -49.02 -13.20
N GLU C 585 9.06 -50.00 -13.92
CA GLU C 585 9.41 -51.39 -13.65
C GLU C 585 10.80 -51.69 -14.24
N ILE C 586 11.79 -50.99 -13.71
CA ILE C 586 13.16 -51.10 -14.18
C ILE C 586 14.05 -51.34 -12.96
N ALA C 587 14.74 -52.49 -12.95
CA ALA C 587 15.49 -52.95 -11.78
C ALA C 587 16.57 -51.98 -11.32
N SER C 588 16.68 -51.84 -10.00
CA SER C 588 17.69 -50.97 -9.39
C SER C 588 17.87 -51.38 -7.92
N HIS C 589 19.12 -51.58 -7.52
CA HIS C 589 19.47 -51.86 -6.12
C HIS C 589 18.84 -53.11 -5.53
N GLY C 590 18.41 -54.02 -6.39
CA GLY C 590 17.85 -55.29 -5.96
C GLY C 590 16.33 -55.32 -5.99
N ARG C 591 15.71 -54.21 -6.41
CA ARG C 591 14.26 -54.11 -6.40
C ARG C 591 13.66 -54.02 -7.79
N GLN C 592 12.48 -54.62 -7.96
CA GLN C 592 11.79 -54.66 -9.25
C GLN C 592 11.44 -53.28 -9.81
N HIS C 593 11.06 -52.34 -8.95
CA HIS C 593 10.66 -51.00 -9.40
C HIS C 593 11.62 -49.91 -8.92
N SER C 594 11.69 -48.84 -9.69
CA SER C 594 12.61 -47.76 -9.38
C SER C 594 12.01 -46.39 -9.67
N LEU C 595 12.63 -45.37 -9.08
CA LEU C 595 12.30 -43.99 -9.39
C LEU C 595 13.56 -43.33 -9.91
N SER C 596 13.38 -42.45 -10.89
CA SER C 596 14.49 -41.65 -11.41
C SER C 596 14.18 -40.17 -11.18
N LEU C 597 14.91 -39.56 -10.25
CA LEU C 597 14.59 -38.22 -9.79
C LEU C 597 15.71 -37.22 -10.06
N THR C 598 15.40 -35.94 -9.84
CA THR C 598 16.41 -34.91 -9.63
C THR C 598 16.64 -34.77 -8.12
N LEU C 599 17.90 -34.81 -7.69
CA LEU C 599 18.24 -34.52 -6.30
C LEU C 599 18.94 -33.16 -6.27
N PRO C 600 18.29 -32.15 -5.65
CA PRO C 600 18.83 -30.78 -5.63
C PRO C 600 20.17 -30.70 -4.89
N PRO C 601 21.00 -29.70 -5.23
CA PRO C 601 22.31 -29.50 -4.60
C PRO C 601 22.19 -29.14 -3.12
N LEU C 602 23.03 -29.76 -2.28
CA LEU C 602 23.05 -29.51 -0.83
C LEU C 602 21.63 -29.46 -0.27
N ALA C 603 20.89 -30.56 -0.43
CA ALA C 603 19.46 -30.53 -0.11
C ALA C 603 18.90 -31.89 0.27
N THR C 604 17.85 -31.86 1.08
CA THR C 604 17.07 -33.04 1.41
C THR C 604 15.66 -32.88 0.85
N ILE C 605 15.13 -33.94 0.27
CA ILE C 605 13.75 -33.95 -0.18
C ILE C 605 13.03 -35.14 0.44
N TRP C 606 11.73 -34.97 0.69
CA TRP C 606 10.85 -36.08 1.08
C TRP C 606 9.79 -36.28 0.01
N LEU C 607 9.46 -37.54 -0.27
CA LEU C 607 8.50 -37.91 -1.31
C LEU C 607 7.37 -38.73 -0.71
N VAL C 608 6.14 -38.43 -1.10
CA VAL C 608 4.97 -39.21 -0.68
C VAL C 608 4.38 -39.93 -1.90
N ARG C 609 3.74 -41.07 -1.68
CA ARG C 609 3.10 -41.82 -2.76
C ARG C 609 1.64 -41.41 -2.92
N GLU C 610 1.24 -41.05 -4.14
CA GLU C 610 -0.13 -40.57 -4.36
C GLU C 610 -1.13 -41.72 -4.49
N ALA C 611 -2.28 -41.58 -3.84
CA ALA C 611 -3.32 -42.60 -3.88
C ALA C 611 -3.87 -42.83 -5.29
N GLU C 612 -4.14 -44.08 -5.63
CA GLU C 612 -4.69 -44.42 -6.93
C GLU C 612 -6.22 -44.37 -6.95
N THR D 1 -40.81 -42.03 24.05
CA THR D 1 -40.09 -40.83 23.67
C THR D 1 -40.62 -40.27 22.35
N HIS D 2 -41.33 -39.15 22.41
CA HIS D 2 -41.85 -38.52 21.20
C HIS D 2 -40.75 -37.84 20.39
N LEU D 3 -39.62 -37.58 21.05
CA LEU D 3 -38.53 -36.83 20.43
C LEU D 3 -37.66 -37.70 19.52
N ARG D 4 -37.64 -39.01 19.76
CA ARG D 4 -36.77 -39.89 19.00
C ARG D 4 -37.51 -41.10 18.45
N PRO D 5 -38.45 -40.88 17.51
CA PRO D 5 -39.30 -41.98 17.03
C PRO D 5 -38.47 -43.08 16.38
N TYR D 6 -37.33 -42.70 15.84
CA TYR D 6 -36.43 -43.66 15.21
C TYR D 6 -35.89 -44.72 16.18
N GLU D 7 -36.07 -44.51 17.48
CA GLU D 7 -35.59 -45.49 18.46
C GLU D 7 -36.57 -46.65 18.64
N THR D 8 -37.80 -46.47 18.17
CA THR D 8 -38.79 -47.53 18.21
C THR D 8 -39.38 -47.85 16.83
N LEU D 9 -39.68 -46.82 16.04
CA LEU D 9 -40.15 -47.05 14.68
C LEU D 9 -39.04 -47.62 13.79
N GLY D 10 -39.41 -48.35 12.74
CA GLY D 10 -38.45 -49.00 11.90
C GLY D 10 -38.23 -50.46 12.29
N ALA D 11 -37.07 -51.00 11.94
CA ALA D 11 -36.72 -52.37 12.27
C ALA D 11 -35.62 -52.44 13.34
N HIS D 12 -35.93 -53.04 14.48
CA HIS D 12 -35.00 -53.07 15.60
C HIS D 12 -34.91 -54.45 16.24
N ALA D 13 -33.69 -54.90 16.54
CA ALA D 13 -33.47 -56.12 17.31
C ALA D 13 -34.30 -56.11 18.59
N ASP D 14 -34.86 -57.27 18.92
CA ASP D 14 -35.64 -57.40 20.14
C ASP D 14 -35.60 -58.83 20.65
N THR D 15 -36.15 -59.01 21.84
CA THR D 15 -36.22 -60.34 22.45
C THR D 15 -37.54 -60.45 23.19
N MET D 16 -38.32 -61.46 22.83
CA MET D 16 -39.60 -61.71 23.48
C MET D 16 -39.66 -63.13 24.03
N ASP D 17 -39.97 -63.25 25.32
CA ASP D 17 -39.94 -64.54 26.02
C ASP D 17 -38.61 -65.25 25.87
N GLY D 18 -37.53 -64.48 25.76
CA GLY D 18 -36.21 -65.06 25.58
C GLY D 18 -35.92 -65.47 24.14
N VAL D 19 -36.83 -65.17 23.23
CA VAL D 19 -36.61 -65.46 21.82
C VAL D 19 -36.20 -64.19 21.07
N THR D 20 -35.10 -64.27 20.32
CA THR D 20 -34.54 -63.10 19.63
C THR D 20 -35.06 -63.00 18.19
N GLY D 21 -35.23 -61.76 17.74
CA GLY D 21 -35.75 -61.50 16.42
C GLY D 21 -35.75 -60.01 16.15
N THR D 22 -36.56 -59.59 15.19
CA THR D 22 -36.66 -58.19 14.84
C THR D 22 -38.08 -57.70 14.98
N ARG D 23 -38.24 -56.57 15.64
CA ARG D 23 -39.55 -55.92 15.71
CA ARG D 23 -39.54 -55.92 15.72
C ARG D 23 -39.65 -54.88 14.60
N PHE D 24 -40.77 -54.90 13.88
CA PHE D 24 -41.03 -53.97 12.81
C PHE D 24 -42.21 -53.12 13.19
N SER D 25 -42.08 -51.80 13.05
CA SER D 25 -43.17 -50.88 13.31
C SER D 25 -43.20 -49.82 12.24
N VAL D 26 -44.39 -49.46 11.77
CA VAL D 26 -44.53 -48.43 10.76
C VAL D 26 -45.86 -47.71 10.95
N TRP D 27 -45.80 -46.39 11.01
CA TRP D 27 -46.97 -45.56 11.15
C TRP D 27 -47.71 -45.49 9.83
N ALA D 28 -48.95 -45.97 9.83
CA ALA D 28 -49.81 -45.90 8.64
C ALA D 28 -51.26 -46.06 9.05
N PRO D 29 -51.82 -45.04 9.71
CA PRO D 29 -53.11 -45.16 10.38
C PRO D 29 -54.31 -45.45 9.46
N ASN D 30 -54.23 -45.10 8.18
CA ASN D 30 -55.38 -45.31 7.32
C ASN D 30 -55.29 -46.52 6.39
N ALA D 31 -54.21 -47.29 6.51
CA ALA D 31 -54.08 -48.52 5.73
C ALA D 31 -55.06 -49.56 6.26
N ARG D 32 -55.49 -50.49 5.41
CA ARG D 32 -56.42 -51.56 5.85
C ARG D 32 -55.63 -52.77 6.30
N ARG D 33 -54.48 -52.99 5.66
CA ARG D 33 -53.65 -54.14 6.00
C ARG D 33 -52.21 -53.85 5.63
N VAL D 34 -51.29 -54.24 6.50
CA VAL D 34 -49.87 -54.09 6.21
C VAL D 34 -49.14 -55.35 6.63
N SER D 35 -48.24 -55.82 5.77
CA SER D 35 -47.45 -57.00 6.03
C SER D 35 -45.97 -56.73 5.86
N VAL D 36 -45.14 -57.45 6.60
CA VAL D 36 -43.71 -57.39 6.36
C VAL D 36 -43.39 -58.37 5.25
N VAL D 37 -42.84 -57.87 4.15
CA VAL D 37 -42.39 -58.76 3.10
C VAL D 37 -40.88 -58.68 2.93
N GLY D 38 -40.29 -59.84 2.67
CA GLY D 38 -38.86 -59.93 2.46
C GLY D 38 -38.56 -61.21 1.74
N GLN D 39 -37.28 -61.53 1.64
CA GLN D 39 -36.86 -62.74 0.99
C GLN D 39 -37.26 -63.90 1.87
N PHE D 40 -37.23 -63.67 3.18
CA PHE D 40 -37.50 -64.72 4.18
C PHE D 40 -38.92 -65.25 4.12
N ASN D 41 -39.55 -65.11 2.97
CA ASN D 41 -40.97 -64.85 2.92
C ASN D 41 -41.41 -64.93 1.48
N TYR D 42 -40.41 -64.85 0.59
CA TYR D 42 -40.63 -64.83 -0.86
C TYR D 42 -41.69 -63.79 -1.20
N TRP D 43 -41.62 -62.68 -0.46
CA TRP D 43 -42.39 -61.47 -0.74
C TRP D 43 -43.89 -61.71 -0.74
N ASP D 44 -44.31 -62.67 0.08
CA ASP D 44 -45.71 -62.97 0.21
C ASP D 44 -46.29 -62.18 1.38
N GLY D 45 -47.28 -61.35 1.08
CA GLY D 45 -47.98 -60.58 2.10
C GLY D 45 -48.82 -61.44 3.03
N ARG D 46 -48.86 -62.74 2.75
CA ARG D 46 -49.69 -63.65 3.52
C ARG D 46 -48.99 -64.17 4.76
N ARG D 47 -47.68 -64.33 4.67
CA ARG D 47 -46.90 -65.00 5.72
C ARG D 47 -46.64 -64.19 6.99
N HIS D 48 -46.40 -62.88 6.87
CA HIS D 48 -46.15 -62.04 8.06
C HIS D 48 -46.93 -60.74 8.14
N PRO D 49 -48.26 -60.84 8.27
CA PRO D 49 -49.11 -59.67 8.43
C PRO D 49 -48.92 -59.00 9.79
N MET D 50 -49.06 -57.68 9.80
CA MET D 50 -48.85 -56.91 11.02
C MET D 50 -50.17 -56.64 11.71
N ARG D 51 -50.12 -56.29 12.99
CA ARG D 51 -51.34 -55.85 13.68
C ARG D 51 -51.28 -54.36 14.02
N LEU D 52 -52.34 -53.64 13.63
CA LEU D 52 -52.46 -52.21 13.89
C LEU D 52 -52.74 -51.93 15.36
N ARG D 53 -51.97 -51.00 15.93
CA ARG D 53 -52.29 -50.41 17.23
C ARG D 53 -53.18 -49.21 16.99
N LYS D 54 -54.47 -49.35 17.29
CA LYS D 54 -55.45 -48.34 16.91
C LYS D 54 -55.26 -47.00 17.64
N GLU D 55 -54.55 -47.03 18.78
CA GLU D 55 -54.33 -45.83 19.58
C GLU D 55 -53.27 -44.91 18.97
N SER D 56 -52.43 -45.47 18.10
CA SER D 56 -51.28 -44.77 17.57
C SER D 56 -51.29 -44.74 16.05
N GLY D 57 -52.00 -45.68 15.45
CA GLY D 57 -51.97 -45.84 14.01
C GLY D 57 -50.69 -46.53 13.56
N ILE D 58 -50.00 -47.17 14.49
CA ILE D 58 -48.76 -47.87 14.20
C ILE D 58 -48.97 -49.38 14.02
N TRP D 59 -48.57 -49.89 12.86
CA TRP D 59 -48.55 -51.34 12.62
C TRP D 59 -47.29 -51.93 13.20
N GLU D 60 -47.40 -53.10 13.82
CA GLU D 60 -46.26 -53.68 14.51
C GLU D 60 -46.18 -55.21 14.36
N LEU D 61 -44.98 -55.74 14.32
CA LEU D 61 -44.81 -57.19 14.27
C LEU D 61 -43.41 -57.61 14.72
N PHE D 62 -43.37 -58.57 15.62
CA PHE D 62 -42.12 -59.20 15.99
C PHE D 62 -41.95 -60.44 15.11
N ILE D 63 -40.78 -60.58 14.48
CA ILE D 63 -40.49 -61.79 13.69
C ILE D 63 -39.29 -62.50 14.28
N PRO D 64 -39.52 -63.67 14.90
CA PRO D 64 -38.39 -64.43 15.45
C PRO D 64 -37.42 -64.79 14.34
N GLY D 65 -36.12 -64.80 14.65
CA GLY D 65 -35.13 -65.24 13.70
C GLY D 65 -34.65 -64.17 12.73
N ALA D 66 -35.52 -63.22 12.38
CA ALA D 66 -35.14 -62.15 11.45
C ALA D 66 -33.98 -61.35 12.03
N HIS D 67 -32.95 -61.12 11.22
CA HIS D 67 -31.68 -60.60 11.72
C HIS D 67 -31.03 -59.55 10.79
N ASN D 68 -29.96 -58.92 11.26
CA ASN D 68 -29.25 -57.90 10.48
C ASN D 68 -28.74 -58.42 9.14
N GLY D 69 -28.87 -57.59 8.09
CA GLY D 69 -28.41 -57.98 6.77
C GLY D 69 -29.56 -58.41 5.88
N GLN D 70 -30.71 -58.69 6.47
CA GLN D 70 -31.86 -59.13 5.68
C GLN D 70 -32.62 -57.94 5.13
N LEU D 71 -33.12 -58.10 3.90
CA LEU D 71 -33.87 -57.05 3.22
C LEU D 71 -35.34 -57.15 3.54
N TYR D 72 -36.05 -56.03 3.52
CA TYR D 72 -37.48 -56.04 3.72
C TYR D 72 -38.15 -54.81 3.16
N LYS D 73 -39.46 -54.93 2.95
CA LYS D 73 -40.32 -53.81 2.63
C LYS D 73 -41.60 -54.03 3.40
N TYR D 74 -42.54 -53.10 3.29
CA TYR D 74 -43.88 -53.35 3.78
C TYR D 74 -44.80 -53.49 2.57
N GLU D 75 -45.65 -54.53 2.61
CA GLU D 75 -46.69 -54.70 1.60
C GLU D 75 -48.00 -54.20 2.22
N MET D 76 -48.61 -53.20 1.62
CA MET D 76 -49.81 -52.61 2.19
C MET D 76 -51.00 -52.59 1.24
N ILE D 77 -52.19 -52.67 1.83
CA ILE D 77 -53.42 -52.29 1.13
C ILE D 77 -53.83 -50.95 1.72
N ASP D 78 -53.78 -49.90 0.91
CA ASP D 78 -53.96 -48.54 1.41
C ASP D 78 -55.41 -48.21 1.75
N ALA D 79 -55.67 -46.94 2.09
CA ALA D 79 -57.01 -46.50 2.45
C ALA D 79 -58.02 -46.68 1.31
N ASN D 80 -57.51 -46.68 0.07
CA ASN D 80 -58.37 -46.75 -1.10
C ASN D 80 -58.53 -48.19 -1.61
N GLY D 81 -57.82 -49.12 -0.99
CA GLY D 81 -57.92 -50.53 -1.33
C GLY D 81 -56.79 -51.02 -2.20
N ASN D 82 -55.97 -50.10 -2.70
CA ASN D 82 -54.92 -50.47 -3.63
C ASN D 82 -53.71 -51.08 -2.93
N LEU D 83 -53.07 -52.03 -3.61
CA LEU D 83 -51.88 -52.69 -3.10
C LEU D 83 -50.63 -51.91 -3.49
N ARG D 84 -49.78 -51.65 -2.50
CA ARG D 84 -48.52 -50.93 -2.73
C ARG D 84 -47.39 -51.56 -1.93
N LEU D 85 -46.19 -51.60 -2.51
CA LEU D 85 -45.00 -51.96 -1.74
C LEU D 85 -44.36 -50.68 -1.21
N LYS D 86 -43.90 -50.70 0.05
CA LYS D 86 -43.39 -49.48 0.68
C LYS D 86 -41.97 -49.66 1.21
N SER D 87 -41.14 -48.62 1.04
CA SER D 87 -39.88 -48.55 1.76
C SER D 87 -40.16 -48.02 3.15
N ASP D 88 -39.43 -48.53 4.14
CA ASP D 88 -39.55 -48.05 5.50
C ASP D 88 -39.03 -46.60 5.53
N PRO D 89 -39.88 -45.65 5.93
CA PRO D 89 -39.42 -44.25 6.10
C PRO D 89 -38.29 -44.16 7.11
N TYR D 90 -38.19 -45.16 8.00
CA TYR D 90 -37.15 -45.20 9.00
C TYR D 90 -36.08 -46.25 8.66
N ALA D 91 -35.80 -46.44 7.38
CA ALA D 91 -34.70 -47.32 6.96
C ALA D 91 -33.36 -46.72 7.36
N PHE D 92 -32.54 -47.50 8.06
CA PHE D 92 -31.23 -47.04 8.50
C PHE D 92 -30.15 -47.44 7.51
N GLU D 93 -30.50 -48.32 6.59
CA GLU D 93 -29.59 -48.73 5.52
C GLU D 93 -30.41 -49.13 4.30
N ALA D 94 -30.02 -48.63 3.13
CA ALA D 94 -30.72 -48.98 1.90
C ALA D 94 -29.98 -50.05 1.10
N GLN D 95 -30.73 -50.78 0.29
CA GLN D 95 -30.14 -51.72 -0.65
C GLN D 95 -29.34 -50.94 -1.68
N MET D 96 -28.28 -51.54 -2.22
CA MET D 96 -27.59 -50.96 -3.38
C MET D 96 -28.56 -50.82 -4.54
N ARG D 97 -28.56 -49.66 -5.19
CA ARG D 97 -29.41 -49.48 -6.35
C ARG D 97 -28.95 -50.46 -7.45
N PRO D 98 -29.86 -50.90 -8.32
CA PRO D 98 -31.20 -50.40 -8.65
C PRO D 98 -32.28 -50.61 -7.57
N GLU D 99 -32.47 -51.85 -7.09
CA GLU D 99 -33.63 -52.17 -6.26
C GLU D 99 -33.70 -51.39 -4.94
N THR D 100 -34.86 -51.45 -4.30
CA THR D 100 -35.31 -50.42 -3.36
C THR D 100 -35.57 -50.86 -1.91
N ALA D 101 -35.12 -52.05 -1.53
CA ALA D 101 -35.47 -52.57 -0.20
C ALA D 101 -34.67 -51.94 0.92
N SER D 102 -35.21 -52.03 2.13
CA SER D 102 -34.52 -51.60 3.34
C SER D 102 -33.77 -52.77 3.95
N LEU D 103 -32.70 -52.48 4.66
CA LEU D 103 -31.90 -53.53 5.28
C LEU D 103 -32.03 -53.45 6.79
N ILE D 104 -32.19 -54.59 7.44
CA ILE D 104 -32.18 -54.66 8.90
C ILE D 104 -30.76 -54.41 9.43
N CYS D 105 -30.61 -53.40 10.31
CA CYS D 105 -29.30 -53.10 10.87
C CYS D 105 -29.44 -52.41 12.24
N GLY D 106 -30.59 -51.82 12.50
CA GLY D 106 -30.80 -51.12 13.75
C GLY D 106 -29.96 -49.85 13.80
N LEU D 107 -29.93 -49.22 14.97
CA LEU D 107 -29.23 -47.96 15.18
C LEU D 107 -27.73 -48.15 15.48
N PRO D 108 -26.88 -47.23 14.99
CA PRO D 108 -25.52 -47.22 15.50
C PRO D 108 -25.53 -46.85 16.99
N GLU D 109 -24.42 -47.05 17.67
CA GLU D 109 -24.30 -46.66 19.07
C GLU D 109 -24.29 -45.14 19.15
N LYS D 110 -24.67 -44.59 20.30
CA LYS D 110 -24.71 -43.14 20.45
C LYS D 110 -23.29 -42.57 20.54
N VAL D 111 -23.11 -41.39 19.96
CA VAL D 111 -21.85 -40.65 20.03
C VAL D 111 -22.00 -39.48 20.99
N VAL D 112 -21.10 -39.36 21.96
CA VAL D 112 -21.11 -38.19 22.84
C VAL D 112 -20.29 -37.08 22.21
N GLN D 113 -20.89 -35.91 22.04
CA GLN D 113 -20.14 -34.80 21.46
C GLN D 113 -19.18 -34.26 22.51
N THR D 114 -17.89 -34.28 22.19
CA THR D 114 -16.88 -33.80 23.12
C THR D 114 -17.00 -32.29 23.32
N GLU D 115 -16.52 -31.83 24.47
CA GLU D 115 -16.58 -30.40 24.78
C GLU D 115 -15.70 -29.62 23.80
N GLU D 116 -14.66 -30.26 23.31
CA GLU D 116 -13.75 -29.58 22.39
C GLU D 116 -14.45 -29.35 21.05
N ARG D 117 -15.31 -30.29 20.64
CA ARG D 117 -16.08 -30.10 19.41
C ARG D 117 -17.19 -29.09 19.59
N LYS D 118 -17.76 -29.02 20.80
CA LYS D 118 -18.77 -28.02 21.09
C LYS D 118 -18.16 -26.63 21.10
N LYS D 119 -16.95 -26.54 21.63
CA LYS D 119 -16.23 -25.27 21.69
C LYS D 119 -15.99 -24.78 20.26
N ALA D 120 -15.63 -25.72 19.38
CA ALA D 120 -15.30 -25.36 18.00
C ALA D 120 -16.48 -24.79 17.20
N ASN D 121 -17.71 -25.04 17.66
CA ASN D 121 -18.90 -24.47 17.02
C ASN D 121 -19.27 -23.07 17.53
N GLN D 122 -18.63 -22.62 18.60
CA GLN D 122 -19.09 -21.44 19.35
C GLN D 122 -18.84 -20.12 18.60
N PHE D 123 -19.58 -19.08 18.96
CA PHE D 123 -19.44 -17.76 18.34
C PHE D 123 -18.01 -17.20 18.36
N ASP D 124 -17.27 -17.51 19.42
CA ASP D 124 -15.89 -16.99 19.56
C ASP D 124 -14.81 -17.86 18.95
N ALA D 125 -15.22 -18.88 18.17
CA ALA D 125 -14.27 -19.84 17.59
C ALA D 125 -13.90 -19.45 16.16
N PRO D 126 -12.66 -19.72 15.77
CA PRO D 126 -12.35 -19.52 14.35
C PRO D 126 -13.11 -20.62 13.61
N ILE D 127 -14.01 -20.25 12.71
CA ILE D 127 -14.75 -21.26 11.95
C ILE D 127 -14.54 -21.09 10.44
N SER D 128 -13.83 -22.05 9.85
CA SER D 128 -13.60 -22.06 8.40
C SER D 128 -14.04 -23.42 7.86
N ILE D 129 -15.03 -23.38 7.00
CA ILE D 129 -15.71 -24.58 6.56
C ILE D 129 -15.29 -24.93 5.14
N TYR D 130 -14.90 -26.19 4.93
CA TYR D 130 -14.63 -26.67 3.58
C TYR D 130 -15.87 -27.43 3.14
N GLU D 131 -16.57 -26.88 2.14
CA GLU D 131 -17.82 -27.47 1.69
C GLU D 131 -17.53 -28.47 0.58
N VAL D 132 -18.10 -29.66 0.71
CA VAL D 132 -17.74 -30.78 -0.16
C VAL D 132 -18.94 -31.60 -0.61
N HIS D 133 -18.97 -31.93 -1.91
CA HIS D 133 -19.89 -32.92 -2.43
C HIS D 133 -19.10 -34.22 -2.58
N LEU D 134 -19.42 -35.22 -1.78
CA LEU D 134 -18.58 -36.42 -1.73
C LEU D 134 -18.53 -37.14 -3.08
N GLY D 135 -19.57 -36.97 -3.88
CA GLY D 135 -19.66 -37.65 -5.17
C GLY D 135 -18.74 -37.08 -6.25
N SER D 136 -18.12 -35.94 -5.98
CA SER D 136 -17.36 -35.24 -7.02
C SER D 136 -16.11 -34.51 -6.55
N TRP D 137 -15.62 -34.82 -5.36
CA TRP D 137 -14.36 -34.25 -4.86
C TRP D 137 -13.17 -34.88 -5.61
N ARG D 138 -13.12 -36.21 -5.58
CA ARG D 138 -12.15 -36.96 -6.37
C ARG D 138 -12.82 -38.20 -6.97
N ARG D 139 -12.19 -38.74 -8.01
CA ARG D 139 -12.59 -40.03 -8.59
C ARG D 139 -11.32 -40.84 -8.80
N HIS D 140 -11.46 -42.15 -8.97
CA HIS D 140 -10.32 -42.99 -9.30
C HIS D 140 -9.88 -42.73 -10.74
N THR D 141 -8.57 -42.72 -10.99
CA THR D 141 -8.00 -42.34 -12.30
C THR D 141 -8.58 -43.11 -13.48
N ASP D 142 -8.49 -44.44 -13.44
CA ASP D 142 -9.01 -45.26 -14.53
C ASP D 142 -10.16 -46.11 -14.00
N ASN D 143 -11.37 -45.56 -14.13
CA ASN D 143 -12.57 -46.05 -13.48
C ASN D 143 -13.49 -44.87 -13.64
N ASN D 144 -12.93 -43.73 -13.24
CA ASN D 144 -13.69 -42.56 -12.90
C ASN D 144 -14.68 -42.87 -11.79
N PHE D 145 -14.39 -43.90 -11.00
CA PHE D 145 -15.28 -44.34 -9.94
C PHE D 145 -15.23 -43.40 -8.73
N TRP D 146 -16.37 -43.27 -8.04
CA TRP D 146 -16.43 -42.62 -6.74
C TRP D 146 -15.41 -43.19 -5.76
N LEU D 147 -14.79 -42.32 -4.97
CA LEU D 147 -14.06 -42.77 -3.79
C LEU D 147 -15.11 -43.30 -2.79
N SER D 148 -14.73 -44.26 -1.97
CA SER D 148 -15.63 -44.77 -0.96
C SER D 148 -15.51 -43.93 0.30
N TYR D 149 -16.49 -44.03 1.19
CA TYR D 149 -16.44 -43.37 2.50
C TYR D 149 -15.08 -43.59 3.16
N ARG D 150 -14.54 -44.82 3.03
CA ARG D 150 -13.28 -45.14 3.70
C ARG D 150 -12.07 -44.54 2.98
N GLU D 151 -12.20 -44.41 1.67
CA GLU D 151 -11.17 -43.78 0.87
C GLU D 151 -11.13 -42.27 1.17
N LEU D 152 -12.30 -41.70 1.33
CA LEU D 152 -12.42 -40.29 1.66
C LEU D 152 -11.89 -40.01 3.06
N ALA D 153 -12.05 -40.99 3.95
CA ALA D 153 -11.46 -40.88 5.27
C ALA D 153 -9.93 -40.84 5.19
N ASP D 154 -9.36 -41.54 4.22
CA ASP D 154 -7.91 -41.59 4.08
C ASP D 154 -7.37 -40.39 3.29
N GLN D 155 -8.23 -39.77 2.50
CA GLN D 155 -7.81 -38.71 1.56
C GLN D 155 -8.41 -37.33 1.86
N LEU D 156 -9.74 -37.23 1.93
CA LEU D 156 -10.40 -35.93 2.13
C LEU D 156 -10.07 -35.37 3.51
N VAL D 157 -10.16 -36.22 4.52
CA VAL D 157 -9.90 -35.78 5.88
C VAL D 157 -8.48 -35.22 6.12
N PRO D 158 -7.42 -35.96 5.72
CA PRO D 158 -6.10 -35.37 5.91
C PRO D 158 -5.88 -34.11 5.07
N TYR D 159 -6.51 -34.03 3.90
CA TYR D 159 -6.41 -32.84 3.06
C TYR D 159 -7.01 -31.60 3.73
N ALA D 160 -8.25 -31.74 4.19
CA ALA D 160 -8.93 -30.64 4.86
C ALA D 160 -8.18 -30.21 6.12
N LYS D 161 -7.59 -31.17 6.83
CA LYS D 161 -6.84 -30.87 8.06
C LYS D 161 -5.57 -30.11 7.72
N TRP D 162 -4.84 -30.59 6.73
CA TRP D 162 -3.59 -29.95 6.30
C TRP D 162 -3.87 -28.51 5.86
N MET D 163 -4.97 -28.34 5.13
CA MET D 163 -5.34 -27.03 4.59
C MET D 163 -5.80 -26.07 5.67
N GLY D 164 -6.03 -26.58 6.88
CA GLY D 164 -6.30 -25.71 8.02
C GLY D 164 -7.76 -25.36 8.26
N PHE D 165 -8.65 -26.12 7.63
CA PHE D 165 -10.08 -25.94 7.85
C PHE D 165 -10.46 -26.50 9.24
N THR D 166 -11.50 -25.95 9.86
CA THR D 166 -11.94 -26.40 11.19
C THR D 166 -13.10 -27.36 11.08
N HIS D 167 -13.87 -27.18 10.02
CA HIS D 167 -15.09 -27.92 9.75
C HIS D 167 -15.09 -28.46 8.32
N LEU D 168 -15.68 -29.63 8.15
CA LEU D 168 -16.07 -30.17 6.87
C LEU D 168 -17.59 -30.00 6.76
N GLU D 169 -18.10 -29.48 5.65
CA GLU D 169 -19.55 -29.43 5.39
C GLU D 169 -19.92 -30.30 4.20
N LEU D 170 -20.80 -31.28 4.43
CA LEU D 170 -21.18 -32.23 3.38
C LEU D 170 -22.52 -31.88 2.76
N LEU D 171 -22.58 -31.84 1.44
CA LEU D 171 -23.87 -31.79 0.76
C LEU D 171 -24.62 -33.08 1.18
N PRO D 172 -25.95 -33.10 1.08
CA PRO D 172 -26.72 -34.12 1.81
C PRO D 172 -26.29 -35.54 1.49
N ILE D 173 -26.09 -36.35 2.52
CA ILE D 173 -25.71 -37.74 2.29
C ILE D 173 -26.86 -38.72 2.51
N ASN D 174 -28.06 -38.21 2.81
CA ASN D 174 -29.23 -39.09 2.84
C ASN D 174 -29.46 -39.74 1.50
N GLU D 175 -30.03 -40.95 1.50
CA GLU D 175 -30.17 -41.69 0.25
C GLU D 175 -31.00 -40.91 -0.76
N HIS D 176 -30.51 -40.89 -2.00
CA HIS D 176 -31.16 -40.14 -3.08
C HIS D 176 -30.88 -40.79 -4.42
N PRO D 177 -31.90 -40.86 -5.28
CA PRO D 177 -31.82 -41.67 -6.52
C PRO D 177 -30.99 -41.03 -7.63
N PHE D 178 -30.97 -39.71 -7.71
CA PHE D 178 -30.29 -39.07 -8.84
C PHE D 178 -29.13 -38.18 -8.42
N ASP D 179 -27.97 -38.43 -9.01
CA ASP D 179 -26.76 -37.70 -8.69
C ASP D 179 -27.01 -36.20 -8.87
N GLY D 180 -27.76 -35.86 -9.90
CA GLY D 180 -28.01 -34.48 -10.25
C GLY D 180 -28.77 -33.65 -9.24
N SER D 181 -29.38 -34.29 -8.24
CA SER D 181 -30.08 -33.53 -7.21
C SER D 181 -29.08 -33.00 -6.20
N TRP D 182 -27.88 -33.56 -6.22
CA TRP D 182 -26.79 -33.29 -5.28
C TRP D 182 -27.08 -33.75 -3.86
N GLY D 183 -28.23 -34.40 -3.68
CA GLY D 183 -28.64 -34.89 -2.38
C GLY D 183 -29.86 -34.18 -1.83
N TYR D 184 -30.26 -33.10 -2.49
CA TYR D 184 -31.38 -32.28 -2.01
C TYR D 184 -32.76 -32.84 -2.37
N GLN D 185 -32.79 -33.87 -3.21
CA GLN D 185 -34.03 -34.62 -3.43
C GLN D 185 -33.91 -36.05 -2.87
N PRO D 186 -34.22 -36.21 -1.58
CA PRO D 186 -33.96 -37.46 -0.88
C PRO D 186 -35.09 -38.46 -1.06
N THR D 187 -34.79 -39.72 -0.81
CA THR D 187 -35.82 -40.76 -0.70
C THR D 187 -35.73 -41.50 0.63
N GLY D 188 -34.55 -41.55 1.24
CA GLY D 188 -34.36 -42.20 2.53
C GLY D 188 -33.66 -41.28 3.52
N LEU D 189 -34.44 -40.63 4.37
CA LEU D 189 -33.87 -39.62 5.28
C LEU D 189 -32.94 -40.16 6.36
N TYR D 190 -33.15 -41.40 6.76
CA TYR D 190 -32.35 -41.99 7.84
C TYR D 190 -31.23 -42.92 7.34
N ALA D 191 -31.11 -43.07 6.02
CA ALA D 191 -30.08 -43.94 5.48
C ALA D 191 -29.00 -43.15 4.74
N PRO D 192 -27.75 -43.26 5.20
CA PRO D 192 -26.66 -42.65 4.42
C PRO D 192 -26.64 -43.28 3.02
N THR D 193 -26.33 -42.51 1.99
CA THR D 193 -26.38 -43.05 0.63
C THR D 193 -25.39 -44.19 0.42
N ARG D 194 -25.81 -45.20 -0.32
CA ARG D 194 -25.02 -46.41 -0.54
CA ARG D 194 -24.99 -46.40 -0.52
C ARG D 194 -23.88 -46.20 -1.54
N ARG D 195 -23.84 -45.03 -2.16
CA ARG D 195 -22.85 -44.72 -3.19
C ARG D 195 -21.43 -45.02 -2.77
N PHE D 196 -21.14 -44.74 -1.49
CA PHE D 196 -19.76 -44.73 -1.03
C PHE D 196 -19.48 -45.81 -0.01
N GLY D 197 -20.49 -46.65 0.23
CA GLY D 197 -20.37 -47.76 1.16
C GLY D 197 -21.57 -47.90 2.08
N THR D 198 -21.37 -48.57 3.21
CA THR D 198 -22.44 -48.83 4.17
C THR D 198 -22.53 -47.71 5.18
N ARG D 199 -23.61 -47.68 5.96
CA ARG D 199 -23.74 -46.70 7.04
C ARG D 199 -22.60 -46.80 8.07
N ASP D 200 -22.07 -48.01 8.26
CA ASP D 200 -20.93 -48.17 9.15
C ASP D 200 -19.66 -47.58 8.53
N ASP D 201 -19.56 -47.67 7.20
CA ASP D 201 -18.49 -46.97 6.48
C ASP D 201 -18.63 -45.46 6.68
N PHE D 202 -19.84 -44.94 6.56
CA PHE D 202 -20.06 -43.50 6.79
C PHE D 202 -19.68 -43.09 8.22
N ARG D 203 -20.13 -43.89 9.19
CA ARG D 203 -19.73 -43.68 10.58
C ARG D 203 -18.21 -43.70 10.75
N TYR D 204 -17.55 -44.59 10.05
CA TYR D 204 -16.09 -44.64 10.07
C TYR D 204 -15.50 -43.33 9.55
N PHE D 205 -16.13 -42.77 8.52
CA PHE D 205 -15.68 -41.52 7.92
C PHE D 205 -15.79 -40.37 8.92
N ILE D 206 -16.97 -40.22 9.52
CA ILE D 206 -17.19 -39.20 10.55
C ILE D 206 -16.22 -39.33 11.72
N ASP D 207 -15.98 -40.56 12.18
CA ASP D 207 -15.01 -40.77 13.28
C ASP D 207 -13.60 -40.34 12.88
N ALA D 208 -13.23 -40.60 11.63
CA ALA D 208 -11.89 -40.25 11.15
C ALA D 208 -11.71 -38.73 11.14
N ALA D 209 -12.76 -38.02 10.75
CA ALA D 209 -12.73 -36.56 10.71
C ALA D 209 -12.55 -36.03 12.13
N HIS D 210 -13.34 -36.57 13.04
CA HIS D 210 -13.25 -36.20 14.46
C HIS D 210 -11.87 -36.47 15.00
N ALA D 211 -11.29 -37.60 14.60
CA ALA D 211 -9.95 -37.96 15.04
C ALA D 211 -8.88 -37.04 14.45
N ALA D 212 -9.19 -36.42 13.32
CA ALA D 212 -8.27 -35.46 12.71
C ALA D 212 -8.38 -34.09 13.36
N GLY D 213 -9.40 -33.91 14.20
CA GLY D 213 -9.66 -32.62 14.81
C GLY D 213 -10.58 -31.73 14.00
N LEU D 214 -11.47 -32.34 13.20
CA LEU D 214 -12.43 -31.58 12.41
C LEU D 214 -13.86 -31.75 12.93
N ASN D 215 -14.64 -30.67 12.94
CA ASN D 215 -16.08 -30.81 13.10
C ASN D 215 -16.75 -31.10 11.75
N VAL D 216 -17.87 -31.82 11.79
CA VAL D 216 -18.60 -32.12 10.56
C VAL D 216 -19.97 -31.50 10.56
N ILE D 217 -20.24 -30.69 9.55
CA ILE D 217 -21.55 -30.13 9.35
C ILE D 217 -22.25 -30.96 8.28
N LEU D 218 -23.47 -31.36 8.54
CA LEU D 218 -24.23 -32.05 7.50
C LEU D 218 -25.35 -31.15 6.97
N ASP D 219 -25.43 -31.05 5.64
CA ASP D 219 -26.58 -30.45 4.98
C ASP D 219 -27.81 -31.35 5.20
N TRP D 220 -28.83 -30.79 5.85
CA TRP D 220 -29.99 -31.55 6.31
C TRP D 220 -31.17 -31.00 5.56
N VAL D 221 -32.09 -31.86 5.11
CA VAL D 221 -33.09 -31.40 4.16
C VAL D 221 -34.57 -31.59 4.55
N PRO D 222 -35.01 -30.93 5.63
CA PRO D 222 -36.41 -31.03 6.03
C PRO D 222 -37.33 -30.21 5.13
N GLY D 223 -36.76 -29.39 4.25
CA GLY D 223 -37.57 -28.54 3.40
C GLY D 223 -37.88 -29.12 2.03
N HIS D 224 -37.35 -30.30 1.74
CA HIS D 224 -37.54 -30.94 0.43
C HIS D 224 -38.26 -32.28 0.55
N PHE D 225 -39.58 -32.27 0.35
CA PHE D 225 -40.37 -33.50 0.46
C PHE D 225 -39.93 -34.47 -0.63
N PRO D 226 -39.81 -35.78 -0.30
CA PRO D 226 -39.40 -36.76 -1.31
C PRO D 226 -40.40 -36.82 -2.46
N THR D 227 -39.92 -36.72 -3.70
CA THR D 227 -40.82 -36.75 -4.84
C THR D 227 -40.50 -37.90 -5.79
N ASP D 228 -39.45 -38.64 -5.47
CA ASP D 228 -39.01 -39.75 -6.32
C ASP D 228 -39.42 -41.10 -5.75
N ASP D 229 -39.66 -42.05 -6.66
CA ASP D 229 -39.98 -43.44 -6.31
C ASP D 229 -41.21 -43.58 -5.41
N PHE D 230 -42.13 -42.62 -5.48
CA PHE D 230 -43.31 -42.61 -4.60
C PHE D 230 -42.93 -42.87 -3.15
N ALA D 231 -41.80 -42.29 -2.73
CA ALA D 231 -41.16 -42.62 -1.47
C ALA D 231 -42.01 -42.40 -0.21
N LEU D 232 -42.73 -41.29 -0.15
CA LEU D 232 -43.35 -40.91 1.11
C LEU D 232 -44.75 -40.38 0.91
N ALA D 233 -45.02 -39.90 -0.31
CA ALA D 233 -46.32 -39.34 -0.64
C ALA D 233 -47.40 -40.42 -0.66
N GLU D 234 -48.61 -40.04 -0.28
CA GLU D 234 -49.75 -40.96 -0.19
C GLU D 234 -49.34 -42.24 0.51
N PHE D 235 -48.66 -42.11 1.64
CA PHE D 235 -48.00 -43.26 2.23
C PHE D 235 -48.96 -44.37 2.64
N ASP D 236 -50.06 -44.01 3.30
CA ASP D 236 -51.07 -45.00 3.69
C ASP D 236 -52.34 -44.88 2.85
N GLY D 237 -52.24 -44.20 1.71
CA GLY D 237 -53.38 -43.99 0.83
C GLY D 237 -54.00 -42.62 1.01
N THR D 238 -53.66 -41.98 2.12
CA THR D 238 -54.10 -40.62 2.41
C THR D 238 -52.88 -39.72 2.36
N ASN D 239 -53.08 -38.42 2.48
CA ASN D 239 -51.96 -37.49 2.58
C ASN D 239 -51.40 -37.52 3.99
N LEU D 240 -50.53 -38.48 4.25
CA LEU D 240 -50.08 -38.75 5.61
C LEU D 240 -48.99 -37.76 6.04
N TYR D 241 -47.91 -37.78 5.29
CA TYR D 241 -46.75 -36.91 5.53
C TYR D 241 -46.90 -35.53 4.87
N GLU D 242 -47.60 -35.46 3.75
CA GLU D 242 -47.73 -34.21 2.98
C GLU D 242 -49.03 -33.47 3.21
N HIS D 243 -49.04 -32.18 2.86
CA HIS D 243 -50.30 -31.43 2.84
C HIS D 243 -51.12 -31.79 1.60
N SER D 244 -52.43 -31.57 1.67
CA SER D 244 -53.35 -31.92 0.61
C SER D 244 -53.70 -30.72 -0.25
N THR D 256 -46.37 -28.43 -6.08
CA THR D 256 -45.39 -29.37 -5.57
C THR D 256 -45.75 -29.80 -4.15
N LEU D 257 -45.21 -30.93 -3.72
CA LEU D 257 -45.51 -31.50 -2.42
C LEU D 257 -44.73 -30.80 -1.31
N ILE D 258 -45.38 -30.56 -0.17
CA ILE D 258 -44.67 -30.13 1.04
C ILE D 258 -45.14 -30.89 2.28
N TYR D 259 -44.30 -30.95 3.29
CA TYR D 259 -44.59 -31.68 4.53
C TYR D 259 -45.72 -31.03 5.30
N ASN D 260 -46.52 -31.85 5.98
CA ASN D 260 -47.49 -31.33 6.92
C ASN D 260 -46.78 -31.12 8.25
N TYR D 261 -45.90 -30.13 8.29
CA TYR D 261 -45.08 -29.84 9.47
C TYR D 261 -45.94 -29.73 10.73
N GLY D 262 -47.17 -29.25 10.56
CA GLY D 262 -48.06 -29.05 11.70
C GLY D 262 -48.52 -30.34 12.36
N ARG D 263 -48.39 -31.45 11.64
CA ARG D 263 -48.82 -32.75 12.13
C ARG D 263 -47.76 -33.39 13.03
N ARG D 264 -48.16 -33.77 14.24
CA ARG D 264 -47.23 -34.25 15.26
C ARG D 264 -46.28 -35.37 14.81
N GLU D 265 -46.80 -36.42 14.16
CA GLU D 265 -45.94 -37.53 13.77
C GLU D 265 -44.95 -37.14 12.67
N VAL D 266 -45.30 -36.13 11.88
CA VAL D 266 -44.41 -35.70 10.80
C VAL D 266 -43.27 -34.84 11.36
N SER D 267 -43.62 -33.93 12.25
CA SER D 267 -42.65 -33.13 12.98
C SER D 267 -41.69 -34.02 13.77
N ASN D 268 -42.22 -35.07 14.40
CA ASN D 268 -41.37 -36.01 15.12
C ASN D 268 -40.44 -36.74 14.18
N PHE D 269 -40.98 -37.08 13.01
CA PHE D 269 -40.20 -37.76 11.99
C PHE D 269 -39.01 -36.87 11.62
N LEU D 270 -39.26 -35.60 11.35
CA LEU D 270 -38.17 -34.68 10.93
C LEU D 270 -37.25 -34.28 12.10
N VAL D 271 -37.83 -33.79 13.19
CA VAL D 271 -37.01 -33.45 14.38
C VAL D 271 -36.16 -34.63 14.85
N GLY D 272 -36.77 -35.82 14.88
CA GLY D 272 -36.04 -37.03 15.21
C GLY D 272 -34.88 -37.26 14.26
N ASN D 273 -35.09 -36.96 12.98
CA ASN D 273 -34.05 -37.13 11.99
C ASN D 273 -32.84 -36.26 12.33
N ALA D 274 -33.06 -35.03 12.79
CA ALA D 274 -31.95 -34.17 13.21
C ALA D 274 -31.19 -34.76 14.40
N LEU D 275 -31.95 -35.18 15.42
CA LEU D 275 -31.36 -35.82 16.59
C LEU D 275 -30.58 -37.08 16.19
N TYR D 276 -31.11 -37.82 15.24
CA TYR D 276 -30.50 -39.07 14.78
C TYR D 276 -29.10 -38.83 14.22
N TRP D 277 -28.96 -37.88 13.31
CA TRP D 277 -27.63 -37.60 12.76
C TRP D 277 -26.65 -37.18 13.83
N ILE D 278 -27.07 -36.29 14.71
CA ILE D 278 -26.20 -35.79 15.76
C ILE D 278 -25.83 -36.86 16.80
N GLU D 279 -26.84 -37.55 17.33
CA GLU D 279 -26.58 -38.52 18.39
C GLU D 279 -26.03 -39.87 17.90
N ARG D 280 -26.55 -40.35 16.78
CA ARG D 280 -26.14 -41.67 16.32
C ARG D 280 -24.94 -41.65 15.37
N PHE D 281 -24.70 -40.52 14.71
CA PHE D 281 -23.52 -40.44 13.82
C PHE D 281 -22.43 -39.48 14.28
N GLY D 282 -22.73 -38.65 15.27
CA GLY D 282 -21.73 -37.74 15.81
C GLY D 282 -21.56 -36.48 14.96
N ILE D 283 -22.54 -36.20 14.10
CA ILE D 283 -22.55 -34.98 13.30
C ILE D 283 -22.53 -33.79 14.26
N ASP D 284 -21.76 -32.76 13.94
CA ASP D 284 -21.54 -31.67 14.92
C ASP D 284 -22.47 -30.48 14.74
N ALA D 285 -23.05 -30.39 13.54
CA ALA D 285 -23.92 -29.27 13.22
C ALA D 285 -24.71 -29.61 11.97
N LEU D 286 -25.81 -28.89 11.77
CA LEU D 286 -26.69 -29.11 10.63
C LEU D 286 -26.96 -27.80 9.92
N ARG D 287 -26.96 -27.83 8.59
CA ARG D 287 -27.39 -26.65 7.84
C ARG D 287 -28.69 -26.93 7.11
N VAL D 288 -29.63 -26.01 7.20
CA VAL D 288 -30.87 -26.10 6.43
C VAL D 288 -30.85 -25.15 5.22
N ASP D 289 -31.03 -25.69 4.01
CA ASP D 289 -31.04 -24.87 2.80
C ASP D 289 -32.46 -24.41 2.46
N ALA D 290 -32.57 -23.41 1.58
CA ALA D 290 -33.85 -22.97 1.04
C ALA D 290 -34.93 -22.70 2.09
N VAL D 291 -34.55 -22.03 3.18
CA VAL D 291 -35.51 -21.75 4.24
C VAL D 291 -36.67 -20.89 3.72
N ALA D 292 -36.38 -20.02 2.74
CA ALA D 292 -37.42 -19.20 2.14
C ALA D 292 -38.55 -20.03 1.54
N SER D 293 -38.19 -21.14 0.91
CA SER D 293 -39.17 -22.04 0.30
C SER D 293 -40.05 -22.71 1.34
N MET D 294 -39.56 -22.81 2.57
CA MET D 294 -40.35 -23.44 3.63
C MET D 294 -41.35 -22.44 4.19
N ILE D 295 -40.89 -21.24 4.46
CA ILE D 295 -41.68 -20.32 5.26
C ILE D 295 -42.59 -19.41 4.45
N TYR D 296 -42.43 -19.43 3.12
CA TYR D 296 -43.36 -18.77 2.22
C TYR D 296 -44.08 -19.78 1.35
N ARG D 297 -45.39 -19.86 1.52
CA ARG D 297 -46.21 -20.88 0.85
C ARG D 297 -45.95 -21.02 -0.65
N ASP D 298 -45.97 -19.90 -1.36
CA ASP D 298 -45.87 -19.92 -2.82
C ASP D 298 -45.22 -18.66 -3.38
N GLY D 313 -52.88 -14.89 3.67
CA GLY D 313 -51.46 -14.54 3.73
C GLY D 313 -50.55 -15.40 2.88
N ARG D 314 -49.26 -15.15 2.98
CA ARG D 314 -48.25 -15.84 2.18
C ARG D 314 -47.28 -16.65 3.07
N GLU D 315 -47.18 -16.27 4.34
CA GLU D 315 -46.33 -16.97 5.28
C GLU D 315 -46.90 -18.34 5.69
N ASN D 316 -46.06 -19.36 5.69
CA ASN D 316 -46.45 -20.69 6.19
C ASN D 316 -46.12 -20.79 7.68
N LEU D 317 -47.10 -20.45 8.51
CA LEU D 317 -46.90 -20.30 9.95
C LEU D 317 -46.50 -21.63 10.59
N GLU D 318 -47.02 -22.73 10.05
CA GLU D 318 -46.65 -24.05 10.54
C GLU D 318 -45.19 -24.33 10.29
N ALA D 319 -44.70 -23.96 9.11
CA ALA D 319 -43.29 -24.15 8.78
C ALA D 319 -42.37 -23.28 9.63
N ILE D 320 -42.80 -22.05 9.91
CA ILE D 320 -42.01 -21.17 10.79
C ILE D 320 -41.98 -21.77 12.19
N GLU D 321 -43.15 -22.21 12.66
CA GLU D 321 -43.22 -22.83 13.98
C GLU D 321 -42.41 -24.12 14.03
N PHE D 322 -42.36 -24.86 12.92
CA PHE D 322 -41.51 -26.04 12.86
C PHE D 322 -40.03 -25.71 13.05
N LEU D 323 -39.55 -24.65 12.41
CA LEU D 323 -38.15 -24.27 12.52
C LEU D 323 -37.83 -23.86 13.94
N ARG D 324 -38.65 -22.99 14.50
CA ARG D 324 -38.47 -22.51 15.86
C ARG D 324 -38.48 -23.68 16.82
N ASN D 325 -39.48 -24.55 16.69
CA ASN D 325 -39.58 -25.67 17.60
C ASN D 325 -38.40 -26.62 17.48
N THR D 326 -37.94 -26.85 16.25
CA THR D 326 -36.81 -27.74 16.03
C THR D 326 -35.52 -27.22 16.68
N ASN D 327 -35.24 -25.93 16.48
CA ASN D 327 -34.04 -25.34 17.05
C ASN D 327 -34.13 -25.32 18.56
N ARG D 328 -35.34 -25.14 19.08
CA ARG D 328 -35.54 -25.21 20.52
C ARG D 328 -35.17 -26.60 21.02
N ILE D 329 -35.76 -27.60 20.39
CA ILE D 329 -35.51 -28.97 20.81
C ILE D 329 -34.04 -29.35 20.71
N LEU D 330 -33.38 -28.96 19.63
CA LEU D 330 -31.94 -29.24 19.53
C LEU D 330 -31.13 -28.46 20.58
N GLY D 331 -31.56 -27.23 20.84
CA GLY D 331 -30.88 -26.42 21.86
C GLY D 331 -30.88 -27.10 23.23
N GLU D 332 -31.98 -27.78 23.53
CA GLU D 332 -32.14 -28.43 24.83
C GLU D 332 -31.55 -29.85 24.88
N GLN D 333 -31.70 -30.60 23.79
CA GLN D 333 -31.31 -32.02 23.76
C GLN D 333 -29.85 -32.23 23.40
N VAL D 334 -29.37 -31.46 22.42
CA VAL D 334 -27.97 -31.60 22.01
C VAL D 334 -27.22 -30.27 22.04
N SER D 335 -27.29 -29.59 23.19
CA SER D 335 -26.59 -28.32 23.39
C SER D 335 -25.13 -28.37 22.93
N GLY D 336 -24.74 -27.43 22.07
CA GLY D 336 -23.38 -27.42 21.55
C GLY D 336 -23.35 -27.75 20.07
N ALA D 337 -24.38 -28.46 19.59
CA ALA D 337 -24.50 -28.84 18.20
C ALA D 337 -25.33 -27.78 17.47
N VAL D 338 -24.66 -26.88 16.77
CA VAL D 338 -25.31 -25.69 16.25
C VAL D 338 -26.03 -25.97 14.94
N THR D 339 -27.01 -25.13 14.62
CA THR D 339 -27.67 -25.19 13.33
C THR D 339 -27.42 -23.92 12.54
N MET D 340 -27.37 -24.04 11.22
CA MET D 340 -27.15 -22.90 10.34
C MET D 340 -28.21 -22.88 9.26
N ALA D 341 -28.47 -21.70 8.71
CA ALA D 341 -29.56 -21.52 7.76
C ALA D 341 -29.13 -20.68 6.55
N GLU D 342 -29.69 -21.01 5.39
CA GLU D 342 -29.66 -20.14 4.21
C GLU D 342 -31.10 -19.74 3.89
N GLU D 343 -31.38 -18.44 3.96
CA GLU D 343 -32.71 -17.89 3.70
C GLU D 343 -32.49 -16.66 2.83
N SER D 344 -33.23 -16.56 1.73
CA SER D 344 -32.86 -15.59 0.69
C SER D 344 -33.81 -14.38 0.56
N THR D 345 -34.62 -14.12 1.56
CA THR D 345 -35.58 -13.02 1.45
C THR D 345 -35.41 -11.98 2.54
N ASP D 346 -34.31 -12.06 3.28
CA ASP D 346 -34.10 -11.20 4.44
C ASP D 346 -35.24 -11.29 5.46
N PHE D 347 -35.74 -12.51 5.66
CA PHE D 347 -36.63 -12.78 6.77
C PHE D 347 -35.90 -12.42 8.06
N PRO D 348 -36.56 -11.64 8.93
CA PRO D 348 -35.86 -11.06 10.07
C PRO D 348 -35.56 -12.04 11.21
N GLY D 349 -34.31 -12.03 11.70
CA GLY D 349 -33.95 -12.79 12.88
C GLY D 349 -33.89 -14.29 12.65
N VAL D 350 -33.37 -14.68 11.49
CA VAL D 350 -33.14 -16.10 11.21
C VAL D 350 -32.22 -16.70 12.26
N SER D 351 -31.19 -15.97 12.66
CA SER D 351 -30.27 -16.47 13.66
C SER D 351 -30.49 -15.79 15.02
N ARG D 352 -31.75 -15.49 15.34
CA ARG D 352 -32.10 -14.82 16.59
C ARG D 352 -33.11 -15.68 17.38
N PRO D 353 -33.20 -15.46 18.70
CA PRO D 353 -33.97 -16.35 19.57
C PRO D 353 -35.45 -16.32 19.31
N GLN D 354 -36.08 -17.48 19.47
CA GLN D 354 -37.51 -17.63 19.28
C GLN D 354 -38.34 -16.66 20.12
N ASP D 355 -37.90 -16.41 21.36
CA ASP D 355 -38.67 -15.57 22.28
C ASP D 355 -38.75 -14.09 21.83
N MET D 356 -37.83 -13.68 20.96
CA MET D 356 -37.92 -12.33 20.36
C MET D 356 -38.26 -12.39 18.88
N GLY D 357 -39.01 -13.42 18.48
CA GLY D 357 -39.54 -13.50 17.14
C GLY D 357 -38.59 -14.07 16.11
N GLY D 358 -37.42 -14.54 16.56
CA GLY D 358 -36.46 -15.14 15.66
C GLY D 358 -36.81 -16.58 15.27
N LEU D 359 -35.97 -17.18 14.42
CA LEU D 359 -36.16 -18.55 13.98
C LEU D 359 -35.35 -19.56 14.79
N GLY D 360 -34.36 -19.07 15.55
CA GLY D 360 -33.61 -19.91 16.47
C GLY D 360 -32.33 -20.53 15.95
N PHE D 361 -32.02 -20.29 14.68
CA PHE D 361 -30.74 -20.77 14.14
C PHE D 361 -29.56 -20.11 14.83
N TRP D 362 -28.41 -20.76 14.77
CA TRP D 362 -27.23 -20.19 15.37
C TRP D 362 -26.51 -19.28 14.38
N TYR D 363 -26.53 -19.68 13.12
CA TYR D 363 -25.84 -18.89 12.09
C TYR D 363 -26.70 -18.75 10.84
N LYS D 364 -26.43 -17.73 10.04
CA LYS D 364 -27.13 -17.54 8.79
C LYS D 364 -26.10 -17.33 7.68
N TRP D 365 -26.32 -17.88 6.49
CA TRP D 365 -25.40 -17.59 5.38
C TRP D 365 -25.57 -16.15 4.91
N ASN D 366 -24.47 -15.43 4.76
CA ASN D 366 -24.56 -14.04 4.29
C ASN D 366 -24.55 -13.99 2.76
N LEU D 367 -25.70 -14.22 2.13
CA LEU D 367 -25.82 -14.17 0.67
C LEU D 367 -25.64 -12.75 0.16
N GLY D 368 -26.11 -11.78 0.95
CA GLY D 368 -25.96 -10.39 0.58
C GLY D 368 -24.51 -10.02 0.38
N TRP D 369 -23.64 -10.48 1.29
CA TRP D 369 -22.20 -10.20 1.23
C TRP D 369 -21.55 -10.90 0.04
N MET D 370 -21.95 -12.15 -0.20
CA MET D 370 -21.47 -12.88 -1.35
C MET D 370 -21.84 -12.14 -2.63
N HIS D 371 -23.08 -11.67 -2.73
CA HIS D 371 -23.50 -11.02 -3.96
C HIS D 371 -22.77 -9.69 -4.16
N ASP D 372 -22.70 -8.90 -3.09
CA ASP D 372 -22.08 -7.58 -3.16
C ASP D 372 -20.60 -7.66 -3.49
N THR D 373 -19.86 -8.53 -2.80
CA THR D 373 -18.42 -8.60 -2.98
C THR D 373 -18.06 -9.22 -4.33
N LEU D 374 -18.82 -10.22 -4.72
CA LEU D 374 -18.62 -10.84 -6.04
C LEU D 374 -18.95 -9.84 -7.17
N ASP D 375 -20.02 -9.06 -6.99
CA ASP D 375 -20.34 -7.97 -7.93
C ASP D 375 -19.17 -7.00 -8.04
N TYR D 376 -18.60 -6.65 -6.89
CA TYR D 376 -17.44 -5.75 -6.84
C TYR D 376 -16.22 -6.34 -7.54
N MET D 377 -15.91 -7.58 -7.24
CA MET D 377 -14.72 -8.22 -7.81
C MET D 377 -14.87 -8.36 -9.31
N LYS D 378 -16.10 -8.48 -9.80
CA LYS D 378 -16.33 -8.64 -11.23
C LYS D 378 -16.03 -7.34 -11.97
N LEU D 379 -16.14 -6.23 -11.26
CA LEU D 379 -15.85 -4.94 -11.86
C LEU D 379 -14.36 -4.78 -12.23
N ASP D 380 -14.10 -4.25 -13.42
CA ASP D 380 -12.74 -3.83 -13.73
C ASP D 380 -12.31 -2.81 -12.71
N PRO D 381 -11.03 -2.83 -12.31
CA PRO D 381 -10.60 -1.82 -11.35
C PRO D 381 -10.90 -0.36 -11.73
N VAL D 382 -10.97 -0.02 -13.02
CA VAL D 382 -11.25 1.38 -13.39
C VAL D 382 -12.63 1.85 -12.97
N TYR D 383 -13.52 0.92 -12.62
CA TYR D 383 -14.88 1.30 -12.22
C TYR D 383 -15.14 1.10 -10.72
N ARG D 384 -14.18 0.51 -10.01
CA ARG D 384 -14.41 0.18 -8.60
C ARG D 384 -14.58 1.38 -7.68
N GLN D 385 -14.08 2.54 -8.10
CA GLN D 385 -14.24 3.77 -7.31
C GLN D 385 -15.69 4.23 -7.22
N TYR D 386 -16.52 3.80 -8.17
CA TYR D 386 -17.93 4.17 -8.18
C TYR D 386 -18.81 3.16 -7.46
N HIS D 387 -18.19 2.11 -6.94
CA HIS D 387 -18.96 1.03 -6.30
C HIS D 387 -18.36 0.60 -4.96
N HIS D 388 -17.72 1.54 -4.28
CA HIS D 388 -17.08 1.33 -2.97
C HIS D 388 -18.08 0.76 -1.95
N ASP D 389 -19.35 1.17 -2.07
CA ASP D 389 -20.37 0.75 -1.11
CA ASP D 389 -20.39 0.77 -1.12
C ASP D 389 -20.62 -0.75 -1.10
N LYS D 390 -20.18 -1.44 -2.15
CA LYS D 390 -20.36 -2.90 -2.21
C LYS D 390 -19.51 -3.60 -1.16
N LEU D 391 -18.39 -2.98 -0.81
CA LEU D 391 -17.50 -3.59 0.16
C LEU D 391 -17.73 -3.07 1.59
N THR D 392 -18.29 -1.86 1.70
CA THR D 392 -18.49 -1.23 3.00
C THR D 392 -19.84 -1.58 3.61
N PHE D 393 -20.78 -1.97 2.77
CA PHE D 393 -22.17 -2.15 3.17
C PHE D 393 -22.36 -3.27 4.20
N GLY D 394 -21.56 -4.33 4.07
CA GLY D 394 -21.65 -5.47 4.97
C GLY D 394 -21.64 -5.13 6.46
N ILE D 395 -20.84 -4.13 6.84
CA ILE D 395 -20.67 -3.77 8.25
C ILE D 395 -21.98 -3.23 8.83
N LEU D 396 -22.76 -2.57 7.97
CA LEU D 396 -24.01 -1.95 8.37
C LEU D 396 -25.08 -2.93 8.86
N TYR D 397 -25.04 -4.17 8.38
CA TYR D 397 -26.03 -5.14 8.86
C TYR D 397 -25.42 -6.37 9.53
N ASN D 398 -24.11 -6.33 9.78
CA ASN D 398 -23.40 -7.47 10.34
C ASN D 398 -23.86 -7.88 11.74
N TYR D 399 -24.46 -6.95 12.47
CA TYR D 399 -24.85 -7.24 13.85
C TYR D 399 -26.33 -7.64 14.00
N THR D 400 -27.02 -7.82 12.86
CA THR D 400 -28.40 -8.28 12.86
C THR D 400 -28.56 -9.81 12.82
N GLU D 401 -27.49 -10.49 12.44
CA GLU D 401 -27.51 -11.95 12.28
C GLU D 401 -26.06 -12.38 12.50
N ASN D 402 -25.84 -13.59 13.02
CA ASN D 402 -24.47 -14.12 13.09
C ASN D 402 -24.12 -14.85 11.81
N PHE D 403 -23.30 -14.21 10.99
CA PHE D 403 -23.11 -14.64 9.60
C PHE D 403 -21.98 -15.61 9.37
N VAL D 404 -22.16 -16.40 8.30
CA VAL D 404 -21.08 -17.15 7.67
C VAL D 404 -20.88 -16.54 6.28
N LEU D 405 -19.63 -16.29 5.90
CA LEU D 405 -19.35 -15.73 4.58
C LEU D 405 -19.18 -16.90 3.59
N PRO D 406 -20.16 -17.09 2.68
CA PRO D 406 -20.17 -18.31 1.87
C PRO D 406 -19.87 -18.12 0.38
N LEU D 407 -18.81 -18.76 -0.08
CA LEU D 407 -18.58 -18.98 -1.50
C LEU D 407 -18.93 -20.46 -1.73
N SER D 408 -20.21 -20.74 -1.95
CA SER D 408 -20.73 -22.11 -1.89
C SER D 408 -20.87 -22.75 -3.27
N HIS D 409 -21.30 -24.01 -3.30
CA HIS D 409 -21.49 -24.74 -4.54
C HIS D 409 -22.52 -24.05 -5.44
N ASP D 410 -23.43 -23.27 -4.86
CA ASP D 410 -24.52 -22.68 -5.64
C ASP D 410 -24.02 -21.55 -6.56
N GLU D 411 -22.84 -21.04 -6.27
CA GLU D 411 -22.31 -19.92 -7.03
C GLU D 411 -21.39 -20.32 -8.18
N VAL D 412 -21.13 -21.62 -8.32
CA VAL D 412 -20.20 -22.06 -9.37
C VAL D 412 -20.83 -23.12 -10.27
N VAL D 413 -22.12 -22.96 -10.53
CA VAL D 413 -22.84 -23.82 -11.47
C VAL D 413 -23.74 -23.01 -12.38
N HIS D 414 -24.44 -23.71 -13.28
CA HIS D 414 -25.49 -23.15 -14.13
C HIS D 414 -25.11 -21.89 -14.90
N GLY D 415 -23.86 -21.79 -15.34
CA GLY D 415 -23.45 -20.67 -16.17
C GLY D 415 -22.93 -19.48 -15.38
N LYS D 416 -22.79 -19.63 -14.07
CA LYS D 416 -22.32 -18.54 -13.22
C LYS D 416 -20.79 -18.45 -13.21
N LYS D 417 -20.15 -19.45 -13.80
CA LYS D 417 -18.69 -19.54 -13.87
C LYS D 417 -18.07 -19.83 -12.51
N SER D 418 -16.79 -20.17 -12.53
CA SER D 418 -16.02 -20.35 -11.31
C SER D 418 -15.79 -18.99 -10.67
N ILE D 419 -15.28 -19.00 -9.44
CA ILE D 419 -14.88 -17.74 -8.82
C ILE D 419 -13.75 -17.11 -9.66
N LEU D 420 -12.72 -17.90 -9.98
CA LEU D 420 -11.58 -17.38 -10.77
C LEU D 420 -12.02 -16.66 -12.05
N ASP D 421 -12.98 -17.25 -12.75
CA ASP D 421 -13.40 -16.70 -14.04
C ASP D 421 -14.26 -15.44 -13.93
N ARG D 422 -14.65 -15.06 -12.72
CA ARG D 422 -15.30 -13.78 -12.53
C ARG D 422 -14.28 -12.63 -12.56
N MET D 423 -13.01 -12.94 -12.37
CA MET D 423 -11.99 -11.91 -12.10
C MET D 423 -11.55 -11.18 -13.36
N PRO D 424 -11.37 -9.84 -13.27
CA PRO D 424 -10.99 -9.04 -14.44
C PRO D 424 -9.50 -9.02 -14.69
N GLY D 425 -9.11 -8.74 -15.94
CA GLY D 425 -7.72 -8.46 -16.23
C GLY D 425 -6.99 -9.60 -16.92
N ASP D 426 -5.67 -9.45 -17.03
CA ASP D 426 -4.85 -10.51 -17.63
C ASP D 426 -4.71 -11.65 -16.65
N ALA D 427 -4.01 -12.69 -17.05
CA ALA D 427 -3.89 -13.90 -16.22
C ALA D 427 -3.37 -13.59 -14.82
N TRP D 428 -2.28 -12.81 -14.73
CA TRP D 428 -1.68 -12.44 -13.45
C TRP D 428 -2.63 -11.65 -12.59
N GLN D 429 -3.37 -10.73 -13.21
CA GLN D 429 -4.34 -9.90 -12.52
C GLN D 429 -5.54 -10.70 -12.00
N LYS D 430 -5.98 -11.69 -12.78
CA LYS D 430 -7.07 -12.56 -12.33
C LYS D 430 -6.75 -13.23 -11.01
N PHE D 431 -5.57 -13.86 -10.93
CA PHE D 431 -5.17 -14.53 -9.69
C PHE D 431 -4.92 -13.54 -8.56
N ALA D 432 -4.34 -12.39 -8.89
CA ALA D 432 -4.12 -11.36 -7.88
C ALA D 432 -5.43 -10.91 -7.24
N ASN D 433 -6.40 -10.64 -8.10
CA ASN D 433 -7.75 -10.30 -7.66
C ASN D 433 -8.35 -11.34 -6.72
N LEU D 434 -8.32 -12.60 -7.16
CA LEU D 434 -8.79 -13.73 -6.35
C LEU D 434 -8.13 -13.79 -4.96
N ARG D 435 -6.80 -13.69 -4.93
CA ARG D 435 -6.05 -13.72 -3.67
C ARG D 435 -6.37 -12.55 -2.76
N ALA D 436 -6.44 -11.35 -3.33
CA ALA D 436 -6.80 -10.15 -2.56
C ALA D 436 -8.18 -10.32 -1.95
N TYR D 437 -9.10 -10.84 -2.74
CA TYR D 437 -10.47 -11.13 -2.29
C TYR D 437 -10.54 -12.14 -1.14
N TYR D 438 -9.76 -13.23 -1.23
CA TYR D 438 -9.72 -14.21 -0.14
C TYR D 438 -9.12 -13.58 1.11
N GLY D 439 -8.08 -12.77 0.95
CA GLY D 439 -7.53 -11.99 2.06
C GLY D 439 -8.56 -11.10 2.76
N TRP D 440 -9.43 -10.47 1.97
CA TRP D 440 -10.49 -9.64 2.50
C TRP D 440 -11.51 -10.51 3.24
N MET D 441 -11.95 -11.57 2.57
CA MET D 441 -12.93 -12.53 3.11
C MET D 441 -12.52 -13.08 4.46
N TRP D 442 -11.26 -13.47 4.59
CA TRP D 442 -10.82 -14.06 5.82
C TRP D 442 -10.66 -13.06 6.97
N ALA D 443 -10.61 -11.77 6.63
CA ALA D 443 -10.47 -10.74 7.66
C ALA D 443 -11.80 -10.11 8.05
N PHE D 444 -12.79 -10.18 7.16
CA PHE D 444 -14.06 -9.50 7.34
C PHE D 444 -14.91 -10.25 8.36
N PRO D 445 -15.63 -9.53 9.23
CA PRO D 445 -16.44 -10.22 10.26
C PRO D 445 -17.40 -11.28 9.70
N GLY D 446 -17.37 -12.45 10.33
CA GLY D 446 -18.20 -13.57 9.88
C GLY D 446 -17.34 -14.81 9.76
N LYS D 447 -17.93 -15.98 9.97
CA LYS D 447 -17.17 -17.21 9.80
C LYS D 447 -16.99 -17.47 8.31
N LYS D 448 -16.17 -18.46 7.95
CA LYS D 448 -15.86 -18.68 6.52
C LYS D 448 -16.38 -20.02 5.99
N LEU D 449 -16.78 -20.03 4.72
CA LEU D 449 -17.14 -21.27 4.04
C LEU D 449 -16.64 -21.15 2.61
N LEU D 450 -15.95 -22.19 2.16
CA LEU D 450 -15.40 -22.23 0.81
C LEU D 450 -15.68 -23.60 0.21
N PHE D 451 -16.34 -23.61 -0.94
CA PHE D 451 -16.59 -24.85 -1.68
C PHE D 451 -15.34 -25.44 -2.36
N MET D 452 -15.24 -26.77 -2.30
CA MET D 452 -14.14 -27.49 -2.91
C MET D 452 -13.90 -27.01 -4.35
N GLY D 453 -12.63 -26.88 -4.71
CA GLY D 453 -12.27 -26.37 -6.02
C GLY D 453 -11.90 -24.90 -5.94
N ASN D 454 -12.53 -24.16 -5.04
CA ASN D 454 -12.19 -22.74 -4.90
C ASN D 454 -10.79 -22.53 -4.37
N GLU D 455 -10.34 -23.45 -3.51
CA GLU D 455 -9.08 -23.23 -2.81
C GLU D 455 -7.89 -23.35 -3.75
N PHE D 456 -8.07 -23.99 -4.90
CA PHE D 456 -7.00 -23.99 -5.89
C PHE D 456 -7.35 -23.22 -7.15
N ALA D 457 -8.39 -22.40 -7.07
CA ALA D 457 -8.86 -21.56 -8.16
C ALA D 457 -9.19 -22.34 -9.43
N GLN D 458 -10.02 -23.37 -9.30
CA GLN D 458 -10.45 -24.11 -10.48
C GLN D 458 -11.08 -23.17 -11.52
N GLY D 459 -10.75 -23.38 -12.79
CA GLY D 459 -11.25 -22.51 -13.84
C GLY D 459 -12.66 -22.88 -14.26
N ARG D 460 -12.88 -24.18 -14.40
CA ARG D 460 -14.18 -24.67 -14.79
C ARG D 460 -15.18 -24.61 -13.64
N GLU D 461 -16.45 -24.56 -14.00
CA GLU D 461 -17.53 -24.66 -13.03
C GLU D 461 -17.54 -26.05 -12.44
N TRP D 462 -18.16 -26.17 -11.26
CA TRP D 462 -18.27 -27.45 -10.60
C TRP D 462 -19.20 -28.41 -11.34
N ASN D 463 -18.69 -29.61 -11.60
CA ASN D 463 -19.44 -30.66 -12.28
C ASN D 463 -19.63 -31.84 -11.32
N HIS D 464 -20.84 -32.07 -10.85
CA HIS D 464 -21.10 -33.13 -9.88
C HIS D 464 -20.84 -34.52 -10.45
N ASP D 465 -20.75 -34.60 -11.78
CA ASP D 465 -20.64 -35.88 -12.47
C ASP D 465 -19.19 -36.21 -12.78
N ALA D 466 -18.27 -35.47 -12.14
CA ALA D 466 -16.84 -35.66 -12.39
C ALA D 466 -15.99 -35.30 -11.17
N SER D 467 -14.71 -35.65 -11.21
CA SER D 467 -13.76 -35.17 -10.22
C SER D 467 -13.50 -33.66 -10.42
N LEU D 468 -13.05 -33.00 -9.36
CA LEU D 468 -12.55 -31.63 -9.48
C LEU D 468 -11.31 -31.63 -10.37
N ASP D 469 -10.89 -30.46 -10.81
CA ASP D 469 -9.82 -30.36 -11.81
C ASP D 469 -8.45 -30.40 -11.17
N TRP D 470 -8.14 -31.49 -10.47
CA TRP D 470 -6.86 -31.64 -9.80
C TRP D 470 -5.68 -31.61 -10.78
N HIS D 471 -5.95 -31.84 -12.06
CA HIS D 471 -4.88 -31.79 -13.06
C HIS D 471 -4.20 -30.42 -13.09
N LEU D 472 -4.91 -29.39 -12.63
CA LEU D 472 -4.36 -28.01 -12.56
C LEU D 472 -3.16 -27.90 -11.61
N LEU D 473 -3.06 -28.85 -10.68
CA LEU D 473 -1.95 -28.85 -9.72
C LEU D 473 -0.84 -29.79 -10.17
N GLU D 474 -1.00 -30.39 -11.34
CA GLU D 474 0.05 -31.20 -11.97
C GLU D 474 1.16 -30.32 -12.52
N GLY D 475 2.37 -30.86 -12.53
CA GLY D 475 3.49 -30.17 -13.16
C GLY D 475 4.23 -29.20 -12.27
N GLY D 476 4.94 -28.26 -12.89
CA GLY D 476 5.69 -27.26 -12.15
C GLY D 476 4.77 -26.38 -11.34
N ASP D 477 5.33 -25.75 -10.31
CA ASP D 477 4.53 -24.89 -9.43
C ASP D 477 3.90 -23.73 -10.20
N ASN D 478 2.59 -23.54 -10.01
CA ASN D 478 1.86 -22.52 -10.75
C ASN D 478 0.92 -21.66 -9.90
N TRP D 479 0.14 -20.82 -10.59
CA TRP D 479 -0.74 -19.87 -9.93
C TRP D 479 -1.76 -20.58 -9.06
N HIS D 480 -2.21 -21.76 -9.48
CA HIS D 480 -3.14 -22.56 -8.71
C HIS D 480 -2.54 -23.06 -7.40
N HIS D 481 -1.30 -23.54 -7.45
CA HIS D 481 -0.56 -23.88 -6.23
C HIS D 481 -0.47 -22.66 -5.33
N GLY D 482 -0.28 -21.50 -5.94
CA GLY D 482 -0.15 -20.27 -5.16
C GLY D 482 -1.41 -19.98 -4.36
N VAL D 483 -2.56 -20.08 -5.01
CA VAL D 483 -3.83 -19.84 -4.36
C VAL D 483 -4.06 -20.88 -3.26
N GLN D 484 -3.74 -22.13 -3.56
CA GLN D 484 -3.92 -23.18 -2.55
C GLN D 484 -3.07 -22.93 -1.30
N ARG D 485 -1.84 -22.47 -1.49
CA ARG D 485 -0.95 -22.17 -0.37
C ARG D 485 -1.45 -20.98 0.43
N LEU D 486 -2.06 -20.01 -0.25
CA LEU D 486 -2.65 -18.85 0.43
C LEU D 486 -3.86 -19.23 1.28
N VAL D 487 -4.74 -20.06 0.74
CA VAL D 487 -5.91 -20.47 1.52
C VAL D 487 -5.49 -21.16 2.81
N ARG D 488 -4.49 -22.03 2.72
CA ARG D 488 -3.93 -22.68 3.91
C ARG D 488 -3.32 -21.67 4.89
N ASP D 489 -2.54 -20.72 4.38
CA ASP D 489 -1.93 -19.68 5.24
C ASP D 489 -2.97 -18.80 5.92
N LEU D 490 -4.03 -18.46 5.18
CA LEU D 490 -5.17 -17.69 5.66
C LEU D 490 -5.83 -18.43 6.82
N ASN D 491 -6.18 -19.69 6.60
CA ASN D 491 -6.80 -20.50 7.65
C ASN D 491 -5.97 -20.54 8.90
N LEU D 492 -4.67 -20.81 8.72
CA LEU D 492 -3.78 -20.99 9.87
C LEU D 492 -3.50 -19.67 10.58
N THR D 493 -3.46 -18.57 9.83
CA THR D 493 -3.23 -17.27 10.45
C THR D 493 -4.49 -16.82 11.17
N TYR D 494 -5.62 -16.99 10.50
CA TYR D 494 -6.94 -16.69 11.06
C TYR D 494 -7.16 -17.41 12.39
N ARG D 495 -6.75 -18.67 12.44
CA ARG D 495 -6.97 -19.48 13.64
C ARG D 495 -6.02 -19.11 14.78
N HIS D 496 -4.82 -18.69 14.42
CA HIS D 496 -3.80 -18.41 15.42
C HIS D 496 -4.06 -17.11 16.14
N HIS D 497 -4.59 -16.11 15.43
CA HIS D 497 -4.73 -14.77 16.00
C HIS D 497 -6.17 -14.50 16.42
N LYS D 498 -6.39 -14.36 17.73
CA LYS D 498 -7.75 -14.22 18.27
C LYS D 498 -8.55 -13.07 17.67
N ALA D 499 -7.89 -11.96 17.41
CA ALA D 499 -8.55 -10.78 16.86
C ALA D 499 -9.28 -11.08 15.57
N MET D 500 -8.76 -12.03 14.80
CA MET D 500 -9.40 -12.37 13.53
C MET D 500 -10.74 -13.12 13.66
N HIS D 501 -11.06 -13.62 14.84
CA HIS D 501 -12.25 -14.47 14.92
C HIS D 501 -13.08 -14.37 16.20
N GLU D 502 -12.50 -13.75 17.22
CA GLU D 502 -13.06 -13.81 18.58
C GLU D 502 -14.27 -12.91 18.82
N LEU D 503 -14.37 -11.82 18.07
CA LEU D 503 -15.47 -10.88 18.25
C LEU D 503 -16.12 -10.45 16.94
N ASP D 504 -16.50 -11.43 16.11
CA ASP D 504 -17.15 -11.11 14.84
C ASP D 504 -18.46 -10.39 15.03
N PHE D 505 -19.17 -10.70 16.13
CA PHE D 505 -20.55 -10.25 16.25
C PHE D 505 -20.73 -9.20 17.35
N ASP D 506 -19.60 -8.59 17.73
CA ASP D 506 -19.54 -7.48 18.67
C ASP D 506 -18.84 -6.31 17.95
N PRO D 507 -19.47 -5.13 17.91
CA PRO D 507 -18.89 -3.89 17.34
C PRO D 507 -17.45 -3.63 17.77
N TYR D 508 -17.11 -3.99 19.01
CA TYR D 508 -15.76 -3.81 19.50
C TYR D 508 -14.75 -4.61 18.67
N GLY D 509 -15.24 -5.55 17.87
CA GLY D 509 -14.38 -6.46 17.14
C GLY D 509 -13.91 -5.96 15.78
N PHE D 510 -14.51 -4.87 15.31
CA PHE D 510 -14.21 -4.29 14.03
C PHE D 510 -14.18 -2.76 14.13
N GLU D 511 -13.15 -2.13 13.56
CA GLU D 511 -13.21 -0.68 13.39
C GLU D 511 -12.55 -0.27 12.08
N TRP D 512 -13.25 0.57 11.32
CA TRP D 512 -12.71 1.12 10.06
C TRP D 512 -11.57 2.09 10.37
N LEU D 513 -10.45 1.96 9.66
CA LEU D 513 -9.38 2.96 9.75
C LEU D 513 -9.45 3.91 8.56
N VAL D 514 -9.66 3.34 7.38
CA VAL D 514 -9.89 4.12 6.16
C VAL D 514 -11.08 3.55 5.40
N VAL D 515 -12.23 4.22 5.51
CA VAL D 515 -13.46 3.72 4.91
C VAL D 515 -13.86 4.47 3.65
N ASP D 516 -13.21 5.60 3.40
CA ASP D 516 -13.68 6.51 2.37
C ASP D 516 -12.72 6.71 1.20
N ASP D 517 -11.66 5.92 1.11
CA ASP D 517 -10.73 6.12 -0.03
C ASP D 517 -11.24 5.43 -1.29
N LYS D 518 -12.28 6.02 -1.89
CA LYS D 518 -12.90 5.44 -3.07
C LYS D 518 -12.00 5.56 -4.30
N GLU D 519 -11.33 6.70 -4.43
CA GLU D 519 -10.53 6.96 -5.63
C GLU D 519 -9.49 5.87 -5.82
N ARG D 520 -8.85 5.47 -4.74
CA ARG D 520 -7.81 4.46 -4.83
C ARG D 520 -8.32 3.05 -4.59
N SER D 521 -9.59 2.93 -4.21
CA SER D 521 -10.16 1.63 -3.81
C SER D 521 -9.25 0.94 -2.81
N VAL D 522 -8.82 1.70 -1.82
CA VAL D 522 -8.03 1.19 -0.72
C VAL D 522 -8.94 1.18 0.50
N LEU D 523 -9.03 0.04 1.18
CA LEU D 523 -9.88 -0.06 2.38
C LEU D 523 -9.06 -0.65 3.52
N ILE D 524 -9.16 -0.05 4.69
CA ILE D 524 -8.34 -0.44 5.81
C ILE D 524 -9.20 -0.49 7.07
N PHE D 525 -9.07 -1.57 7.81
CA PHE D 525 -9.82 -1.71 9.05
C PHE D 525 -8.99 -2.50 10.06
N VAL D 526 -9.41 -2.47 11.32
CA VAL D 526 -8.79 -3.27 12.36
CA VAL D 526 -8.79 -3.30 12.35
C VAL D 526 -9.77 -4.36 12.86
N ARG D 527 -9.24 -5.53 13.18
CA ARG D 527 -9.99 -6.57 13.88
C ARG D 527 -9.45 -6.54 15.28
N ARG D 528 -10.31 -6.70 16.27
CA ARG D 528 -9.89 -6.57 17.66
C ARG D 528 -10.33 -7.76 18.52
N ASP D 529 -9.42 -8.28 19.35
CA ASP D 529 -9.75 -9.36 20.28
C ASP D 529 -10.26 -8.81 21.61
N LYS D 530 -10.57 -9.70 22.56
CA LYS D 530 -11.07 -9.25 23.86
C LYS D 530 -10.04 -8.51 24.71
N GLU D 531 -8.75 -8.78 24.51
CA GLU D 531 -7.75 -8.08 25.32
C GLU D 531 -7.44 -6.70 24.75
N GLY D 532 -8.07 -6.38 23.61
CA GLY D 532 -7.82 -5.11 22.94
C GLY D 532 -6.71 -5.14 21.90
N ASN D 533 -6.12 -6.31 21.66
CA ASN D 533 -5.07 -6.41 20.64
C ASN D 533 -5.68 -6.18 19.24
N GLU D 534 -4.94 -5.53 18.35
CA GLU D 534 -5.49 -5.13 17.06
C GLU D 534 -4.66 -5.68 15.91
N ILE D 535 -5.35 -6.19 14.88
CA ILE D 535 -4.68 -6.54 13.63
C ILE D 535 -5.17 -5.59 12.55
N ILE D 536 -4.22 -4.94 11.86
CA ILE D 536 -4.56 -4.06 10.77
C ILE D 536 -4.65 -4.83 9.46
N VAL D 537 -5.78 -4.65 8.78
CA VAL D 537 -6.02 -5.27 7.48
C VAL D 537 -6.22 -4.20 6.43
N ALA D 538 -5.43 -4.26 5.36
CA ALA D 538 -5.45 -3.23 4.34
C ALA D 538 -5.48 -3.88 2.97
N SER D 539 -6.49 -3.54 2.17
CA SER D 539 -6.65 -4.10 0.85
C SER D 539 -6.51 -3.02 -0.21
N ASN D 540 -5.84 -3.38 -1.30
CA ASN D 540 -5.67 -2.47 -2.43
C ASN D 540 -6.31 -3.12 -3.63
N PHE D 541 -7.47 -2.64 -4.06
CA PHE D 541 -8.20 -3.31 -5.13
C PHE D 541 -8.00 -2.69 -6.53
N THR D 542 -6.83 -2.09 -6.73
CA THR D 542 -6.40 -1.75 -8.08
C THR D 542 -4.96 -2.23 -8.27
N PRO D 543 -4.53 -2.36 -9.53
CA PRO D 543 -3.14 -2.78 -9.76
C PRO D 543 -2.12 -1.67 -9.51
N VAL D 544 -2.53 -0.55 -8.93
CA VAL D 544 -1.58 0.53 -8.67
C VAL D 544 -0.91 0.32 -7.32
N PRO D 545 0.41 0.05 -7.34
CA PRO D 545 1.04 -0.09 -6.02
C PRO D 545 1.01 1.26 -5.33
N ARG D 546 0.81 1.25 -4.01
CA ARG D 546 0.76 2.49 -3.24
C ARG D 546 1.97 2.59 -2.31
N HIS D 547 2.75 3.66 -2.45
CA HIS D 547 3.88 3.85 -1.56
C HIS D 547 3.61 5.03 -0.65
N ASP D 548 4.13 4.95 0.57
CA ASP D 548 3.93 6.01 1.54
C ASP D 548 2.45 6.34 1.72
N TYR D 549 1.64 5.30 1.91
CA TYR D 549 0.22 5.50 2.14
C TYR D 549 0.01 5.66 3.63
N ARG D 550 -0.34 6.88 4.06
CA ARG D 550 -0.43 7.15 5.47
C ARG D 550 -1.86 7.05 5.97
N PHE D 551 -2.04 6.42 7.12
CA PHE D 551 -3.35 6.33 7.72
C PHE D 551 -3.21 6.29 9.23
N GLY D 552 -4.21 6.82 9.93
CA GLY D 552 -4.19 6.83 11.38
C GLY D 552 -4.37 5.44 11.95
N ILE D 553 -3.64 5.13 13.02
CA ILE D 553 -3.84 3.88 13.75
C ILE D 553 -4.15 4.19 15.20
N ASN D 554 -4.51 3.16 15.96
CA ASN D 554 -4.87 3.34 17.37
C ASN D 554 -3.74 3.06 18.34
N GLN D 555 -2.83 2.17 17.95
CA GLN D 555 -1.81 1.70 18.86
C GLN D 555 -0.41 1.91 18.30
N PRO D 556 0.28 2.97 18.77
CA PRO D 556 1.63 3.21 18.28
C PRO D 556 2.58 2.08 18.65
N GLY D 557 3.64 1.92 17.88
CA GLY D 557 4.61 0.89 18.15
C GLY D 557 5.15 0.38 16.83
N LYS D 558 5.59 -0.87 16.83
CA LYS D 558 6.19 -1.45 15.67
C LYS D 558 5.23 -2.46 15.05
N TRP D 559 4.99 -2.32 13.75
CA TRP D 559 4.02 -3.17 13.08
C TRP D 559 4.71 -4.00 12.00
N ARG D 560 4.25 -5.24 11.84
CA ARG D 560 4.85 -6.17 10.88
C ARG D 560 3.77 -6.94 10.11
N GLU D 561 4.01 -7.20 8.83
CA GLU D 561 3.12 -8.04 8.04
C GLU D 561 3.10 -9.49 8.54
N ILE D 562 1.90 -10.04 8.72
CA ILE D 562 1.75 -11.47 9.01
C ILE D 562 1.02 -12.21 7.90
N LEU D 563 0.53 -11.45 6.93
CA LEU D 563 -0.15 -11.99 5.76
C LEU D 563 -0.03 -10.98 4.63
N ASN D 564 0.38 -11.44 3.45
CA ASN D 564 0.53 -10.54 2.31
C ASN D 564 0.26 -11.31 1.04
N THR D 565 -0.89 -11.09 0.43
CA THR D 565 -1.32 -11.91 -0.69
C THR D 565 -0.47 -11.67 -1.95
N ASP D 566 0.31 -10.60 -1.96
CA ASP D 566 1.21 -10.36 -3.10
C ASP D 566 2.57 -11.06 -2.93
N SER D 567 2.74 -11.88 -1.89
CA SER D 567 4.03 -12.59 -1.71
C SER D 567 4.38 -13.42 -2.93
N MET D 568 5.68 -13.49 -3.23
CA MET D 568 6.18 -14.37 -4.28
C MET D 568 5.78 -15.81 -4.00
N HIS D 569 5.57 -16.14 -2.73
CA HIS D 569 5.13 -17.48 -2.31
C HIS D 569 3.76 -17.87 -2.91
N TYR D 570 3.00 -16.86 -3.34
CA TYR D 570 1.71 -17.14 -3.97
C TYR D 570 1.75 -16.75 -5.43
N HIS D 571 2.95 -16.49 -5.93
CA HIS D 571 3.17 -15.98 -7.30
C HIS D 571 2.71 -14.54 -7.54
N GLY D 572 2.66 -13.75 -6.48
CA GLY D 572 2.45 -12.31 -6.59
C GLY D 572 3.76 -11.58 -6.89
N SER D 573 3.73 -10.25 -6.97
CA SER D 573 4.93 -9.51 -7.39
C SER D 573 5.91 -9.33 -6.26
N ASN D 574 5.54 -9.79 -5.06
CA ASN D 574 6.40 -9.70 -3.89
C ASN D 574 6.63 -8.26 -3.42
N ALA D 575 5.65 -7.39 -3.65
CA ALA D 575 5.70 -6.05 -3.11
C ALA D 575 5.29 -6.10 -1.64
N GLY D 576 5.76 -5.14 -0.85
CA GLY D 576 5.42 -5.15 0.56
C GLY D 576 6.29 -4.23 1.40
N ASN D 577 6.19 -4.37 2.71
CA ASN D 577 6.87 -3.44 3.61
C ASN D 577 8.26 -3.86 4.01
N GLY D 578 8.63 -5.08 3.62
CA GLY D 578 9.99 -5.57 3.76
C GLY D 578 10.53 -5.48 5.18
N GLY D 579 9.69 -5.79 6.17
CA GLY D 579 10.13 -5.75 7.55
C GLY D 579 9.25 -4.89 8.44
N THR D 580 9.72 -4.67 9.67
CA THR D 580 8.96 -3.91 10.67
C THR D 580 8.86 -2.44 10.30
N VAL D 581 7.68 -1.85 10.47
CA VAL D 581 7.51 -0.42 10.27
C VAL D 581 7.08 0.20 11.58
N HIS D 582 7.79 1.24 12.01
CA HIS D 582 7.37 1.98 13.20
C HIS D 582 6.34 3.05 12.87
N SER D 583 5.36 3.21 13.74
CA SER D 583 4.40 4.29 13.60
C SER D 583 5.08 5.65 13.83
N ASP D 584 4.44 6.72 13.37
CA ASP D 584 4.90 8.08 13.62
C ASP D 584 3.84 8.83 14.40
N GLU D 585 4.27 9.71 15.31
CA GLU D 585 3.31 10.63 15.90
C GLU D 585 3.04 11.78 14.92
N ILE D 586 2.42 11.42 13.80
CA ILE D 586 1.91 12.37 12.83
C ILE D 586 0.43 12.08 12.68
N ALA D 587 -0.40 13.09 12.90
CA ALA D 587 -1.85 12.88 12.88
C ALA D 587 -2.33 12.48 11.50
N SER D 588 -3.40 11.70 11.46
CA SER D 588 -4.00 11.25 10.20
C SER D 588 -5.37 10.65 10.47
N HIS D 589 -6.35 11.03 9.66
CA HIS D 589 -7.72 10.52 9.79
C HIS D 589 -8.28 10.67 11.20
N GLY D 590 -7.98 11.79 11.85
CA GLY D 590 -8.48 12.05 13.19
C GLY D 590 -7.76 11.31 14.31
N ARG D 591 -6.68 10.62 13.98
CA ARG D 591 -5.94 9.88 15.00
C ARG D 591 -4.58 10.50 15.25
N GLN D 592 -4.09 10.34 16.48
CA GLN D 592 -2.83 10.96 16.90
C GLN D 592 -1.59 10.31 16.28
N HIS D 593 -1.62 8.99 16.09
CA HIS D 593 -0.49 8.31 15.47
C HIS D 593 -0.90 7.69 14.14
N SER D 594 0.09 7.39 13.33
CA SER D 594 -0.18 6.90 12.00
C SER D 594 0.87 5.93 11.50
N LEU D 595 0.51 5.20 10.45
CA LEU D 595 1.42 4.27 9.80
C LEU D 595 1.52 4.72 8.37
N SER D 596 2.73 4.64 7.81
CA SER D 596 2.94 4.96 6.40
C SER D 596 3.47 3.69 5.74
N LEU D 597 2.64 3.09 4.89
CA LEU D 597 2.97 1.77 4.36
C LEU D 597 3.04 1.73 2.84
N THR D 598 3.63 0.67 2.33
CA THR D 598 3.45 0.26 0.94
C THR D 598 2.26 -0.68 0.91
N LEU D 599 1.36 -0.48 -0.05
CA LEU D 599 0.27 -1.42 -0.26
C LEU D 599 0.44 -2.06 -1.62
N PRO D 600 0.76 -3.37 -1.63
CA PRO D 600 1.00 -4.09 -2.88
C PRO D 600 -0.20 -3.98 -3.80
N PRO D 601 0.01 -4.12 -5.11
CA PRO D 601 -1.07 -4.02 -6.09
C PRO D 601 -2.01 -5.21 -6.01
N LEU D 602 -3.31 -4.99 -6.16
CA LEU D 602 -4.32 -6.05 -6.16
C LEU D 602 -4.02 -7.06 -5.06
N ALA D 603 -4.03 -6.57 -3.83
CA ALA D 603 -3.56 -7.37 -2.72
C ALA D 603 -4.12 -6.94 -1.37
N THR D 604 -4.12 -7.89 -0.45
CA THR D 604 -4.50 -7.65 0.95
C THR D 604 -3.33 -8.02 1.84
N ILE D 605 -3.04 -7.18 2.84
CA ILE D 605 -2.03 -7.49 3.83
C ILE D 605 -2.64 -7.36 5.21
N TRP D 606 -2.14 -8.17 6.14
CA TRP D 606 -2.52 -8.07 7.54
C TRP D 606 -1.26 -7.78 8.35
N LEU D 607 -1.37 -6.86 9.32
CA LEU D 607 -0.21 -6.53 10.13
C LEU D 607 -0.48 -6.65 11.63
N VAL D 608 0.52 -7.13 12.36
CA VAL D 608 0.41 -7.29 13.81
C VAL D 608 1.34 -6.30 14.51
N ARG D 609 1.00 -5.92 15.73
CA ARG D 609 1.88 -5.05 16.51
C ARG D 609 2.86 -5.88 17.34
N GLU D 610 4.15 -5.54 17.26
CA GLU D 610 5.17 -6.27 18.01
C GLU D 610 5.25 -5.75 19.44
N ALA D 611 5.61 -6.65 20.35
CA ALA D 611 5.81 -6.29 21.76
C ALA D 611 7.10 -5.50 21.95
N GLU D 612 7.05 -4.45 22.75
CA GLU D 612 8.20 -3.56 22.94
C GLU D 612 9.25 -4.09 23.94
#